data_4Z5H
# 
_entry.id   4Z5H 
# 
_audit_conform.dict_name       mmcif_pdbx.dic 
_audit_conform.dict_version    5.379 
_audit_conform.dict_location   http://mmcif.pdb.org/dictionaries/ascii/mmcif_pdbx.dic 
# 
loop_
_database_2.database_id 
_database_2.database_code 
_database_2.pdbx_database_accession 
_database_2.pdbx_DOI 
PDB   4Z5H         pdb_00004z5h 10.2210/pdb4z5h/pdb 
WWPDB D_1000208644 ?            ?                   
# 
loop_
_pdbx_database_related.content_type 
_pdbx_database_related.db_id 
_pdbx_database_related.db_name 
_pdbx_database_related.details 
unspecified 4Z5A PDB . 
unspecified 4Z5B PDB . 
unspecified 4Z5C PDB . 
unspecified 4Z5D PDB . 
unspecified 4Z5E PDB . 
unspecified 4Z5F PDB . 
unspecified 4Z5G PDB . 
unspecified 4Z5I PDB . 
unspecified 4Z5J PDB . 
unspecified 4Z5K PDB . 
unspecified 4Z5L PDB . 
unspecified 4Z5M PDB . 
unspecified 4Z5N PDB . 
unspecified 4Z5O PDB . 
unspecified 4Z52 PDB . 
unspecified 4Z56 PDB . 
unspecified 4Z57 PDB . 
unspecified 4Z58 PDB . 
unspecified 4Z59 PDB . 
# 
_pdbx_database_status.status_code                     REL 
_pdbx_database_status.status_code_sf                  REL 
_pdbx_database_status.status_code_mr                  ? 
_pdbx_database_status.entry_id                        4Z5H 
_pdbx_database_status.recvd_initial_deposition_date   2015-04-02 
_pdbx_database_status.SG_entry                        N 
_pdbx_database_status.deposit_site                    RCSB 
_pdbx_database_status.process_site                    RCSB 
_pdbx_database_status.status_code_cs                  ? 
_pdbx_database_status.methods_development_category    ? 
_pdbx_database_status.pdb_format_compatible           Y 
_pdbx_database_status.status_code_nmr_data            ? 
# 
loop_
_audit_author.name 
_audit_author.pdbx_ordinal 
'Min, J.'          1 
'Brennan, R.G.'    2 
'Schumacher, M.A.' 3 
# 
_citation.abstract                  ? 
_citation.abstract_id_CAS           ? 
_citation.book_id_ISBN              ? 
_citation.book_publisher            ? 
_citation.book_publisher_city       ? 
_citation.book_title                ? 
_citation.coordinate_linkage        ? 
_citation.country                   ? 
_citation.database_id_Medline       ? 
_citation.details                   ? 
_citation.id                        primary 
_citation.journal_abbrev            'To be published' 
_citation.journal_id_ASTM           ? 
_citation.journal_id_CSD            0353 
_citation.journal_id_ISSN           ? 
_citation.journal_full              ? 
_citation.journal_issue             ? 
_citation.journal_volume            ? 
_citation.language                  ? 
_citation.page_first                ? 
_citation.page_last                 ? 
_citation.title                     'Molecular mechanism on hipBA gene regulation.' 
_citation.year                      ? 
_citation.database_id_CSD           ? 
_citation.pdbx_database_id_DOI      ? 
_citation.pdbx_database_id_PubMed   ? 
_citation.unpublished_flag          ? 
# 
loop_
_citation_author.citation_id 
_citation_author.name 
_citation_author.ordinal 
_citation_author.identifier_ORCID 
primary 'Min, J.'          1 ? 
primary 'Wang, A.'         2 ? 
primary 'Brennan, R.G.'    3 ? 
primary 'Schumacher, M.A.' 4 ? 
# 
_cell.angle_alpha                  90.000 
_cell.angle_alpha_esd              ? 
_cell.angle_beta                   90.000 
_cell.angle_beta_esd               ? 
_cell.angle_gamma                  90.000 
_cell.angle_gamma_esd              ? 
_cell.entry_id                     4Z5H 
_cell.details                      ? 
_cell.formula_units_Z              ? 
_cell.length_a                     127.714 
_cell.length_a_esd                 ? 
_cell.length_b                     127.714 
_cell.length_b_esd                 ? 
_cell.length_c                     127.714 
_cell.length_c_esd                 ? 
_cell.volume                       ? 
_cell.volume_esd                   ? 
_cell.Z_PDB                        24 
_cell.reciprocal_angle_alpha       ? 
_cell.reciprocal_angle_beta        ? 
_cell.reciprocal_angle_gamma       ? 
_cell.reciprocal_angle_alpha_esd   ? 
_cell.reciprocal_angle_beta_esd    ? 
_cell.reciprocal_angle_gamma_esd   ? 
_cell.reciprocal_length_a          ? 
_cell.reciprocal_length_b          ? 
_cell.reciprocal_length_c          ? 
_cell.reciprocal_length_a_esd      ? 
_cell.reciprocal_length_b_esd      ? 
_cell.reciprocal_length_c_esd      ? 
_cell.pdbx_unique_axis             ? 
# 
_symmetry.entry_id                         4Z5H 
_symmetry.cell_setting                     ? 
_symmetry.Int_Tables_number                213 
_symmetry.space_group_name_Hall            ? 
_symmetry.space_group_name_H-M             'P 41 3 2' 
_symmetry.pdbx_full_space_group_name_H-M   ? 
# 
loop_
_entity.id 
_entity.type 
_entity.src_method 
_entity.pdbx_description 
_entity.formula_weight 
_entity.pdbx_number_of_molecules 
_entity.pdbx_ec 
_entity.pdbx_mutation 
_entity.pdbx_fragment 
_entity.details 
1 polymer man 'Antitoxin HipB'                                                             8131.316 1   ? S29A 'UNP residues 3-74' 
? 
2 polymer syn 
;DNA (5'-D(*TP*TP*AP*TP*CP*CP*TP*CP*AP*CP*TP*AP*AP*AP*GP*GP*AP*TP*AP*A)-3')
;
6100.994 1   ? ?    ?                   ? 
3 water   nat water                                                                        18.015   161 ? ?    ?                   
? 
# 
_entity_name_com.entity_id   2 
_entity_name_com.name        'Operator 2 of hiBA operon' 
# 
loop_
_entity_poly.entity_id 
_entity_poly.type 
_entity_poly.nstd_linkage 
_entity_poly.nstd_monomer 
_entity_poly.pdbx_seq_one_letter_code 
_entity_poly.pdbx_seq_one_letter_code_can 
_entity_poly.pdbx_strand_id 
_entity_poly.pdbx_target_identifier 
1 'polypeptide(L)'        no no SFQKIYSPTQLANAMKLVRQQNGWTQAELAKKIGIKQATISNFENNPDNTTLTTFFKILQSLELSMTLCDAK           
SFQKIYSPTQLANAMKLVRQQNGWTQAELAKKIGIKQATISNFENNPDNTTLTTFFKILQSLELSMTLCDAK A ? 
2 polydeoxyribonucleotide no no '(DT)(DT)(DA)(DT)(DC)(DC)(DT)(DC)(DA)(DC)(DT)(DA)(DA)(DA)(DG)(DG)(DA)(DT)(DA)(DA)' 
TTATCCTCACTAAAGGATAA                                                     B ? 
# 
loop_
_entity_poly_seq.entity_id 
_entity_poly_seq.num 
_entity_poly_seq.mon_id 
_entity_poly_seq.hetero 
1 1  SER n 
1 2  PHE n 
1 3  GLN n 
1 4  LYS n 
1 5  ILE n 
1 6  TYR n 
1 7  SER n 
1 8  PRO n 
1 9  THR n 
1 10 GLN n 
1 11 LEU n 
1 12 ALA n 
1 13 ASN n 
1 14 ALA n 
1 15 MET n 
1 16 LYS n 
1 17 LEU n 
1 18 VAL n 
1 19 ARG n 
1 20 GLN n 
1 21 GLN n 
1 22 ASN n 
1 23 GLY n 
1 24 TRP n 
1 25 THR n 
1 26 GLN n 
1 27 ALA n 
1 28 GLU n 
1 29 LEU n 
1 30 ALA n 
1 31 LYS n 
1 32 LYS n 
1 33 ILE n 
1 34 GLY n 
1 35 ILE n 
1 36 LYS n 
1 37 GLN n 
1 38 ALA n 
1 39 THR n 
1 40 ILE n 
1 41 SER n 
1 42 ASN n 
1 43 PHE n 
1 44 GLU n 
1 45 ASN n 
1 46 ASN n 
1 47 PRO n 
1 48 ASP n 
1 49 ASN n 
1 50 THR n 
1 51 THR n 
1 52 LEU n 
1 53 THR n 
1 54 THR n 
1 55 PHE n 
1 56 PHE n 
1 57 LYS n 
1 58 ILE n 
1 59 LEU n 
1 60 GLN n 
1 61 SER n 
1 62 LEU n 
1 63 GLU n 
1 64 LEU n 
1 65 SER n 
1 66 MET n 
1 67 THR n 
1 68 LEU n 
1 69 CYS n 
1 70 ASP n 
1 71 ALA n 
1 72 LYS n 
2 1  DT  n 
2 2  DT  n 
2 3  DA  n 
2 4  DT  n 
2 5  DC  n 
2 6  DC  n 
2 7  DT  n 
2 8  DC  n 
2 9  DA  n 
2 10 DC  n 
2 11 DT  n 
2 12 DA  n 
2 13 DA  n 
2 14 DA  n 
2 15 DG  n 
2 16 DG  n 
2 17 DA  n 
2 18 DT  n 
2 19 DA  n 
2 20 DA  n 
# 
_entity_src_gen.entity_id                          1 
_entity_src_gen.pdbx_src_id                        1 
_entity_src_gen.pdbx_alt_source_flag               sample 
_entity_src_gen.pdbx_seq_type                      'Biological sequence' 
_entity_src_gen.pdbx_beg_seq_num                   1 
_entity_src_gen.pdbx_end_seq_num                   72 
_entity_src_gen.gene_src_common_name               ? 
_entity_src_gen.gene_src_genus                     ? 
_entity_src_gen.pdbx_gene_src_gene                 'hipB, b1508, JW1501' 
_entity_src_gen.gene_src_species                   ? 
_entity_src_gen.gene_src_strain                    K12 
_entity_src_gen.gene_src_tissue                    ? 
_entity_src_gen.gene_src_tissue_fraction           ? 
_entity_src_gen.gene_src_details                   ? 
_entity_src_gen.pdbx_gene_src_fragment             ? 
_entity_src_gen.pdbx_gene_src_scientific_name      'Escherichia coli' 
_entity_src_gen.pdbx_gene_src_ncbi_taxonomy_id     83333 
_entity_src_gen.pdbx_gene_src_variant              ? 
_entity_src_gen.pdbx_gene_src_cell_line            ? 
_entity_src_gen.pdbx_gene_src_atcc                 ? 
_entity_src_gen.pdbx_gene_src_organ                ? 
_entity_src_gen.pdbx_gene_src_organelle            ? 
_entity_src_gen.pdbx_gene_src_cell                 ? 
_entity_src_gen.pdbx_gene_src_cellular_location    ? 
_entity_src_gen.host_org_common_name               ? 
_entity_src_gen.pdbx_host_org_scientific_name      'Escherichia coli' 
_entity_src_gen.pdbx_host_org_ncbi_taxonomy_id     469008 
_entity_src_gen.host_org_genus                     ? 
_entity_src_gen.pdbx_host_org_gene                 ? 
_entity_src_gen.pdbx_host_org_organ                ? 
_entity_src_gen.host_org_species                   ? 
_entity_src_gen.pdbx_host_org_tissue               ? 
_entity_src_gen.pdbx_host_org_tissue_fraction      ? 
_entity_src_gen.pdbx_host_org_strain               'BL21(DE3)pLysS-T1' 
_entity_src_gen.pdbx_host_org_variant              ? 
_entity_src_gen.pdbx_host_org_cell_line            ? 
_entity_src_gen.pdbx_host_org_atcc                 ? 
_entity_src_gen.pdbx_host_org_culture_collection   ? 
_entity_src_gen.pdbx_host_org_cell                 ? 
_entity_src_gen.pdbx_host_org_organelle            ? 
_entity_src_gen.pdbx_host_org_cellular_location    ? 
_entity_src_gen.pdbx_host_org_vector_type          plasmid 
_entity_src_gen.pdbx_host_org_vector               ? 
_entity_src_gen.host_org_details                   ? 
_entity_src_gen.expression_system_id               ? 
_entity_src_gen.plasmid_name                       pET15b 
_entity_src_gen.plasmid_details                    ? 
_entity_src_gen.pdbx_description                   ? 
# 
_pdbx_entity_src_syn.entity_id              2 
_pdbx_entity_src_syn.pdbx_src_id            1 
_pdbx_entity_src_syn.pdbx_alt_source_flag   sample 
_pdbx_entity_src_syn.pdbx_beg_seq_num       1 
_pdbx_entity_src_syn.pdbx_end_seq_num       20 
_pdbx_entity_src_syn.organism_scientific    'synthetic construct' 
_pdbx_entity_src_syn.organism_common_name   ? 
_pdbx_entity_src_syn.ncbi_taxonomy_id       32630 
_pdbx_entity_src_syn.details                ? 
# 
loop_
_struct_ref.id 
_struct_ref.db_name 
_struct_ref.db_code 
_struct_ref.pdbx_db_accession 
_struct_ref.pdbx_db_isoform 
_struct_ref.entity_id 
_struct_ref.pdbx_seq_one_letter_code 
_struct_ref.pdbx_align_begin 
1 UNP HIPB_ECOLI P23873 ? 1 SFQKIYSPTQLANAMKLVRQQNGWTQSELAKKIGIKQATISNFENNPDNTTLTTFFKILQSLELSMTLCDAK 3 
2 PDB 4Z5H       4Z5H   ? 2 ?                                                                        1 
# 
loop_
_struct_ref_seq.align_id 
_struct_ref_seq.ref_id 
_struct_ref_seq.pdbx_PDB_id_code 
_struct_ref_seq.pdbx_strand_id 
_struct_ref_seq.seq_align_beg 
_struct_ref_seq.pdbx_seq_align_beg_ins_code 
_struct_ref_seq.seq_align_end 
_struct_ref_seq.pdbx_seq_align_end_ins_code 
_struct_ref_seq.pdbx_db_accession 
_struct_ref_seq.db_align_beg 
_struct_ref_seq.pdbx_db_align_beg_ins_code 
_struct_ref_seq.db_align_end 
_struct_ref_seq.pdbx_db_align_end_ins_code 
_struct_ref_seq.pdbx_auth_seq_align_beg 
_struct_ref_seq.pdbx_auth_seq_align_end 
1 1 4Z5H A 1 ? 72 ? P23873 3 ? 74 ? 3 74 
2 2 4Z5H B 1 ? 20 ? 4Z5H   1 ? 20 ? 1 20 
# 
_struct_ref_seq_dif.align_id                     1 
_struct_ref_seq_dif.pdbx_pdb_id_code             4Z5H 
_struct_ref_seq_dif.mon_id                       ALA 
_struct_ref_seq_dif.pdbx_pdb_strand_id           A 
_struct_ref_seq_dif.seq_num                      27 
_struct_ref_seq_dif.pdbx_pdb_ins_code            ? 
_struct_ref_seq_dif.pdbx_seq_db_name             UNP 
_struct_ref_seq_dif.pdbx_seq_db_accession_code   P23873 
_struct_ref_seq_dif.db_mon_id                    SER 
_struct_ref_seq_dif.pdbx_seq_db_seq_num          29 
_struct_ref_seq_dif.details                      'engineered mutation' 
_struct_ref_seq_dif.pdbx_auth_seq_num            29 
_struct_ref_seq_dif.pdbx_ordinal                 1 
# 
loop_
_chem_comp.id 
_chem_comp.type 
_chem_comp.mon_nstd_flag 
_chem_comp.name 
_chem_comp.pdbx_synonyms 
_chem_comp.formula 
_chem_comp.formula_weight 
ALA 'L-peptide linking' y ALANINE                              ? 'C3 H7 N O2'      89.093  
ARG 'L-peptide linking' y ARGININE                             ? 'C6 H15 N4 O2 1'  175.209 
ASN 'L-peptide linking' y ASPARAGINE                           ? 'C4 H8 N2 O3'     132.118 
ASP 'L-peptide linking' y 'ASPARTIC ACID'                      ? 'C4 H7 N O4'      133.103 
CYS 'L-peptide linking' y CYSTEINE                             ? 'C3 H7 N O2 S'    121.158 
DA  'DNA linking'       y "2'-DEOXYADENOSINE-5'-MONOPHOSPHATE" ? 'C10 H14 N5 O6 P' 331.222 
DC  'DNA linking'       y "2'-DEOXYCYTIDINE-5'-MONOPHOSPHATE"  ? 'C9 H14 N3 O7 P'  307.197 
DG  'DNA linking'       y "2'-DEOXYGUANOSINE-5'-MONOPHOSPHATE" ? 'C10 H14 N5 O7 P' 347.221 
DT  'DNA linking'       y "THYMIDINE-5'-MONOPHOSPHATE"         ? 'C10 H15 N2 O8 P' 322.208 
GLN 'L-peptide linking' y GLUTAMINE                            ? 'C5 H10 N2 O3'    146.144 
GLU 'L-peptide linking' y 'GLUTAMIC ACID'                      ? 'C5 H9 N O4'      147.129 
GLY 'peptide linking'   y GLYCINE                              ? 'C2 H5 N O2'      75.067  
HOH non-polymer         . WATER                                ? 'H2 O'            18.015  
ILE 'L-peptide linking' y ISOLEUCINE                           ? 'C6 H13 N O2'     131.173 
LEU 'L-peptide linking' y LEUCINE                              ? 'C6 H13 N O2'     131.173 
LYS 'L-peptide linking' y LYSINE                               ? 'C6 H15 N2 O2 1'  147.195 
MET 'L-peptide linking' y METHIONINE                           ? 'C5 H11 N O2 S'   149.211 
PHE 'L-peptide linking' y PHENYLALANINE                        ? 'C9 H11 N O2'     165.189 
PRO 'L-peptide linking' y PROLINE                              ? 'C5 H9 N O2'      115.130 
SER 'L-peptide linking' y SERINE                               ? 'C3 H7 N O3'      105.093 
THR 'L-peptide linking' y THREONINE                            ? 'C4 H9 N O3'      119.119 
TRP 'L-peptide linking' y TRYPTOPHAN                           ? 'C11 H12 N2 O2'   204.225 
TYR 'L-peptide linking' y TYROSINE                             ? 'C9 H11 N O3'     181.189 
VAL 'L-peptide linking' y VALINE                               ? 'C5 H11 N O2'     117.146 
# 
_exptl.absorpt_coefficient_mu     ? 
_exptl.absorpt_correction_T_max   ? 
_exptl.absorpt_correction_T_min   ? 
_exptl.absorpt_correction_type    ? 
_exptl.absorpt_process_details    ? 
_exptl.entry_id                   4Z5H 
_exptl.crystals_number            1 
_exptl.details                    ? 
_exptl.method                     'X-RAY DIFFRACTION' 
_exptl.method_details             ? 
# 
_exptl_crystal.colour                      ? 
_exptl_crystal.density_diffrn              ? 
_exptl_crystal.density_Matthews            ? 
_exptl_crystal.density_method              ? 
_exptl_crystal.density_percent_sol         ? 
_exptl_crystal.description                 ? 
_exptl_crystal.F_000                       ? 
_exptl_crystal.id                          1 
_exptl_crystal.preparation                 ? 
_exptl_crystal.size_max                    ? 
_exptl_crystal.size_mid                    ? 
_exptl_crystal.size_min                    ? 
_exptl_crystal.size_rad                    ? 
_exptl_crystal.colour_lustre               ? 
_exptl_crystal.colour_modifier             ? 
_exptl_crystal.colour_primary              ? 
_exptl_crystal.density_meas                ? 
_exptl_crystal.density_meas_esd            ? 
_exptl_crystal.density_meas_gt             ? 
_exptl_crystal.density_meas_lt             ? 
_exptl_crystal.density_meas_temp           ? 
_exptl_crystal.density_meas_temp_esd       ? 
_exptl_crystal.density_meas_temp_gt        ? 
_exptl_crystal.density_meas_temp_lt        ? 
_exptl_crystal.pdbx_crystal_image_url      ? 
_exptl_crystal.pdbx_crystal_image_format   ? 
_exptl_crystal.pdbx_mosaicity              ? 
_exptl_crystal.pdbx_mosaicity_esd          ? 
# 
_exptl_crystal_grow.apparatus       ? 
_exptl_crystal_grow.atmosphere      ? 
_exptl_crystal_grow.crystal_id      1 
_exptl_crystal_grow.details         ? 
_exptl_crystal_grow.method          'VAPOR DIFFUSION, HANGING DROP' 
_exptl_crystal_grow.method_ref      ? 
_exptl_crystal_grow.pH              5.0 
_exptl_crystal_grow.pressure        ? 
_exptl_crystal_grow.pressure_esd    ? 
_exptl_crystal_grow.seeding         ? 
_exptl_crystal_grow.seeding_ref     ? 
_exptl_crystal_grow.temp            298 
_exptl_crystal_grow.temp_details    ? 
_exptl_crystal_grow.temp_esd        ? 
_exptl_crystal_grow.time            ? 
_exptl_crystal_grow.pdbx_details    '1 M sodium citrate' 
_exptl_crystal_grow.pdbx_pH_range   ? 
# 
_diffrn.ambient_environment    ? 
_diffrn.ambient_temp           100 
_diffrn.ambient_temp_details   ? 
_diffrn.ambient_temp_esd       ? 
_diffrn.crystal_id             1 
_diffrn.crystal_support        ? 
_diffrn.crystal_treatment      ? 
_diffrn.details                ? 
_diffrn.id                     1 
_diffrn.ambient_pressure       ? 
_diffrn.ambient_pressure_esd   ? 
_diffrn.ambient_pressure_gt    ? 
_diffrn.ambient_pressure_lt    ? 
_diffrn.ambient_temp_gt        ? 
_diffrn.ambient_temp_lt        ? 
# 
_diffrn_detector.details                      ? 
_diffrn_detector.detector                     'IMAGE PLATE' 
_diffrn_detector.diffrn_id                    1 
_diffrn_detector.type                         'RIGAKU RAXIS IV' 
_diffrn_detector.area_resol_mean              ? 
_diffrn_detector.dtime                        ? 
_diffrn_detector.pdbx_frames_total            ? 
_diffrn_detector.pdbx_collection_time_total   ? 
_diffrn_detector.pdbx_collection_date         2013-02-25 
# 
_diffrn_radiation.collimation                      ? 
_diffrn_radiation.diffrn_id                        1 
_diffrn_radiation.filter_edge                      ? 
_diffrn_radiation.inhomogeneity                    ? 
_diffrn_radiation.monochromator                    'Rigaku Varimax' 
_diffrn_radiation.polarisn_norm                    ? 
_diffrn_radiation.polarisn_ratio                   ? 
_diffrn_radiation.probe                            ? 
_diffrn_radiation.type                             ? 
_diffrn_radiation.xray_symbol                      ? 
_diffrn_radiation.wavelength_id                    1 
_diffrn_radiation.pdbx_monochromatic_or_laue_m_l   M 
_diffrn_radiation.pdbx_wavelength_list             ? 
_diffrn_radiation.pdbx_wavelength                  ? 
_diffrn_radiation.pdbx_diffrn_protocol             'SINGLE WAVELENGTH' 
_diffrn_radiation.pdbx_analyzer                    ? 
_diffrn_radiation.pdbx_scattering_type             x-ray 
# 
_diffrn_radiation_wavelength.id           1 
_diffrn_radiation_wavelength.wavelength   1.5418 
_diffrn_radiation_wavelength.wt           1.0 
# 
_diffrn_source.current                     ? 
_diffrn_source.details                     ? 
_diffrn_source.diffrn_id                   1 
_diffrn_source.power                       ? 
_diffrn_source.size                        ? 
_diffrn_source.source                      'ROTATING ANODE' 
_diffrn_source.target                      ? 
_diffrn_source.type                        'RIGAKU FR-E+ SUPERBRIGHT' 
_diffrn_source.voltage                     ? 
_diffrn_source.take-off_angle              ? 
_diffrn_source.pdbx_wavelength_list        1.5418 
_diffrn_source.pdbx_wavelength             ? 
_diffrn_source.pdbx_synchrotron_beamline   ? 
_diffrn_source.pdbx_synchrotron_site       ? 
# 
_reflns.B_iso_Wilson_estimate            ? 
_reflns.entry_id                         4Z5H 
_reflns.data_reduction_details           ? 
_reflns.data_reduction_method            ? 
_reflns.d_resolution_high                2.100 
_reflns.d_resolution_low                 50.000 
_reflns.details                          ? 
_reflns.limit_h_max                      ? 
_reflns.limit_h_min                      ? 
_reflns.limit_k_max                      ? 
_reflns.limit_k_min                      ? 
_reflns.limit_l_max                      ? 
_reflns.limit_l_min                      ? 
_reflns.number_all                       ? 
_reflns.number_obs                       21371 
_reflns.observed_criterion               ? 
_reflns.observed_criterion_F_max         ? 
_reflns.observed_criterion_F_min         ? 
_reflns.observed_criterion_I_max         ? 
_reflns.observed_criterion_I_min         ? 
_reflns.observed_criterion_sigma_F       ? 
_reflns.observed_criterion_sigma_I       ? 
_reflns.percent_possible_obs             100.000 
_reflns.R_free_details                   ? 
_reflns.Rmerge_F_all                     ? 
_reflns.Rmerge_F_obs                     ? 
_reflns.Friedel_coverage                 ? 
_reflns.number_gt                        ? 
_reflns.threshold_expression             ? 
_reflns.pdbx_redundancy                  22.400 
_reflns.pdbx_Rmerge_I_obs                0.053 
_reflns.pdbx_Rmerge_I_all                ? 
_reflns.pdbx_Rsym_value                  ? 
_reflns.pdbx_netI_over_av_sigmaI         69.880 
_reflns.pdbx_netI_over_sigmaI            15.000 
_reflns.pdbx_res_netI_over_av_sigmaI_2   ? 
_reflns.pdbx_res_netI_over_sigmaI_2      ? 
_reflns.pdbx_chi_squared                 1.006 
_reflns.pdbx_scaling_rejects             ? 
_reflns.pdbx_d_res_high_opt              ? 
_reflns.pdbx_d_res_low_opt               ? 
_reflns.pdbx_d_res_opt_method            ? 
_reflns.phase_calculation_details        ? 
_reflns.pdbx_Rrim_I_all                  ? 
_reflns.pdbx_Rpim_I_all                  ? 
_reflns.pdbx_d_opt                       ? 
_reflns.pdbx_number_measured_all         479223 
_reflns.pdbx_diffrn_id                   1 
_reflns.pdbx_ordinal                     1 
_reflns.pdbx_CC_half                     ? 
_reflns.pdbx_R_split                     ? 
# 
loop_
_reflns_shell.d_res_high 
_reflns_shell.d_res_low 
_reflns_shell.meanI_over_sigI_all 
_reflns_shell.meanI_over_sigI_obs 
_reflns_shell.number_measured_all 
_reflns_shell.number_measured_obs 
_reflns_shell.number_possible 
_reflns_shell.number_unique_all 
_reflns_shell.number_unique_obs 
_reflns_shell.percent_possible_all 
_reflns_shell.percent_possible_obs 
_reflns_shell.Rmerge_F_all 
_reflns_shell.Rmerge_F_obs 
_reflns_shell.Rmerge_I_all 
_reflns_shell.Rmerge_I_obs 
_reflns_shell.meanI_over_sigI_gt 
_reflns_shell.meanI_over_uI_all 
_reflns_shell.meanI_over_uI_gt 
_reflns_shell.number_measured_gt 
_reflns_shell.number_unique_gt 
_reflns_shell.percent_possible_gt 
_reflns_shell.Rmerge_F_gt 
_reflns_shell.Rmerge_I_gt 
_reflns_shell.pdbx_redundancy 
_reflns_shell.pdbx_Rsym_value 
_reflns_shell.pdbx_chi_squared 
_reflns_shell.pdbx_netI_over_sigmaI_all 
_reflns_shell.pdbx_netI_over_sigmaI_obs 
_reflns_shell.pdbx_Rrim_I_all 
_reflns_shell.pdbx_Rpim_I_all 
_reflns_shell.pdbx_rejects 
_reflns_shell.pdbx_ordinal 
_reflns_shell.pdbx_diffrn_id 
_reflns_shell.pdbx_CC_half 
_reflns_shell.pdbx_R_split 
2.100 2.140  ? ? ? ? ? 1024 ? 100.000 ? ? ? ? 0.914 ? ? ? ? ? ? ? ? 21.600 ? 0.742 ? ? ? ? ? 1  1 ? ? 
2.140 2.180  ? ? ? ? ? 1063 ? 100.000 ? ? ? ? 0.819 ? ? ? ? ? ? ? ? 21.700 ? 0.752 ? ? ? ? ? 2  1 ? ? 
2.180 2.220  ? ? ? ? ? 1024 ? 100.000 ? ? ? ? 0.702 ? ? ? ? ? ? ? ? 22.000 ? 0.802 ? ? ? ? ? 3  1 ? ? 
2.220 2.260  ? ? ? ? ? 1051 ? 100.000 ? ? ? ? 0.601 ? ? ? ? ? ? ? ? 22.100 ? 0.821 ? ? ? ? ? 4  1 ? ? 
2.260 2.310  ? ? ? ? ? 1053 ? 100.000 ? ? ? ? 0.559 ? ? ? ? ? ? ? ? 22.200 ? 0.811 ? ? ? ? ? 5  1 ? ? 
2.310 2.370  ? ? ? ? ? 1038 ? 100.000 ? ? ? ? 0.416 ? ? ? ? ? ? ? ? 22.500 ? 0.831 ? ? ? ? ? 6  1 ? ? 
2.370 2.420  ? ? ? ? ? 1037 ? 100.000 ? ? ? ? 0.335 ? ? ? ? ? ? ? ? 22.600 ? 0.859 ? ? ? ? ? 7  1 ? ? 
2.420 2.490  ? ? ? ? ? 1052 ? 100.000 ? ? ? ? 0.286 ? ? ? ? ? ? ? ? 22.700 ? 0.925 ? ? ? ? ? 8  1 ? ? 
2.490 2.560  ? ? ? ? ? 1056 ? 100.000 ? ? ? ? 0.221 ? ? ? ? ? ? ? ? 22.900 ? 0.944 ? ? ? ? ? 9  1 ? ? 
2.560 2.650  ? ? ? ? ? 1053 ? 100.000 ? ? ? ? 0.206 ? ? ? ? ? ? ? ? 23.000 ? 1.000 ? ? ? ? ? 10 1 ? ? 
2.650 2.740  ? ? ? ? ? 1047 ? 100.000 ? ? ? ? 0.172 ? ? ? ? ? ? ? ? 23.100 ? 1.020 ? ? ? ? ? 11 1 ? ? 
2.740 2.850  ? ? ? ? ? 1064 ? 100.000 ? ? ? ? 0.128 ? ? ? ? ? ? ? ? 23.100 ? 1.069 ? ? ? ? ? 12 1 ? ? 
2.850 2.980  ? ? ? ? ? 1060 ? 100.000 ? ? ? ? 0.099 ? ? ? ? ? ? ? ? 23.100 ? 1.158 ? ? ? ? ? 13 1 ? ? 
2.980 3.140  ? ? ? ? ? 1070 ? 100.000 ? ? ? ? 0.075 ? ? ? ? ? ? ? ? 23.000 ? 1.234 ? ? ? ? ? 14 1 ? ? 
3.140 3.330  ? ? ? ? ? 1078 ? 99.900  ? ? ? ? 0.050 ? ? ? ? ? ? ? ? 22.700 ? 1.323 ? ? ? ? ? 15 1 ? ? 
3.330 3.590  ? ? ? ? ? 1065 ? 100.000 ? ? ? ? 0.039 ? ? ? ? ? ? ? ? 22.700 ? 1.318 ? ? ? ? ? 16 1 ? ? 
3.590 3.950  ? ? ? ? ? 1088 ? 99.900  ? ? ? ? 0.034 ? ? ? ? ? ? ? ? 22.500 ? 1.288 ? ? ? ? ? 17 1 ? ? 
3.950 4.520  ? ? ? ? ? 1100 ? 99.700  ? ? ? ? 0.030 ? ? ? ? ? ? ? ? 22.200 ? 1.203 ? ? ? ? ? 18 1 ? ? 
4.520 5.700  ? ? ? ? ? 1119 ? 99.900  ? ? ? ? 0.028 ? ? ? ? ? ? ? ? 22.100 ? 1.052 ? ? ? ? ? 19 1 ? ? 
5.700 50.000 ? ? ? ? ? 1229 ? 100.000 ? ? ? ? 0.023 ? ? ? ? ? ? ? ? 20.700 ? 0.891 ? ? ? ? ? 20 1 ? ? 
# 
_refine.aniso_B[1][1]                            ? 
_refine.aniso_B[1][2]                            ? 
_refine.aniso_B[1][3]                            ? 
_refine.aniso_B[2][2]                            ? 
_refine.aniso_B[2][3]                            ? 
_refine.aniso_B[3][3]                            ? 
_refine.B_iso_max                                64.970 
_refine.B_iso_mean                               24.4384 
_refine.B_iso_min                                7.170 
_refine.correlation_coeff_Fo_to_Fc               ? 
_refine.correlation_coeff_Fo_to_Fc_free          ? 
_refine.details                                  ? 
_refine.diff_density_max                         ? 
_refine.diff_density_max_esd                     ? 
_refine.diff_density_min                         ? 
_refine.diff_density_min_esd                     ? 
_refine.diff_density_rms                         ? 
_refine.diff_density_rms_esd                     ? 
_refine.entry_id                                 4Z5H 
_refine.pdbx_refine_id                           'X-RAY DIFFRACTION' 
_refine.ls_abs_structure_details                 ? 
_refine.ls_abs_structure_Flack                   ? 
_refine.ls_abs_structure_Flack_esd               ? 
_refine.ls_abs_structure_Rogers                  ? 
_refine.ls_abs_structure_Rogers_esd              ? 
_refine.ls_d_res_high                            2.10 
_refine.ls_d_res_low                             45.1540 
_refine.ls_extinction_coef                       ? 
_refine.ls_extinction_coef_esd                   ? 
_refine.ls_extinction_expression                 ? 
_refine.ls_extinction_method                     ? 
_refine.ls_goodness_of_fit_all                   ? 
_refine.ls_goodness_of_fit_all_esd               ? 
_refine.ls_goodness_of_fit_obs                   ? 
_refine.ls_goodness_of_fit_obs_esd               ? 
_refine.ls_hydrogen_treatment                    ? 
_refine.ls_matrix_type                           ? 
_refine.ls_number_constraints                    ? 
_refine.ls_number_parameters                     ? 
_refine.ls_number_reflns_all                     ? 
_refine.ls_number_reflns_obs                     18538 
_refine.ls_number_reflns_R_free                  927 
_refine.ls_number_reflns_R_work                  17611 
_refine.ls_number_restraints                     ? 
_refine.ls_percent_reflns_obs                    86.8900 
_refine.ls_percent_reflns_R_free                 5.0000 
_refine.ls_R_factor_all                          ? 
_refine.ls_R_factor_obs                          0.1879 
_refine.ls_R_factor_R_free                       0.2035 
_refine.ls_R_factor_R_free_error                 ? 
_refine.ls_R_factor_R_free_error_details         ? 
_refine.ls_R_factor_R_work                       0.1871 
_refine.ls_R_Fsqd_factor_obs                     ? 
_refine.ls_R_I_factor_obs                        ? 
_refine.ls_redundancy_reflns_all                 ? 
_refine.ls_redundancy_reflns_obs                 ? 
_refine.ls_restrained_S_all                      ? 
_refine.ls_restrained_S_obs                      ? 
_refine.ls_shift_over_esd_max                    ? 
_refine.ls_shift_over_esd_mean                   ? 
_refine.ls_structure_factor_coef                 ? 
_refine.ls_weighting_details                     ? 
_refine.ls_weighting_scheme                      ? 
_refine.ls_wR_factor_all                         ? 
_refine.ls_wR_factor_obs                         ? 
_refine.ls_wR_factor_R_free                      ? 
_refine.ls_wR_factor_R_work                      ? 
_refine.occupancy_max                            1.000 
_refine.occupancy_min                            1.000 
_refine.solvent_model_details                    'FLAT BULK SOLVENT MODEL' 
_refine.solvent_model_param_bsol                 ? 
_refine.solvent_model_param_ksol                 ? 
_refine.ls_R_factor_gt                           ? 
_refine.ls_goodness_of_fit_gt                    ? 
_refine.ls_goodness_of_fit_ref                   ? 
_refine.ls_shift_over_su_max                     ? 
_refine.ls_shift_over_su_max_lt                  ? 
_refine.ls_shift_over_su_mean                    ? 
_refine.ls_shift_over_su_mean_lt                 ? 
_refine.pdbx_ls_sigma_I                          ? 
_refine.pdbx_ls_sigma_F                          0.210 
_refine.pdbx_ls_sigma_Fsqd                       ? 
_refine.pdbx_data_cutoff_high_absF               ? 
_refine.pdbx_data_cutoff_high_rms_absF           ? 
_refine.pdbx_data_cutoff_low_absF                ? 
_refine.pdbx_isotropic_thermal_model             ? 
_refine.pdbx_ls_cross_valid_method               'FREE R-VALUE' 
_refine.pdbx_method_to_determine_struct          'MOLECULAR REPLACEMENT' 
_refine.pdbx_starting_model                      'PDB entry 4Z52' 
_refine.pdbx_stereochemistry_target_values       ML 
_refine.pdbx_R_Free_selection_details            ? 
_refine.pdbx_stereochem_target_val_spec_case     ? 
_refine.pdbx_overall_ESU_R                       ? 
_refine.pdbx_overall_ESU_R_Free                  ? 
_refine.pdbx_solvent_vdw_probe_radii             1.0000 
_refine.pdbx_solvent_ion_probe_radii             ? 
_refine.pdbx_solvent_shrinkage_radii             0.8000 
_refine.pdbx_real_space_R                        ? 
_refine.pdbx_density_correlation                 ? 
_refine.pdbx_pd_number_of_powder_patterns        ? 
_refine.pdbx_pd_number_of_points                 ? 
_refine.pdbx_pd_meas_number_of_points            ? 
_refine.pdbx_pd_proc_ls_prof_R_factor            ? 
_refine.pdbx_pd_proc_ls_prof_wR_factor           ? 
_refine.pdbx_pd_Marquardt_correlation_coeff      ? 
_refine.pdbx_pd_Fsqrd_R_factor                   ? 
_refine.pdbx_pd_ls_matrix_band_width             ? 
_refine.pdbx_overall_phase_error                 17.5500 
_refine.pdbx_overall_SU_R_free_Cruickshank_DPI   ? 
_refine.pdbx_overall_SU_R_free_Blow_DPI          ? 
_refine.pdbx_overall_SU_R_Blow_DPI               ? 
_refine.pdbx_TLS_residual_ADP_flag               ? 
_refine.pdbx_diffrn_id                           1 
_refine.overall_SU_B                             ? 
_refine.overall_SU_ML                            0.1600 
_refine.overall_SU_R_Cruickshank_DPI             ? 
_refine.overall_SU_R_free                        ? 
_refine.overall_FOM_free_R_set                   ? 
_refine.overall_FOM_work_R_set                   0.8885 
_refine.pdbx_average_fsc_overall                 ? 
_refine.pdbx_average_fsc_work                    ? 
_refine.pdbx_average_fsc_free                    ? 
# 
_refine_hist.cycle_id                         final 
_refine_hist.pdbx_refine_id                   'X-RAY DIFFRACTION' 
_refine_hist.d_res_high                       2.10 
_refine_hist.d_res_low                        45.1540 
_refine_hist.pdbx_number_atoms_ligand         0 
_refine_hist.number_atoms_solvent             161 
_refine_hist.number_atoms_total               1135 
_refine_hist.pdbx_number_residues_total       92 
_refine_hist.pdbx_B_iso_mean_ligand           0.00 
_refine_hist.pdbx_B_iso_mean_solvent          32.41 
_refine_hist.pdbx_number_atoms_protein        569 
_refine_hist.pdbx_number_atoms_nucleic_acid   405 
# 
loop_
_refine_ls_restr.pdbx_refine_id 
_refine_ls_restr.criterion 
_refine_ls_restr.dev_ideal 
_refine_ls_restr.dev_ideal_target 
_refine_ls_restr.number 
_refine_ls_restr.rejects 
_refine_ls_restr.type 
_refine_ls_restr.weight 
_refine_ls_restr.pdbx_restraint_function 
'X-RAY DIFFRACTION' ? 0.007  ? 1031 ? f_bond_d           ? ? 
'X-RAY DIFFRACTION' ? 1.259  ? 1476 ? f_angle_d          ? ? 
'X-RAY DIFFRACTION' ? 0.061  ? 171  ? f_chiral_restr     ? ? 
'X-RAY DIFFRACTION' ? 0.003  ? 118  ? f_plane_restr      ? ? 
'X-RAY DIFFRACTION' ? 22.246 ? 412  ? f_dihedral_angle_d ? ? 
# 
loop_
_refine_ls_shell.pdbx_refine_id 
_refine_ls_shell.d_res_high 
_refine_ls_shell.d_res_low 
_refine_ls_shell.number_reflns_all 
_refine_ls_shell.number_reflns_obs 
_refine_ls_shell.number_reflns_R_free 
_refine_ls_shell.number_reflns_R_work 
_refine_ls_shell.percent_reflns_obs 
_refine_ls_shell.percent_reflns_R_free 
_refine_ls_shell.R_factor_all 
_refine_ls_shell.R_factor_obs 
_refine_ls_shell.R_factor_R_free 
_refine_ls_shell.R_factor_R_free_error 
_refine_ls_shell.R_factor_R_work 
_refine_ls_shell.redundancy_reflns_all 
_refine_ls_shell.redundancy_reflns_obs 
_refine_ls_shell.wR_factor_all 
_refine_ls_shell.wR_factor_obs 
_refine_ls_shell.wR_factor_R_free 
_refine_ls_shell.wR_factor_R_work 
_refine_ls_shell.pdbx_total_number_of_bins_used 
_refine_ls_shell.pdbx_phase_error 
_refine_ls_shell.pdbx_fsc_work 
_refine_ls_shell.pdbx_fsc_free 
'X-RAY DIFFRACTION' 2.10   2.2124  2340 . 117 2223 79.0000 . . . 0.2659 . 0.2165 . . . . . . 7 . . . 
'X-RAY DIFFRACTION' 2.2124 2.3510  2462 . 123 2339 82.0000 . . . 0.2269 . 0.2073 . . . . . . 7 . . . 
'X-RAY DIFFRACTION' 2.3510 2.5325  2471 . 124 2347 83.0000 . . . 0.1981 . 0.2039 . . . . . . 7 . . . 
'X-RAY DIFFRACTION' 2.5325 2.7873  2571 . 129 2442 86.0000 . . . 0.2370 . 0.2174 . . . . . . 7 . . . 
'X-RAY DIFFRACTION' 2.7873 3.1906  2656 . 132 2524 88.0000 . . . 0.2173 . 0.2017 . . . . . . 7 . . . 
'X-RAY DIFFRACTION' 3.1906 4.0194  2892 . 145 2747 94.0000 . . . 0.1813 . 0.1675 . . . . . . 7 . . . 
'X-RAY DIFFRACTION' 4.0194 45.1641 3146 . 157 2989 96.0000 . . . 0.1845 . 0.1666 . . . . . . 7 . . . 
# 
_struct.entry_id                     4Z5H 
_struct.title                        'HipB(S29A)-O2 20mer complex' 
_struct.pdbx_model_details           ? 
_struct.pdbx_formula_weight          ? 
_struct.pdbx_formula_weight_method   ? 
_struct.pdbx_model_type_details      ? 
_struct.pdbx_CASP_flag               ? 
# 
_struct_keywords.entry_id        4Z5H 
_struct_keywords.text            'HTH motif, Transcription repressor, HipA sequestering, Transcription-DNA complex' 
_struct_keywords.pdbx_keywords   Transcription/DNA 
# 
loop_
_struct_asym.id 
_struct_asym.pdbx_blank_PDB_chainid_flag 
_struct_asym.pdbx_modified 
_struct_asym.entity_id 
_struct_asym.details 
A N N 1 ? 
B N N 2 ? 
C N N 3 ? 
D N N 3 ? 
# 
loop_
_struct_conf.conf_type_id 
_struct_conf.id 
_struct_conf.pdbx_PDB_helix_id 
_struct_conf.beg_label_comp_id 
_struct_conf.beg_label_asym_id 
_struct_conf.beg_label_seq_id 
_struct_conf.pdbx_beg_PDB_ins_code 
_struct_conf.end_label_comp_id 
_struct_conf.end_label_asym_id 
_struct_conf.end_label_seq_id 
_struct_conf.pdbx_end_PDB_ins_code 
_struct_conf.beg_auth_comp_id 
_struct_conf.beg_auth_asym_id 
_struct_conf.beg_auth_seq_id 
_struct_conf.end_auth_comp_id 
_struct_conf.end_auth_asym_id 
_struct_conf.end_auth_seq_id 
_struct_conf.pdbx_PDB_helix_class 
_struct_conf.details 
_struct_conf.pdbx_PDB_helix_length 
HELX_P HELX_P1 AA1 SER A 7  ? ASN A 22 ? SER A 9  ASN A 24 1 ? 16 
HELX_P HELX_P2 AA2 THR A 25 ? GLY A 34 ? THR A 27 GLY A 36 1 ? 10 
HELX_P HELX_P3 AA3 LYS A 36 ? ASN A 46 ? LYS A 38 ASN A 48 1 ? 11 
HELX_P HELX_P4 AA4 PRO A 47 ? THR A 50 ? PRO A 49 THR A 52 5 ? 4  
HELX_P HELX_P5 AA5 THR A 51 ? LEU A 62 ? THR A 53 LEU A 64 1 ? 12 
# 
_struct_conf_type.id          HELX_P 
_struct_conf_type.criteria    ? 
_struct_conf_type.reference   ? 
# 
loop_
_struct_conn.id 
_struct_conn.conn_type_id 
_struct_conn.pdbx_leaving_atom_flag 
_struct_conn.pdbx_PDB_id 
_struct_conn.ptnr1_label_asym_id 
_struct_conn.ptnr1_label_comp_id 
_struct_conn.ptnr1_label_seq_id 
_struct_conn.ptnr1_label_atom_id 
_struct_conn.pdbx_ptnr1_label_alt_id 
_struct_conn.pdbx_ptnr1_PDB_ins_code 
_struct_conn.pdbx_ptnr1_standard_comp_id 
_struct_conn.ptnr1_symmetry 
_struct_conn.ptnr2_label_asym_id 
_struct_conn.ptnr2_label_comp_id 
_struct_conn.ptnr2_label_seq_id 
_struct_conn.ptnr2_label_atom_id 
_struct_conn.pdbx_ptnr2_label_alt_id 
_struct_conn.pdbx_ptnr2_PDB_ins_code 
_struct_conn.ptnr1_auth_asym_id 
_struct_conn.ptnr1_auth_comp_id 
_struct_conn.ptnr1_auth_seq_id 
_struct_conn.ptnr2_auth_asym_id 
_struct_conn.ptnr2_auth_comp_id 
_struct_conn.ptnr2_auth_seq_id 
_struct_conn.ptnr2_symmetry 
_struct_conn.pdbx_ptnr3_label_atom_id 
_struct_conn.pdbx_ptnr3_label_seq_id 
_struct_conn.pdbx_ptnr3_label_comp_id 
_struct_conn.pdbx_ptnr3_label_asym_id 
_struct_conn.pdbx_ptnr3_label_alt_id 
_struct_conn.pdbx_ptnr3_PDB_ins_code 
_struct_conn.details 
_struct_conn.pdbx_dist_value 
_struct_conn.pdbx_value_order 
_struct_conn.pdbx_role 
hydrog1  hydrog ? ? B DT 1  N3 ? ? ? 1_555 B DA 20 N1 ? ? B DT 1  B DA 20 13_455 ? ? ? ? ? ? WATSON-CRICK    ? ? ? 
hydrog2  hydrog ? ? B DT 1  O4 ? ? ? 1_555 B DA 20 N6 ? ? B DT 1  B DA 20 13_455 ? ? ? ? ? ? WATSON-CRICK    ? ? ? 
hydrog3  hydrog ? ? B DT 2  N3 ? ? ? 1_555 B DA 19 N1 ? ? B DT 2  B DA 19 13_455 ? ? ? ? ? ? WATSON-CRICK    ? ? ? 
hydrog4  hydrog ? ? B DT 2  O4 ? ? ? 1_555 B DA 19 N6 ? ? B DT 2  B DA 19 13_455 ? ? ? ? ? ? WATSON-CRICK    ? ? ? 
hydrog5  hydrog ? ? B DA 3  N1 ? ? ? 1_555 B DT 18 N3 ? ? B DA 3  B DT 18 13_455 ? ? ? ? ? ? WATSON-CRICK    ? ? ? 
hydrog6  hydrog ? ? B DA 3  N6 ? ? ? 1_555 B DT 18 O4 ? ? B DA 3  B DT 18 13_455 ? ? ? ? ? ? WATSON-CRICK    ? ? ? 
hydrog7  hydrog ? ? B DT 4  N3 ? ? ? 1_555 B DA 17 N1 ? ? B DT 4  B DA 17 13_455 ? ? ? ? ? ? WATSON-CRICK    ? ? ? 
hydrog8  hydrog ? ? B DT 4  O4 ? ? ? 1_555 B DA 17 N6 ? ? B DT 4  B DA 17 13_455 ? ? ? ? ? ? WATSON-CRICK    ? ? ? 
hydrog9  hydrog ? ? B DC 5  N3 ? ? ? 1_555 B DG 16 N1 ? ? B DC 5  B DG 16 13_455 ? ? ? ? ? ? WATSON-CRICK    ? ? ? 
hydrog10 hydrog ? ? B DC 5  N4 ? ? ? 1_555 B DG 16 O6 ? ? B DC 5  B DG 16 13_455 ? ? ? ? ? ? WATSON-CRICK    ? ? ? 
hydrog11 hydrog ? ? B DC 5  O2 ? ? ? 1_555 B DG 16 N2 ? ? B DC 5  B DG 16 13_455 ? ? ? ? ? ? WATSON-CRICK    ? ? ? 
hydrog12 hydrog ? ? B DC 6  N3 ? ? ? 1_555 B DG 15 N1 ? ? B DC 6  B DG 15 13_455 ? ? ? ? ? ? WATSON-CRICK    ? ? ? 
hydrog13 hydrog ? ? B DC 6  N4 ? ? ? 1_555 B DG 15 O6 ? ? B DC 6  B DG 15 13_455 ? ? ? ? ? ? WATSON-CRICK    ? ? ? 
hydrog14 hydrog ? ? B DC 6  O2 ? ? ? 1_555 B DG 15 N2 ? ? B DC 6  B DG 15 13_455 ? ? ? ? ? ? WATSON-CRICK    ? ? ? 
hydrog15 hydrog ? ? B DT 7  N3 ? ? ? 1_555 B DA 14 N1 ? ? B DT 7  B DA 14 13_455 ? ? ? ? ? ? WATSON-CRICK    ? ? ? 
hydrog16 hydrog ? ? B DT 7  O4 ? ? ? 1_555 B DA 14 N6 ? ? B DT 7  B DA 14 13_455 ? ? ? ? ? ? WATSON-CRICK    ? ? ? 
hydrog17 hydrog ? ? B DA 9  N1 ? ? ? 1_555 B DA 12 N6 ? ? B DA 9  B DA 12 13_455 ? ? ? ? ? ? TYPE_1_PAIR     ? ? ? 
hydrog18 hydrog ? ? B DA 9  N6 ? ? ? 1_555 B DA 12 N1 ? ? B DA 9  B DA 12 13_455 ? ? ? ? ? ? TYPE_1_PAIR     ? ? ? 
hydrog19 hydrog ? ? B DC 10 N4 ? ? ? 1_555 B DT 11 O4 ? ? B DC 10 B DT 11 13_455 ? ? ? ? ? ? 'DC-DT MISPAIR' ? ? ? 
hydrog20 hydrog ? ? B DT 11 O4 ? ? ? 1_555 B DC 10 N4 ? ? B DT 11 B DC 10 13_455 ? ? ? ? ? ? 'DT-DC MISPAIR' ? ? ? 
hydrog21 hydrog ? ? B DA 12 N1 ? ? ? 1_555 B DA 9  N6 ? ? B DA 12 B DA 9  13_455 ? ? ? ? ? ? TYPE_1_PAIR     ? ? ? 
hydrog22 hydrog ? ? B DA 12 N6 ? ? ? 1_555 B DA 9  N1 ? ? B DA 12 B DA 9  13_455 ? ? ? ? ? ? TYPE_1_PAIR     ? ? ? 
hydrog23 hydrog ? ? B DA 14 N1 ? ? ? 1_555 B DT 7  N3 ? ? B DA 14 B DT 7  13_455 ? ? ? ? ? ? WATSON-CRICK    ? ? ? 
hydrog24 hydrog ? ? B DA 14 N6 ? ? ? 1_555 B DT 7  O4 ? ? B DA 14 B DT 7  13_455 ? ? ? ? ? ? WATSON-CRICK    ? ? ? 
hydrog25 hydrog ? ? B DG 15 N1 ? ? ? 1_555 B DC 6  N3 ? ? B DG 15 B DC 6  13_455 ? ? ? ? ? ? WATSON-CRICK    ? ? ? 
hydrog26 hydrog ? ? B DG 15 N2 ? ? ? 1_555 B DC 6  O2 ? ? B DG 15 B DC 6  13_455 ? ? ? ? ? ? WATSON-CRICK    ? ? ? 
hydrog27 hydrog ? ? B DG 15 O6 ? ? ? 1_555 B DC 6  N4 ? ? B DG 15 B DC 6  13_455 ? ? ? ? ? ? WATSON-CRICK    ? ? ? 
hydrog28 hydrog ? ? B DG 16 N1 ? ? ? 1_555 B DC 5  N3 ? ? B DG 16 B DC 5  13_455 ? ? ? ? ? ? WATSON-CRICK    ? ? ? 
hydrog29 hydrog ? ? B DG 16 N2 ? ? ? 1_555 B DC 5  O2 ? ? B DG 16 B DC 5  13_455 ? ? ? ? ? ? WATSON-CRICK    ? ? ? 
hydrog30 hydrog ? ? B DG 16 O6 ? ? ? 1_555 B DC 5  N4 ? ? B DG 16 B DC 5  13_455 ? ? ? ? ? ? WATSON-CRICK    ? ? ? 
hydrog31 hydrog ? ? B DA 17 N1 ? ? ? 1_555 B DT 4  N3 ? ? B DA 17 B DT 4  13_455 ? ? ? ? ? ? WATSON-CRICK    ? ? ? 
hydrog32 hydrog ? ? B DA 17 N6 ? ? ? 1_555 B DT 4  O4 ? ? B DA 17 B DT 4  13_455 ? ? ? ? ? ? WATSON-CRICK    ? ? ? 
hydrog33 hydrog ? ? B DT 18 N3 ? ? ? 1_555 B DA 3  N1 ? ? B DT 18 B DA 3  13_455 ? ? ? ? ? ? WATSON-CRICK    ? ? ? 
hydrog34 hydrog ? ? B DT 18 O4 ? ? ? 1_555 B DA 3  N6 ? ? B DT 18 B DA 3  13_455 ? ? ? ? ? ? WATSON-CRICK    ? ? ? 
hydrog35 hydrog ? ? B DA 19 N1 ? ? ? 1_555 B DT 2  N3 ? ? B DA 19 B DT 2  13_455 ? ? ? ? ? ? WATSON-CRICK    ? ? ? 
hydrog36 hydrog ? ? B DA 19 N6 ? ? ? 1_555 B DT 2  O4 ? ? B DA 19 B DT 2  13_455 ? ? ? ? ? ? WATSON-CRICK    ? ? ? 
hydrog37 hydrog ? ? B DA 20 N1 ? ? ? 1_555 B DT 1  N3 ? ? B DA 20 B DT 1  13_455 ? ? ? ? ? ? WATSON-CRICK    ? ? ? 
hydrog38 hydrog ? ? B DA 20 N6 ? ? ? 1_555 B DT 1  O4 ? ? B DA 20 B DT 1  13_455 ? ? ? ? ? ? WATSON-CRICK    ? ? ? 
# 
_struct_conn_type.id          hydrog 
_struct_conn_type.criteria    ? 
_struct_conn_type.reference   ? 
# 
_atom_sites.entry_id                    4Z5H 
_atom_sites.fract_transf_matrix[1][1]   -0.00352117 
_atom_sites.fract_transf_matrix[1][2]   -0.00698671 
_atom_sites.fract_transf_matrix[1][3]   0.00031020 
_atom_sites.fract_transf_matrix[2][1]   -0.00592204 
_atom_sites.fract_transf_matrix[2][2]   0.00316347 
_atom_sites.fract_transf_matrix[2][3]   0.00402874 
_atom_sites.fract_transf_matrix[3][1]   -0.00372017 
_atom_sites.fract_transf_matrix[3][2]   0.00157712 
_atom_sites.fract_transf_matrix[3][3]   -0.00670685 
_atom_sites.fract_transf_vector[1]      -0.021859 
_atom_sites.fract_transf_vector[2]      0.136293 
_atom_sites.fract_transf_vector[3]      0.150657 
# 
loop_
_atom_type.symbol 
C 
N 
O 
P 
S 
# 
loop_
_atom_site.group_PDB 
_atom_site.id 
_atom_site.type_symbol 
_atom_site.label_atom_id 
_atom_site.label_alt_id 
_atom_site.label_comp_id 
_atom_site.label_asym_id 
_atom_site.label_entity_id 
_atom_site.label_seq_id 
_atom_site.pdbx_PDB_ins_code 
_atom_site.Cartn_x 
_atom_site.Cartn_y 
_atom_site.Cartn_z 
_atom_site.occupancy 
_atom_site.B_iso_or_equiv 
_atom_site.pdbx_formal_charge 
_atom_site.auth_seq_id 
_atom_site.auth_comp_id 
_atom_site.auth_asym_id 
_atom_site.auth_atom_id 
_atom_site.pdbx_PDB_model_num 
ATOM   1    N N     . SER A 1 1  ? -10.790 -8.195  7.888   1.00 55.05 ? 3   SER A N     1 
ATOM   2    C CA    . SER A 1 1  ? -10.201 -7.878  9.185   1.00 57.69 ? 3   SER A CA    1 
ATOM   3    C C     . SER A 1 1  ? -9.110  -6.820  9.027   1.00 48.33 ? 3   SER A C     1 
ATOM   4    O O     . SER A 1 1  ? -7.931  -7.141  8.894   1.00 48.04 ? 3   SER A O     1 
ATOM   5    C CB    . SER A 1 1  ? -9.641  -9.148  9.859   1.00 62.44 ? 3   SER A CB    1 
ATOM   6    O OG    . SER A 1 1  ? -9.080  -8.887  11.143  1.00 58.01 ? 3   SER A OG    1 
ATOM   7    N N     . PHE A 1 2  ? -9.516  -5.561  9.051   1.00 37.51 ? 4   PHE A N     1 
ATOM   8    C CA    . PHE A 1 2  ? -8.559  -4.481  9.021   1.00 30.91 ? 4   PHE A CA    1 
ATOM   9    C C     . PHE A 1 2  ? -8.240  -4.066  10.454  1.00 29.71 ? 4   PHE A C     1 
ATOM   10   O O     . PHE A 1 2  ? -9.075  -3.548  11.169  1.00 31.01 ? 4   PHE A O     1 
ATOM   11   C CB    . PHE A 1 2  ? -9.096  -3.319  8.195   1.00 27.83 ? 4   PHE A CB    1 
ATOM   12   C CG    . PHE A 1 2  ? -9.060  -3.560  6.713   1.00 25.41 ? 4   PHE A CG    1 
ATOM   13   C CD1   . PHE A 1 2  ? -7.969  -4.147  6.121   1.00 27.90 ? 4   PHE A CD1   1 
ATOM   14   C CD2   . PHE A 1 2  ? -10.118 -3.210  5.918   1.00 28.14 ? 4   PHE A CD2   1 
ATOM   15   C CE1   . PHE A 1 2  ? -7.934  -4.379  4.769   1.00 28.29 ? 4   PHE A CE1   1 
ATOM   16   C CE2   . PHE A 1 2  ? -10.082 -3.427  4.566   1.00 25.60 ? 4   PHE A CE2   1 
ATOM   17   C CZ    . PHE A 1 2  ? -8.998  -4.023  3.991   1.00 23.63 ? 4   PHE A CZ    1 
ATOM   18   N N     . GLN A 1 3  ? -7.019  -4.352  10.856  1.00 21.21 ? 5   GLN A N     1 
ATOM   19   C CA    . GLN A 1 3  ? -6.504  -4.031  12.170  1.00 22.75 ? 5   GLN A CA    1 
ATOM   20   C C     . GLN A 1 3  ? -5.874  -2.644  12.246  1.00 17.65 ? 5   GLN A C     1 
ATOM   21   O O     . GLN A 1 3  ? -5.556  -2.058  11.245  1.00 13.74 ? 5   GLN A O     1 
ATOM   22   C CB    . GLN A 1 3  ? -5.499  -5.094  12.593  1.00 22.57 ? 5   GLN A CB    1 
ATOM   23   C CG    . GLN A 1 3  ? -5.907  -6.484  12.142  1.00 36.40 ? 5   GLN A CG    1 
ATOM   24   C CD    . GLN A 1 3  ? -5.655  -7.553  13.166  1.00 38.42 ? 5   GLN A CD    1 
ATOM   25   O OE1   . GLN A 1 3  ? -4.521  -7.876  13.443  1.00 35.93 ? 5   GLN A OE1   1 
ATOM   26   N NE2   . GLN A 1 3  ? -6.718  -8.121  13.706  1.00 34.67 ? 5   GLN A NE2   1 
ATOM   27   N N     . LYS A 1 4  ? -5.654  -2.165  13.455  1.00 14.81 ? 6   LYS A N     1 
ATOM   28   C CA    . LYS A 1 4  ? -4.864  -0.977  13.668  1.00 15.15 ? 6   LYS A CA    1 
ATOM   29   C C     . LYS A 1 4  ? -3.415  -1.188  13.211  1.00 17.14 ? 6   LYS A C     1 
ATOM   30   O O     . LYS A 1 4  ? -2.832  -2.236  13.429  1.00 11.43 ? 6   LYS A O     1 
ATOM   31   C CB    . LYS A 1 4  ? -4.921  -0.545  15.120  1.00 14.12 ? 6   LYS A CB    1 
ATOM   32   C CG    . LYS A 1 4  ? -6.286  -0.048  15.539  1.00 18.03 ? 6   LYS A CG    1 
ATOM   33   C CD    . LYS A 1 4  ? -6.365  0.206   17.014  1.00 17.00 ? 6   LYS A CD    1 
ATOM   34   C CE    . LYS A 1 4  ? -7.705  0.765   17.407  1.00 23.67 ? 6   LYS A CE    1 
ATOM   35   N NZ    . LYS A 1 4  ? -7.688  1.169   18.821  1.00 26.66 ? 6   LYS A NZ    1 
ATOM   36   N N     . ILE A 1 5  ? -2.889  -0.167  12.569  1.00 11.12 ? 7   ILE A N     1 
ATOM   37   C CA    . ILE A 1 5  ? -1.553  -0.127  12.010  1.00 12.47 ? 7   ILE A CA    1 
ATOM   38   C C     . ILE A 1 5  ? -0.737  1.008   12.638  1.00 12.86 ? 7   ILE A C     1 
ATOM   39   O O     . ILE A 1 5  ? -1.235  2.105   12.796  1.00 12.27 ? 7   ILE A O     1 
ATOM   40   C CB    . ILE A 1 5  ? -1.626  -0.010  10.473  1.00 11.86 ? 7   ILE A CB    1 
ATOM   41   C CG1   . ILE A 1 5  ? -2.292  -1.274  9.926   1.00 12.48 ? 7   ILE A CG1   1 
ATOM   42   C CG2   . ILE A 1 5  ? -0.265  0.281   9.852   1.00 8.01  ? 7   ILE A CG2   1 
ATOM   43   C CD1   . ILE A 1 5  ? -2.793  -1.181  8.528   1.00 16.08 ? 7   ILE A CD1   1 
ATOM   44   N N     . TYR A 1 6  ? 0.487   0.694   13.034  1.00 9.44  ? 8   TYR A N     1 
ATOM   45   C CA    . TYR A 1 6  ? 1.349   1.592   13.767  1.00 10.49 ? 8   TYR A CA    1 
ATOM   46   C C     . TYR A 1 6  ? 2.689   1.955   13.121  1.00 12.16 ? 8   TYR A C     1 
ATOM   47   O O     . TYR A 1 6  ? 3.431   2.710   13.666  1.00 11.16 ? 8   TYR A O     1 
ATOM   48   C CB    . TYR A 1 6  ? 1.590   1.044   15.170  1.00 12.31 ? 8   TYR A CB    1 
ATOM   49   C CG    . TYR A 1 6  ? 0.335   0.810   15.965  1.00 14.54 ? 8   TYR A CG    1 
ATOM   50   C CD1   . TYR A 1 6  ? -0.397  -0.349  15.815  1.00 14.18 ? 8   TYR A CD1   1 
ATOM   51   C CD2   . TYR A 1 6  ? -0.122  1.750   16.859  1.00 13.17 ? 8   TYR A CD2   1 
ATOM   52   C CE1   . TYR A 1 6  ? -1.532  -0.565  16.543  1.00 13.12 ? 8   TYR A CE1   1 
ATOM   53   C CE2   . TYR A 1 6  ? -1.261  1.548   17.580  1.00 13.64 ? 8   TYR A CE2   1 
ATOM   54   C CZ    . TYR A 1 6  ? -1.963  0.384   17.420  1.00 15.56 ? 8   TYR A CZ    1 
ATOM   55   O OH    . TYR A 1 6  ? -3.093  0.179   18.115  1.00 17.51 ? 8   TYR A OH    1 
ATOM   56   N N     . SER A 1 7  ? 3.000   1.374   11.979  1.00 10.04 ? 9   SER A N     1 
ATOM   57   C CA    . SER A 1 7  ? 4.249   1.663   11.304  1.00 9.04  ? 9   SER A CA    1 
ATOM   58   C C     . SER A 1 7  ? 4.225   1.472   9.790   1.00 8.88  ? 9   SER A C     1 
ATOM   59   O O     . SER A 1 7  ? 3.392   0.787   9.250   1.00 9.52  ? 9   SER A O     1 
ATOM   60   C CB    . SER A 1 7  ? 5.407   0.847   11.893  1.00 13.24 ? 9   SER A CB    1 
ATOM   61   O OG    . SER A 1 7  ? 5.365   -0.496  11.483  1.00 11.00 ? 9   SER A OG    1 
ATOM   62   N N     . PRO A 1 8  ? 5.218   2.036   9.116   1.00 7.99  ? 10  PRO A N     1 
ATOM   63   C CA    . PRO A 1 8  ? 5.300   1.867   7.668   1.00 10.51 ? 10  PRO A CA    1 
ATOM   64   C C     . PRO A 1 8  ? 5.427   0.381   7.298   1.00 9.94  ? 10  PRO A C     1 
ATOM   65   O O     . PRO A 1 8  ? 4.750   -0.032  6.413   1.00 9.40  ? 10  PRO A O     1 
ATOM   66   C CB    . PRO A 1 8  ? 6.555   2.640   7.284   1.00 8.80  ? 10  PRO A CB    1 
ATOM   67   C CG    . PRO A 1 8  ? 6.744   3.616   8.387   1.00 12.16 ? 10  PRO A CG    1 
ATOM   68   C CD    . PRO A 1 8  ? 6.300   2.894   9.609   1.00 8.06  ? 10  PRO A CD    1 
ATOM   69   N N     . THR A 1 9  ? 6.218   -0.396  8.021   1.00 9.75  ? 11  THR A N     1 
ATOM   70   C CA    . THR A 1 9  ? 6.349   -1.814  7.742   1.00 11.93 ? 11  THR A CA    1 
ATOM   71   C C     . THR A 1 9  ? 5.021   -2.570  7.888   1.00 11.41 ? 11  THR A C     1 
ATOM   72   O O     . THR A 1 9  ? 4.658   -3.322  7.022   1.00 11.02 ? 11  THR A O     1 
ATOM   73   C CB    . THR A 1 9  ? 7.395   -2.469  8.666   1.00 13.91 ? 11  THR A CB    1 
ATOM   74   O OG1   . THR A 1 9  ? 8.674   -1.912  8.411   1.00 12.96 ? 11  THR A OG1   1 
ATOM   75   C CG2   . THR A 1 9  ? 7.437   -3.977  8.465   1.00 18.15 ? 11  THR A CG2   1 
ATOM   76   N N     . GLN A 1 10 ? 4.299   -2.308  8.961   1.00 9.85  ? 12  GLN A N     1 
ATOM   77   C CA    . GLN A 1 10 ? 3.002   -2.900  9.189   1.00 10.76 ? 12  GLN A CA    1 
ATOM   78   C C     . GLN A 1 10 ? 2.034   -2.488  8.082   1.00 11.28 ? 12  GLN A C     1 
ATOM   79   O O     . GLN A 1 10 ? 1.285   -3.290  7.599   1.00 10.73 ? 12  GLN A O     1 
ATOM   80   C CB    . GLN A 1 10 ? 2.445   -2.483  10.546  1.00 10.62 ? 12  GLN A CB    1 
ATOM   81   C CG    . GLN A 1 10 ? 3.094   -3.136  11.747  1.00 12.04 ? 12  GLN A CG    1 
ATOM   82   C CD    . GLN A 1 10 ? 2.614   -2.576  13.069  1.00 15.23 ? 12  GLN A CD    1 
ATOM   83   O OE1   . GLN A 1 10 ? 1.581   -1.972  13.159  1.00 11.36 ? 12  GLN A OE1   1 
ATOM   84   N NE2   . GLN A 1 10 ? 3.384   -2.797  14.095  1.00 14.60 ? 12  GLN A NE2   1 
ATOM   85   N N     . LEU A 1 11 ? 2.100   -1.230  7.687   1.00 9.06  ? 13  LEU A N     1 
ATOM   86   C CA    . LEU A 1 11 ? 1.254   -0.719  6.638   1.00 8.88  ? 13  LEU A CA    1 
ATOM   87   C C     . LEU A 1 11 ? 1.521   -1.412  5.301   1.00 9.56  ? 13  LEU A C     1 
ATOM   88   O O     . LEU A 1 11 ? 0.604   -1.823  4.636   1.00 9.08  ? 13  LEU A O     1 
ATOM   89   C CB    . LEU A 1 11 ? 1.453   0.781   6.487   1.00 7.17  ? 13  LEU A CB    1 
ATOM   90   C CG    . LEU A 1 11 ? 0.667   1.494   5.395   1.00 10.38 ? 13  LEU A CG    1 
ATOM   91   C CD1   . LEU A 1 11 ? -0.815  1.195   5.413   1.00 13.35 ? 13  LEU A CD1   1 
ATOM   92   C CD2   . LEU A 1 11 ? 0.951   2.986   5.396   1.00 9.25  ? 13  LEU A CD2   1 
ATOM   93   N N     . ALA A 1 12 ? 2.792   -1.522  4.948   1.00 9.47  ? 14  ALA A N     1 
ATOM   94   C CA    . ALA A 1 12 ? 3.209   -2.156  3.711   1.00 11.14 ? 14  ALA A CA    1 
ATOM   95   C C     . ALA A 1 12 ? 2.833   -3.641  3.678   1.00 12.00 ? 14  ALA A C     1 
ATOM   96   O O     . ALA A 1 12 ? 2.350   -4.124  2.692   1.00 11.17 ? 14  ALA A O     1 
ATOM   97   C CB    . ALA A 1 12 ? 4.698   -1.978  3.492   1.00 10.10 ? 14  ALA A CB    1 
ATOM   98   N N     . ASN A 1 13 ? 3.038   -4.335  4.788   1.00 11.73 ? 15  ASN A N     1 
ATOM   99   C CA    . ASN A 1 13 ? 2.707   -5.734  4.881   1.00 12.82 ? 15  ASN A CA    1 
ATOM   100  C C     . ASN A 1 13 ? 1.210   -5.942  4.681   1.00 15.51 ? 15  ASN A C     1 
ATOM   101  O O     . ASN A 1 13 ? 0.825   -6.818  3.956   1.00 11.55 ? 15  ASN A O     1 
ATOM   102  C CB    . ASN A 1 13 ? 3.124   -6.316  6.234   1.00 16.49 ? 15  ASN A CB    1 
ATOM   103  C CG    . ASN A 1 13 ? 4.631   -6.441  6.392   1.00 15.48 ? 15  ASN A CG    1 
ATOM   104  O OD1   . ASN A 1 13 ? 5.363   -6.202  5.481   1.00 21.42 ? 15  ASN A OD1   1 
ATOM   105  N ND2   . ASN A 1 13 ? 5.070   -6.800  7.553   1.00 13.92 ? 15  ASN A ND2   1 
ATOM   106  N N     . ALA A 1 14 ? 0.384   -5.110  5.305   1.00 10.16 ? 16  ALA A N     1 
ATOM   107  C CA    . ALA A 1 14 ? -1.056  -5.188  5.131   1.00 11.46 ? 16  ALA A CA    1 
ATOM   108  C C     . ALA A 1 14 ? -1.527  -4.919  3.692   1.00 11.65 ? 16  ALA A C     1 
ATOM   109  O O     . ALA A 1 14 ? -2.384  -5.586  3.182   1.00 11.87 ? 16  ALA A O     1 
ATOM   110  C CB    . ALA A 1 14 ? -1.756  -4.241  6.078   1.00 14.34 ? 16  ALA A CB    1 
ATOM   111  N N     . MET A 1 15 ? -0.959  -3.910  3.070   1.00 8.61  ? 17  MET A N     1 
ATOM   112  C CA    . MET A 1 15 ? -1.276  -3.588  1.700   1.00 10.12 ? 17  MET A CA    1 
ATOM   113  C C     . MET A 1 15 ? -0.842  -4.628  0.666   1.00 8.91  ? 17  MET A C     1 
ATOM   114  O O     . MET A 1 15 ? -1.540  -4.861  -0.277  1.00 9.54  ? 17  MET A O     1 
ATOM   115  C CB    . MET A 1 15 ? -0.834  -2.190  1.351   1.00 8.87  ? 17  MET A CB    1 
ATOM   116  C CG    . MET A 1 15 ? -1.674  -1.167  2.077   1.00 9.99  ? 17  MET A CG    1 
ATOM   117  S SD    . MET A 1 15 ? -1.032  0.480   2.008   1.00 12.02 ? 17  MET A SD    1 
ATOM   118  C CE    . MET A 1 15 ? -1.429  0.903   0.338   1.00 7.77  ? 17  MET A CE    1 
ATOM   119  N N     . LYS A 1 16 ? 0.326   -5.218  0.877   1.00 9.44  ? 18  LYS A N     1 
ATOM   120  C CA    . LYS A 1 16 ? 0.821   -6.298  0.039   1.00 10.93 ? 18  LYS A CA    1 
ATOM   121  C C     . LYS A 1 16 ? -0.124  -7.493  0.143   1.00 13.15 ? 18  LYS A C     1 
ATOM   122  O O     . LYS A 1 16 ? -0.434  -8.126  -0.830  1.00 13.13 ? 18  LYS A O     1 
ATOM   123  C CB    . LYS A 1 16 ? 2.227   -6.701  0.445   1.00 9.64  ? 18  LYS A CB    1 
ATOM   124  C CG    . LYS A 1 16 ? 2.823   -7.832  -0.373  1.00 13.56 ? 18  LYS A CG    1 
ATOM   125  C CD    . LYS A 1 16 ? 4.242   -8.148  0.052   1.00 15.10 ? 18  LYS A CD    1 
ATOM   126  C CE    . LYS A 1 16 ? 4.829   -9.342  -0.684  1.00 19.17 ? 18  LYS A CE    1 
ATOM   127  N NZ    . LYS A 1 16 ? 6.269   -9.492  -0.420  1.00 17.48 ? 18  LYS A NZ    1 
ATOM   128  N N     . LEU A 1 17 ? -0.585  -7.767  1.353   1.00 13.89 ? 19  LEU A N     1 
ATOM   129  C CA    . LEU A 1 17 ? -1.485  -8.871  1.583   1.00 13.67 ? 19  LEU A CA    1 
ATOM   130  C C     . LEU A 1 17 ? -2.775  -8.680  0.802   1.00 16.26 ? 19  LEU A C     1 
ATOM   131  O O     . LEU A 1 17 ? -3.241  -9.595  0.180   1.00 15.49 ? 19  LEU A O     1 
ATOM   132  C CB    . LEU A 1 17 ? -1.762  -9.034  3.068   1.00 18.19 ? 19  LEU A CB    1 
ATOM   133  C CG    . LEU A 1 17 ? -2.631  -10.216 3.498   1.00 27.44 ? 19  LEU A CG    1 
ATOM   134  C CD1   . LEU A 1 17 ? -2.083  -11.536 2.987   1.00 23.53 ? 19  LEU A CD1   1 
ATOM   135  C CD2   . LEU A 1 17 ? -2.776  -10.251 5.011   1.00 31.25 ? 19  LEU A CD2   1 
ATOM   136  N N     . VAL A 1 18 ? -3.302  -7.463  0.798   1.00 14.53 ? 20  VAL A N     1 
ATOM   137  C CA    . VAL A 1 18 ? -4.479  -7.162  0.024   1.00 15.01 ? 20  VAL A CA    1 
ATOM   138  C C     . VAL A 1 18 ? -4.212  -7.366  -1.467  1.00 14.72 ? 20  VAL A C     1 
ATOM   139  O O     . VAL A 1 18 ? -5.039  -7.922  -2.164  1.00 15.00 ? 20  VAL A O     1 
ATOM   140  C CB    . VAL A 1 18 ? -5.014  -5.733  0.285   1.00 13.67 ? 20  VAL A CB    1 
ATOM   141  C CG1   . VAL A 1 18 ? -6.137  -5.414  -0.672  1.00 12.62 ? 20  VAL A CG1   1 
ATOM   142  C CG2   . VAL A 1 18 ? -5.479  -5.573  1.723   1.00 10.77 ? 20  VAL A CG2   1 
ATOM   143  N N     . ARG A 1 19 ? -3.059  -6.925  -1.938  1.00 10.13 ? 21  ARG A N     1 
ATOM   144  C CA    . ARG A 1 19 ? -2.750  -7.098  -3.334  1.00 11.10 ? 21  ARG A CA    1 
ATOM   145  C C     . ARG A 1 19 ? -2.699  -8.587  -3.696  1.00 14.74 ? 21  ARG A C     1 
ATOM   146  O O     . ARG A 1 19 ? -3.325  -9.006  -4.626  1.00 12.93 ? 21  ARG A O     1 
ATOM   147  C CB    . ARG A 1 19 ? -1.416  -6.453  -3.667  1.00 12.01 ? 21  ARG A CB    1 
ATOM   148  C CG    . ARG A 1 19 ? -0.896  -6.790  -5.041  1.00 13.19 ? 21  ARG A CG    1 
ATOM   149  C CD    . ARG A 1 19 ? 0.369   -6.050  -5.382  1.00 11.39 ? 21  ARG A CD    1 
ATOM   150  N NE    . ARG A 1 19 ? 1.563   -6.576  -4.754  1.00 11.73 ? 21  ARG A NE    1 
ATOM   151  C CZ    . ARG A 1 19 ? 2.203   -7.678  -5.115  1.00 16.27 ? 21  ARG A CZ    1 
ATOM   152  N NH1   . ARG A 1 19 ? 3.300   -8.021  -4.485  1.00 12.17 ? 21  ARG A NH1   1 
ATOM   153  N NH2   . ARG A 1 19 ? 1.771   -8.414  -6.121  1.00 13.02 ? 21  ARG A NH2   1 
ATOM   154  N N     . GLN A 1 20 ? -1.989  -9.360  -2.904  1.00 14.33 ? 22  GLN A N     1 
ATOM   155  C CA    . GLN A 1 20 ? -1.859  -10.779 -3.142  1.00 18.82 ? 22  GLN A CA    1 
ATOM   156  C C     . GLN A 1 20 ? -3.197  -11.532 -3.036  1.00 19.95 ? 22  GLN A C     1 
ATOM   157  O O     . GLN A 1 20 ? -3.479  -12.375 -3.838  1.00 23.38 ? 22  GLN A O     1 
ATOM   158  C CB    . GLN A 1 20 ? -0.811  -11.361 -2.222  1.00 16.72 ? 22  GLN A CB    1 
ATOM   159  C CG    . GLN A 1 20 ? 0.603   -10.959 -2.575  1.00 17.10 ? 22  GLN A CG    1 
ATOM   160  C CD    . GLN A 1 20 ? 1.629   -11.550 -1.641  1.00 24.36 ? 22  GLN A CD    1 
ATOM   161  O OE1   . GLN A 1 20 ? 1.337   -11.852 -0.504  1.00 22.75 ? 22  GLN A OE1   1 
ATOM   162  N NE2   . GLN A 1 20 ? 2.831   -11.725 -2.133  1.00 27.12 ? 22  GLN A NE2   1 
ATOM   163  N N     . GLN A 1 21 ? -4.018  -11.176 -2.063  1.00 18.24 ? 23  GLN A N     1 
ATOM   164  C CA    . GLN A 1 21 ? -5.318  -11.801 -1.838  1.00 21.08 ? 23  GLN A CA    1 
ATOM   165  C C     . GLN A 1 21 ? -6.232  -11.612 -3.029  1.00 21.88 ? 23  GLN A C     1 
ATOM   166  O O     . GLN A 1 21 ? -7.008  -12.464 -3.345  1.00 23.60 ? 23  GLN A O     1 
ATOM   167  C CB    . GLN A 1 21 ? -6.000  -11.243 -0.593  1.00 20.69 ? 23  GLN A CB    1 
ATOM   168  C CG    . GLN A 1 21 ? -5.613  -11.953 0.681   1.00 28.06 ? 23  GLN A CG    1 
ATOM   169  C CD    . GLN A 1 21 ? -6.067  -11.240 1.945   1.00 35.38 ? 23  GLN A CD    1 
ATOM   170  O OE1   . GLN A 1 21 ? -6.512  -10.097 1.920   1.00 31.98 ? 23  GLN A OE1   1 
ATOM   171  N NE2   . GLN A 1 21 ? -5.946  -11.926 3.057   1.00 36.97 ? 23  GLN A NE2   1 
ATOM   172  N N     . ASN A 1 22 ? -6.114  -10.467 -3.672  1.00 18.79 ? 24  ASN A N     1 
ATOM   173  C CA    . ASN A 1 22 ? -6.877  -10.151 -4.843  1.00 20.09 ? 24  ASN A CA    1 
ATOM   174  C C     . ASN A 1 22 ? -6.242  -10.626 -6.146  1.00 21.57 ? 24  ASN A C     1 
ATOM   175  O O     . ASN A 1 22 ? -6.801  -10.438 -7.197  1.00 21.97 ? 24  ASN A O     1 
ATOM   176  C CB    . ASN A 1 22 ? -7.159  -8.649  -4.889  1.00 21.58 ? 24  ASN A CB    1 
ATOM   177  C CG    . ASN A 1 22 ? -8.242  -8.241  -3.926  1.00 24.85 ? 24  ASN A CG    1 
ATOM   178  O OD1   . ASN A 1 22 ? -9.407  -8.361  -4.224  1.00 33.90 ? 24  ASN A OD1   1 
ATOM   179  N ND2   . ASN A 1 22 ? -7.860  -7.812  -2.760  1.00 23.26 ? 24  ASN A ND2   1 
ATOM   180  N N     . GLY A 1 23 ? -5.071  -11.229 -6.053  1.00 18.93 ? 25  GLY A N     1 
ATOM   181  C CA    . GLY A 1 23 ? -4.317  -11.655 -7.214  1.00 23.11 ? 25  GLY A CA    1 
ATOM   182  C C     . GLY A 1 23 ? -3.796  -10.592 -8.172  1.00 25.95 ? 25  GLY A C     1 
ATOM   183  O O     . GLY A 1 23 ? -3.626  -10.858 -9.331  1.00 23.20 ? 25  GLY A O     1 
ATOM   184  N N     . TRP A 1 24 ? -3.538  -9.393  -7.682  1.00 20.55 ? 26  TRP A N     1 
ATOM   185  C CA    . TRP A 1 24 ? -3.041  -8.320  -8.517  1.00 17.62 ? 26  TRP A CA    1 
ATOM   186  C C     . TRP A 1 24 ? -1.517  -8.296  -8.577  1.00 17.67 ? 26  TRP A C     1 
ATOM   187  O O     . TRP A 1 24 ? -0.851  -8.574  -7.611  1.00 15.44 ? 26  TRP A O     1 
ATOM   188  C CB    . TRP A 1 24 ? -3.588  -6.961  -8.065  1.00 17.54 ? 26  TRP A CB    1 
ATOM   189  C CG    . TRP A 1 24 ? -5.078  -6.829  -8.144  1.00 21.85 ? 26  TRP A CG    1 
ATOM   190  C CD1   . TRP A 1 24 ? -5.879  -7.258  -9.146  1.00 25.92 ? 26  TRP A CD1   1 
ATOM   191  C CD2   . TRP A 1 24 ? -5.935  -6.230  -7.179  1.00 19.89 ? 26  TRP A CD2   1 
ATOM   192  N NE1   . TRP A 1 24 ? -7.173  -6.966  -8.873  1.00 27.00 ? 26  TRP A NE1   1 
ATOM   193  C CE2   . TRP A 1 24 ? -7.241  -6.338  -7.664  1.00 26.46 ? 26  TRP A CE2   1 
ATOM   194  C CE3   . TRP A 1 24 ? -5.727  -5.614  -5.947  1.00 20.11 ? 26  TRP A CE3   1 
ATOM   195  C CZ2   . TRP A 1 24 ? -8.333  -5.843  -6.965  1.00 23.54 ? 26  TRP A CZ2   1 
ATOM   196  C CZ3   . TRP A 1 24 ? -6.799  -5.138  -5.260  1.00 19.69 ? 26  TRP A CZ3   1 
ATOM   197  C CH2   . TRP A 1 24 ? -8.088  -5.249  -5.764  1.00 23.91 ? 26  TRP A CH2   1 
ATOM   198  N N     . THR A 1 25 ? -0.992  -8.000  -9.745  1.00 13.03 ? 27  THR A N     1 
ATOM   199  C CA    . THR A 1 25 ? 0.423   -7.769  -9.904  1.00 13.82 ? 27  THR A CA    1 
ATOM   200  C C     . THR A 1 25 ? 0.797   -6.331  -9.564  1.00 15.05 ? 27  THR A C     1 
ATOM   201  O O     . THR A 1 25 ? -0.018  -5.440  -9.653  1.00 14.49 ? 27  THR A O     1 
ATOM   202  C CB    . THR A 1 25 ? 0.909   -8.085  -11.328 1.00 15.80 ? 27  THR A CB    1 
ATOM   203  O OG1   . THR A 1 25 ? 0.331   -7.166  -12.233 1.00 14.12 ? 27  THR A OG1   1 
ATOM   204  C CG2   . THR A 1 25 ? 0.553   -9.503  -11.722 1.00 16.52 ? 27  THR A CG2   1 
ATOM   205  N N     . GLN A 1 26 ? 2.055   -6.136  -9.220  1.00 12.60 ? 28  GLN A N     1 
ATOM   206  C CA    . GLN A 1 26 ? 2.585   -4.830  -8.986  1.00 12.46 ? 28  GLN A CA    1 
ATOM   207  C C     . GLN A 1 26 ? 2.453   -4.047  -10.289 1.00 18.87 ? 28  GLN A C     1 
ATOM   208  O O     . GLN A 1 26 ? 2.026   -2.923  -10.281 1.00 14.98 ? 28  GLN A O     1 
ATOM   209  C CB    . GLN A 1 26 ? 4.042   -4.897  -8.543  1.00 14.47 ? 28  GLN A CB    1 
ATOM   210  C CG    . GLN A 1 26 ? 4.311   -5.567  -7.199  1.00 12.63 ? 28  GLN A CG    1 
ATOM   211  C CD    . GLN A 1 26 ? 5.758   -5.442  -6.771  1.00 13.90 ? 28  GLN A CD    1 
ATOM   212  O OE1   . GLN A 1 26 ? 6.577   -4.992  -7.518  1.00 13.13 ? 28  GLN A OE1   1 
ATOM   213  N NE2   . GLN A 1 26 ? 6.051   -5.823  -5.561  1.00 10.96 ? 28  GLN A NE2   1 
ATOM   214  N N     . ALA A 1 27 ? 2.771   -4.681  -11.410 1.00 15.56 ? 29  ALA A N     1 
ATOM   215  C CA    . ALA A 1 27 ? 2.743   -4.007  -12.691 1.00 15.54 ? 29  ALA A CA    1 
ATOM   216  C C     . ALA A 1 27 ? 1.362   -3.483  -13.068 1.00 16.57 ? 29  ALA A C     1 
ATOM   217  O O     . ALA A 1 27 ? 1.238   -2.366  -13.504 1.00 19.54 ? 29  ALA A O     1 
ATOM   218  C CB    . ALA A 1 27 ? 3.278   -4.913  -13.780 1.00 17.82 ? 29  ALA A CB    1 
ATOM   219  N N     . GLU A 1 28 ? 0.337   -4.289  -12.870 1.00 15.02 ? 30  GLU A N     1 
ATOM   220  C CA    . GLU A 1 28 ? -1.016  -3.840  -13.126 1.00 19.62 ? 30  GLU A CA    1 
ATOM   221  C C     . GLU A 1 28 ? -1.508  -2.698  -12.233 1.00 22.51 ? 30  GLU A C     1 
ATOM   222  O O     . GLU A 1 28 ? -2.164  -1.809  -12.716 1.00 22.17 ? 30  GLU A O     1 
ATOM   223  C CB    . GLU A 1 28 ? -2.028  -4.985  -13.212 1.00 22.80 ? 30  GLU A CB    1 
ATOM   224  C CG    . GLU A 1 28 ? -2.380  -5.663  -11.921 1.00 20.22 ? 30  GLU A CG    1 
ATOM   225  C CD    . GLU A 1 28 ? -3.354  -6.807  -12.112 1.00 25.72 ? 30  GLU A CD    1 
ATOM   226  O OE1   . GLU A 1 28 ? -3.043  -7.921  -11.709 1.00 25.56 ? 30  GLU A OE1   1 
ATOM   227  O OE2   . GLU A 1 28 ? -4.432  -6.590  -12.659 1.00 30.83 ? 30  GLU A OE2   1 
ATOM   228  N N     . LEU A 1 29 ? -1.193  -2.722  -10.950 1.00 16.27 ? 31  LEU A N     1 
ATOM   229  C CA    . LEU A 1 29 ? -1.536  -1.601  -10.099 1.00 17.32 ? 31  LEU A CA    1 
ATOM   230  C C     . LEU A 1 29 ? -0.804  -0.324  -10.535 1.00 19.96 ? 31  LEU A C     1 
ATOM   231  O O     . LEU A 1 29 ? -1.402  0.726   -10.674 1.00 19.18 ? 31  LEU A O     1 
ATOM   232  C CB    . LEU A 1 29 ? -1.239  -1.916  -8.637  1.00 15.03 ? 31  LEU A CB    1 
ATOM   233  C CG    . LEU A 1 29 ? -1.883  -3.164  -8.043  1.00 16.41 ? 31  LEU A CG    1 
ATOM   234  C CD1   . LEU A 1 29 ? -1.594  -3.287  -6.563  1.00 15.81 ? 31  LEU A CD1   1 
ATOM   235  C CD2   . LEU A 1 29 ? -3.366  -3.167  -8.285  1.00 19.43 ? 31  LEU A CD2   1 
ATOM   236  N N     . ALA A 1 30 ? 0.481   -0.458  -10.812 1.00 16.87 ? 32  ALA A N     1 
ATOM   237  C CA    . ALA A 1 30 ? 1.320   0.650   -11.172 1.00 17.79 ? 32  ALA A CA    1 
ATOM   238  C C     . ALA A 1 30 ? 0.809   1.329   -12.436 1.00 25.16 ? 32  ALA A C     1 
ATOM   239  O O     . ALA A 1 30 ? 0.824   2.530   -12.524 1.00 24.10 ? 32  ALA A O     1 
ATOM   240  C CB    . ALA A 1 30 ? 2.746   0.191   -11.365 1.00 16.22 ? 32  ALA A CB    1 
ATOM   241  N N     . LYS A 1 31 ? 0.360   0.539   -13.393 1.00 21.88 ? 33  LYS A N     1 
ATOM   242  C CA    . LYS A 1 31 ? -0.220  1.051   -14.615 1.00 26.70 ? 33  LYS A CA    1 
ATOM   243  C C     . LYS A 1 31 ? -1.508  1.814   -14.384 1.00 28.43 ? 33  LYS A C     1 
ATOM   244  O O     . LYS A 1 31 ? -1.720  2.862   -14.946 1.00 30.46 ? 33  LYS A O     1 
ATOM   245  C CB    . LYS A 1 31 ? -0.495  -0.081  -15.570 1.00 27.67 ? 33  LYS A CB    1 
ATOM   246  C CG    . LYS A 1 31 ? -0.887  0.369   -16.953 1.00 37.95 ? 33  LYS A CG    1 
ATOM   247  C CD    . LYS A 1 31 ? -0.574  -0.704  -17.964 1.00 44.37 ? 33  LYS A CD    1 
ATOM   248  C CE    . LYS A 1 31 ? -1.590  -0.723  -19.086 1.00 55.39 ? 33  LYS A CE    1 
ATOM   249  N NZ    . LYS A 1 31 ? -1.281  -1.850  -20.001 1.00 64.97 ? 33  LYS A NZ    1 
ATOM   250  N N     . LYS A 1 32 ? -2.346  1.267   -13.531 1.00 25.67 ? 34  LYS A N     1 
ATOM   251  C CA    . LYS A 1 32 ? -3.630  1.825   -13.246 1.00 25.95 ? 34  LYS A CA    1 
ATOM   252  C C     . LYS A 1 32 ? -3.456  3.229   -12.671 1.00 29.22 ? 34  LYS A C     1 
ATOM   253  O O     . LYS A 1 32 ? -4.196  4.127   -13.009 1.00 26.64 ? 34  LYS A O     1 
ATOM   254  C CB    . LYS A 1 32 ? -4.371  0.906   -12.271 1.00 27.15 ? 34  LYS A CB    1 
ATOM   255  C CG    . LYS A 1 32 ? -5.795  1.309   -11.953 1.00 34.86 ? 34  LYS A CG    1 
ATOM   256  C CD    . LYS A 1 32 ? -6.653  0.135   -11.499 1.00 38.05 ? 34  LYS A CD    1 
ATOM   257  C CE    . LYS A 1 32 ? -6.356  -0.280  -10.063 1.00 39.32 ? 34  LYS A CE    1 
ATOM   258  N NZ    . LYS A 1 32 ? -7.122  -1.454  -9.555  1.00 36.28 ? 34  LYS A NZ    1 
ATOM   259  N N     . ILE A 1 33 ? -2.460  3.418   -11.824 1.00 23.05 ? 35  ILE A N     1 
ATOM   260  C CA    . ILE A 1 33 ? -2.261  4.687   -11.147 1.00 25.69 ? 35  ILE A CA    1 
ATOM   261  C C     . ILE A 1 33 ? -1.146  5.564   -11.704 1.00 25.08 ? 35  ILE A C     1 
ATOM   262  O O     . ILE A 1 33 ? -0.846  6.584   -11.148 1.00 28.53 ? 35  ILE A O     1 
ATOM   263  C CB    . ILE A 1 33 ? -2.068  4.501   -9.630  1.00 24.86 ? 35  ILE A CB    1 
ATOM   264  C CG1   . ILE A 1 33 ? -0.842  3.646   -9.340  1.00 19.10 ? 35  ILE A CG1   1 
ATOM   265  C CG2   . ILE A 1 33 ? -3.317  3.916   -9.003  1.00 20.89 ? 35  ILE A CG2   1 
ATOM   266  C CD1   . ILE A 1 33 ? -0.615  3.408   -7.874  1.00 17.54 ? 35  ILE A CD1   1 
ATOM   267  N N     . GLY A 1 34 ? -0.556  5.161   -12.811 1.00 23.29 ? 36  GLY A N     1 
ATOM   268  C CA    . GLY A 1 34 ? 0.536   5.896   -13.401 1.00 24.46 ? 36  GLY A CA    1 
ATOM   269  C C     . GLY A 1 34 ? 1.817   6.111   -12.629 1.00 27.47 ? 36  GLY A C     1 
ATOM   270  O O     . GLY A 1 34 ? 2.369   7.177   -12.647 1.00 26.71 ? 36  GLY A O     1 
ATOM   271  N N     . ILE A 1 35 ? 2.309   5.074   -11.976 1.00 23.97 ? 37  ILE A N     1 
ATOM   272  C CA    . ILE A 1 35 ? 3.591   5.120   -11.303 1.00 19.25 ? 37  ILE A CA    1 
ATOM   273  C C     . ILE A 1 35 ? 4.391   3.891   -11.702 1.00 19.00 ? 37  ILE A C     1 
ATOM   274  O O     . ILE A 1 35 ? 3.867   3.008   -12.329 1.00 19.80 ? 37  ILE A O     1 
ATOM   275  C CB    . ILE A 1 35 ? 3.482   5.220   -9.772  1.00 21.16 ? 37  ILE A CB    1 
ATOM   276  C CG1   . ILE A 1 35 ? 2.969   3.913   -9.172  1.00 17.48 ? 37  ILE A CG1   1 
ATOM   277  C CG2   . ILE A 1 35 ? 2.653   6.413   -9.359  1.00 21.92 ? 37  ILE A CG2   1 
ATOM   278  C CD1   . ILE A 1 35 ? 2.969   3.894   -7.669  1.00 14.23 ? 37  ILE A CD1   1 
ATOM   279  N N     . LYS A 1 36 ? 5.663   3.876   -11.361 1.00 17.01 ? 38  LYS A N     1 
ATOM   280  C CA    . LYS A 1 36 ? 6.509   2.739   -11.658 1.00 18.64 ? 38  LYS A CA    1 
ATOM   281  C C     . LYS A 1 36 ? 6.220   1.508   -10.796 1.00 18.02 ? 38  LYS A C     1 
ATOM   282  O O     . LYS A 1 36 ? 5.939   1.623   -9.628  1.00 12.81 ? 38  LYS A O     1 
ATOM   283  C CB    . LYS A 1 36 ? 7.968   3.129   -11.542 1.00 17.33 ? 38  LYS A CB    1 
ATOM   284  C CG    . LYS A 1 36 ? 8.363   4.263   -12.462 1.00 24.14 ? 38  LYS A CG    1 
ATOM   285  C CD    . LYS A 1 36 ? 9.851   4.495   -12.419 1.00 28.93 ? 38  LYS A CD    1 
ATOM   286  C CE    . LYS A 1 36 ? 10.592  3.388   -13.131 1.00 28.45 ? 38  LYS A CE    1 
ATOM   287  N NZ    . LYS A 1 36 ? 11.980  3.319   -12.649 1.00 28.68 ? 38  LYS A NZ    1 
ATOM   288  N N     . GLN A 1 37 ? 6.366   0.341   -11.406 1.00 15.42 ? 39  GLN A N     1 
ATOM   289  C CA    . GLN A 1 37 ? 6.283   -0.934  -10.727 1.00 14.60 ? 39  GLN A CA    1 
ATOM   290  C C     . GLN A 1 37 ? 7.371   -0.982  -9.670  1.00 14.59 ? 39  GLN A C     1 
ATOM   291  O O     . GLN A 1 37 ? 7.165   -1.468  -8.589  1.00 12.02 ? 39  GLN A O     1 
ATOM   292  C CB    . GLN A 1 37 ? 6.450   -2.080  -11.721 1.00 17.09 ? 39  GLN A CB    1 
ATOM   293  C CG    . GLN A 1 37 ? 6.650   -3.445  -11.096 1.00 14.53 ? 39  GLN A CG    1 
ATOM   294  C CD    . GLN A 1 37 ? 8.104   -3.797  -10.875 1.00 16.79 ? 39  GLN A CD    1 
ATOM   295  O OE1   . GLN A 1 37 ? 8.914   -3.605  -11.730 1.00 17.45 ? 39  GLN A OE1   1 
ATOM   296  N NE2   . GLN A 1 37 ? 8.421   -4.302  -9.717  1.00 14.13 ? 39  GLN A NE2   1 
ATOM   297  N N     . ALA A 1 38 ? 8.513   -0.409  -9.999  1.00 13.07 ? 40  ALA A N     1 
ATOM   298  C CA    . ALA A 1 38 ? 9.649   -0.381  -9.112  1.00 15.78 ? 40  ALA A CA    1 
ATOM   299  C C     . ALA A 1 38 ? 9.284   0.355   -7.829  1.00 13.62 ? 40  ALA A C     1 
ATOM   300  O O     . ALA A 1 38 ? 9.688   -0.026  -6.775  1.00 14.29 ? 40  ALA A O     1 
ATOM   301  C CB    . ALA A 1 38 ? 10.837  0.270   -9.780  1.00 17.22 ? 40  ALA A CB    1 
ATOM   302  N N     . THR A 1 39 ? 8.492   1.400   -7.965  1.00 14.47 ? 41  THR A N     1 
ATOM   303  C CA    . THR A 1 39 ? 8.030   2.181   -6.836  1.00 15.65 ? 41  THR A CA    1 
ATOM   304  C C     . THR A 1 39 ? 7.160   1.346   -5.891  1.00 14.27 ? 41  THR A C     1 
ATOM   305  O O     . THR A 1 39 ? 7.309   1.401   -4.693  1.00 12.53 ? 41  THR A O     1 
ATOM   306  C CB    . THR A 1 39 ? 7.245   3.419   -7.301  1.00 15.84 ? 41  THR A CB    1 
ATOM   307  O OG1   . THR A 1 39 ? 8.063   4.218   -8.144  1.00 16.88 ? 41  THR A OG1   1 
ATOM   308  C CG2   . THR A 1 39 ? 6.757   4.237   -6.112  1.00 16.94 ? 41  THR A CG2   1 
ATOM   309  N N     . ILE A 1 40 ? 6.265   0.561   -6.456  1.00 11.34 ? 42  ILE A N     1 
ATOM   310  C CA    . ILE A 1 40 ? 5.457   -0.330  -5.651  1.00 12.54 ? 42  ILE A CA    1 
ATOM   311  C C     . ILE A 1 40 ? 6.345   -1.366  -4.940  1.00 14.42 ? 42  ILE A C     1 
ATOM   312  O O     . ILE A 1 40 ? 6.154   -1.662  -3.783  1.00 11.62 ? 42  ILE A O     1 
ATOM   313  C CB    . ILE A 1 40 ? 4.322   -0.991  -6.461  1.00 11.66 ? 42  ILE A CB    1 
ATOM   314  C CG1   . ILE A 1 40 ? 3.326   0.063   -6.952  1.00 12.73 ? 42  ILE A CG1   1 
ATOM   315  C CG2   . ILE A 1 40 ? 3.629   -2.060  -5.643  1.00 11.66 ? 42  ILE A CG2   1 
ATOM   316  C CD1   . ILE A 1 40 ? 2.230   -0.485  -7.815  1.00 12.40 ? 42  ILE A CD1   1 
ATOM   317  N N     . SER A 1 41 ? 7.336   -1.883  -5.642  1.00 14.01 ? 43  SER A N     1 
ATOM   318  C CA    . SER A 1 41 ? 8.239   -2.832  -5.027  1.00 12.54 ? 43  SER A CA    1 
ATOM   319  C C     . SER A 1 41 ? 8.978   -2.152  -3.855  1.00 13.10 ? 43  SER A C     1 
ATOM   320  O O     . SER A 1 41 ? 9.112   -2.717  -2.804  1.00 13.74 ? 43  SER A O     1 
ATOM   321  C CB    . SER A 1 41 ? 9.208   -3.416  -6.046  1.00 11.27 ? 43  SER A CB    1 
ATOM   322  O OG    . SER A 1 41 ? 10.228  -4.133  -5.430  1.00 11.97 ? 43  SER A OG    1 
ATOM   323  N N     . ASN A 1 42 ? 9.418   -0.926  -4.050  1.00 11.92 ? 44  ASN A N     1 
ATOM   324  C CA    . ASN A 1 42 ? 10.084  -0.201  -2.986  1.00 14.40 ? 44  ASN A CA    1 
ATOM   325  C C     . ASN A 1 42 ? 9.153   0.023   -1.791  1.00 12.83 ? 44  ASN A C     1 
ATOM   326  O O     . ASN A 1 42 ? 9.586   -0.100  -0.684  1.00 12.95 ? 44  ASN A O     1 
ATOM   327  C CB    . ASN A 1 42 ? 10.702  1.116   -3.456  1.00 17.68 ? 44  ASN A CB    1 
ATOM   328  C CG    . ASN A 1 42 ? 11.524  1.805   -2.371  1.00 21.35 ? 44  ASN A CG    1 
ATOM   329  O OD1   . ASN A 1 42 ? 12.647  1.440   -2.109  1.00 25.00 ? 44  ASN A OD1   1 
ATOM   330  N ND2   . ASN A 1 42 ? 10.942  2.789   -1.729  1.00 20.17 ? 44  ASN A ND2   1 
ATOM   331  N N     . PHE A 1 43 ? 7.883   0.328   -2.044  1.00 11.08 ? 45  PHE A N     1 
ATOM   332  C CA    . PHE A 1 43 ? 6.937   0.537   -0.968  1.00 11.82 ? 45  PHE A CA    1 
ATOM   333  C C     . PHE A 1 43 ? 6.750   -0.735  -0.139  1.00 12.61 ? 45  PHE A C     1 
ATOM   334  O O     . PHE A 1 43 ? 6.811   -0.686  1.055   1.00 12.51 ? 45  PHE A O     1 
ATOM   335  C CB    . PHE A 1 43 ? 5.577   1.004   -1.507  1.00 10.25 ? 45  PHE A CB    1 
ATOM   336  C CG    . PHE A 1 43 ? 4.440   0.879   -0.519  1.00 12.74 ? 45  PHE A CG    1 
ATOM   337  C CD1   . PHE A 1 43 ? 4.379   1.683   0.598   1.00 14.24 ? 45  PHE A CD1   1 
ATOM   338  C CD2   . PHE A 1 43 ? 3.468   -0.076  -0.684  1.00 11.22 ? 45  PHE A CD2   1 
ATOM   339  C CE1   . PHE A 1 43 ? 3.342   1.551   1.504   1.00 17.76 ? 45  PHE A CE1   1 
ATOM   340  C CE2   . PHE A 1 43 ? 2.428   -0.207  0.204   1.00 12.08 ? 45  PHE A CE2   1 
ATOM   341  C CZ    . PHE A 1 43 ? 2.360   0.605   1.302   1.00 12.05 ? 45  PHE A CZ    1 
ATOM   342  N N     . GLU A 1 44 ? 6.522   -1.851  -0.810  1.00 12.54 ? 46  GLU A N     1 
ATOM   343  C CA    . GLU A 1 44 ? 6.261   -3.114  -0.139  1.00 13.65 ? 46  GLU A CA    1 
ATOM   344  C C     . GLU A 1 44 ? 7.456   -3.570  0.713   1.00 13.18 ? 46  GLU A C     1 
ATOM   345  O O     . GLU A 1 44 ? 7.287   -4.079  1.782   1.00 13.29 ? 46  GLU A O     1 
ATOM   346  C CB    . GLU A 1 44 ? 5.809   -4.183  -1.138  1.00 11.75 ? 46  GLU A CB    1 
ATOM   347  C CG    . GLU A 1 44 ? 4.424   -3.919  -1.714  1.00 11.80 ? 46  GLU A CG    1 
ATOM   348  C CD    . GLU A 1 44 ? 3.851   -5.070  -2.536  1.00 16.39 ? 46  GLU A CD    1 
ATOM   349  O OE1   . GLU A 1 44 ? 4.586   -5.987  -2.894  1.00 13.50 ? 46  GLU A OE1   1 
ATOM   350  O OE2   . GLU A 1 44 ? 2.654   -5.040  -2.803  1.00 11.45 ? 46  GLU A OE2   1 
ATOM   351  N N     . ASN A 1 45 ? 8.654   -3.367  0.207   1.00 11.65 ? 47  ASN A N     1 
ATOM   352  C CA    . ASN A 1 45 ? 9.852   -3.831  0.872   1.00 16.12 ? 47  ASN A CA    1 
ATOM   353  C C     . ASN A 1 45 ? 10.612  -2.833  1.724   1.00 16.26 ? 47  ASN A C     1 
ATOM   354  O O     . ASN A 1 45 ? 11.249  -3.198  2.669   1.00 18.09 ? 47  ASN A O     1 
ATOM   355  C CB    . ASN A 1 45 ? 10.770  -4.502  -0.140  1.00 16.67 ? 47  ASN A CB    1 
ATOM   356  C CG    . ASN A 1 45 ? 10.108  -5.683  -0.777  1.00 20.81 ? 47  ASN A CG    1 
ATOM   357  O OD1   . ASN A 1 45 ? 9.871   -6.674  -0.123  1.00 20.09 ? 47  ASN A OD1   1 
ATOM   358  N ND2   . ASN A 1 45 ? 9.746   -5.554  -2.033  1.00 16.77 ? 47  ASN A ND2   1 
ATOM   359  N N     . ASN A 1 46 ? 10.540  -1.579  1.347   1.00 13.36 ? 48  ASN A N     1 
ATOM   360  C CA    . ASN A 1 46 ? 11.295  -0.550  1.982   1.00 15.70 ? 48  ASN A CA    1 
ATOM   361  C C     . ASN A 1 46 ? 10.420  0.697   2.234   1.00 15.30 ? 48  ASN A C     1 
ATOM   362  O O     . ASN A 1 46 ? 10.732  1.760   1.763   1.00 14.11 ? 48  ASN A O     1 
ATOM   363  C CB    . ASN A 1 46 ? 12.460  -0.234  1.061   1.00 19.73 ? 48  ASN A CB    1 
ATOM   364  C CG    . ASN A 1 46 ? 13.513  0.608   1.715   1.00 29.06 ? 48  ASN A CG    1 
ATOM   365  O OD1   . ASN A 1 46 ? 13.778  0.473   2.888   1.00 33.78 ? 48  ASN A OD1   1 
ATOM   366  N ND2   . ASN A 1 46 ? 14.115  1.488   0.951   1.00 31.03 ? 48  ASN A ND2   1 
ATOM   367  N N     . PRO A 1 47 ? 9.339   0.536   2.991   1.00 13.65 ? 49  PRO A N     1 
ATOM   368  C CA    . PRO A 1 47 ? 8.302   1.576   3.103   1.00 13.05 ? 49  PRO A CA    1 
ATOM   369  C C     . PRO A 1 47 ? 8.634   2.877   3.864   1.00 13.75 ? 49  PRO A C     1 
ATOM   370  O O     . PRO A 1 47 ? 7.949   3.853   3.688   1.00 13.87 ? 49  PRO A O     1 
ATOM   371  C CB    . PRO A 1 47 ? 7.161   0.858   3.797   1.00 11.53 ? 49  PRO A CB    1 
ATOM   372  C CG    . PRO A 1 47 ? 7.821   -0.172  4.600   1.00 12.54 ? 49  PRO A CG    1 
ATOM   373  C CD    . PRO A 1 47 ? 8.989   -0.638  3.795   1.00 12.17 ? 49  PRO A CD    1 
ATOM   374  N N     . ASP A 1 48 ? 9.669   2.870   4.677   1.00 14.16 ? 50  ASP A N     1 
ATOM   375  C CA    . ASP A 1 48 ? 9.907   3.927   5.644   1.00 14.71 ? 50  ASP A CA    1 
ATOM   376  C C     . ASP A 1 48 ? 10.054  5.324   5.030   1.00 15.18 ? 50  ASP A C     1 
ATOM   377  O O     . ASP A 1 48 ? 9.538   6.267   5.563   1.00 15.47 ? 50  ASP A O     1 
ATOM   378  C CB    . ASP A 1 48 ? 11.154  3.626   6.464   1.00 14.99 ? 50  ASP A CB    1 
ATOM   379  C CG    . ASP A 1 48 ? 10.894  2.717   7.626   1.00 19.54 ? 50  ASP A CG    1 
ATOM   380  O OD1   . ASP A 1 48 ? 9.760   2.392   7.917   1.00 20.22 ? 50  ASP A OD1   1 
ATOM   381  O OD2   . ASP A 1 48 ? 11.852  2.325   8.261   1.00 27.14 ? 50  ASP A OD2   1 
ATOM   382  N N     . ASN A 1 49 ? 10.746  5.435   3.911   1.00 13.91 ? 51  ASN A N     1 
ATOM   383  C CA    . ASN A 1 49 ? 10.938  6.722   3.271   1.00 16.32 ? 51  ASN A CA    1 
ATOM   384  C C     . ASN A 1 49 ? 10.016  6.976   2.087   1.00 15.71 ? 51  ASN A C     1 
ATOM   385  O O     . ASN A 1 49 ? 10.177  7.941   1.388   1.00 19.94 ? 51  ASN A O     1 
ATOM   386  C CB    . ASN A 1 49 ? 12.402  6.956   2.921   1.00 19.91 ? 51  ASN A CB    1 
ATOM   387  C CG    . ASN A 1 49 ? 13.302  6.901   4.127   1.00 21.27 ? 51  ASN A CG    1 
ATOM   388  O OD1   . ASN A 1 49 ? 14.259  6.176   4.140   1.00 28.12 ? 51  ASN A OD1   1 
ATOM   389  N ND2   . ASN A 1 49 ? 12.992  7.667   5.131   1.00 22.03 ? 51  ASN A ND2   1 
ATOM   390  N N     . THR A 1 50 ? 9.060   6.085   1.886   1.00 14.45 ? 52  THR A N     1 
ATOM   391  C CA    . THR A 1 50 ? 8.027   6.235   0.885   1.00 12.86 ? 52  THR A CA    1 
ATOM   392  C C     . THR A 1 50 ? 7.160   7.483   1.161   1.00 12.68 ? 52  THR A C     1 
ATOM   393  O O     . THR A 1 50 ? 6.839   7.774   2.275   1.00 11.45 ? 52  THR A O     1 
ATOM   394  C CB    . THR A 1 50 ? 7.137   4.980   0.856   1.00 13.05 ? 52  THR A CB    1 
ATOM   395  O OG1   . THR A 1 50 ? 7.904   3.875   0.401   1.00 18.96 ? 52  THR A OG1   1 
ATOM   396  C CG2   . THR A 1 50 ? 5.973   5.161   -0.070  1.00 12.49 ? 52  THR A CG2   1 
ATOM   397  N N     . THR A 1 51 ? 6.841   8.226   0.123   1.00 10.50 ? 53  THR A N     1 
ATOM   398  C CA    . THR A 1 51 ? 6.023   9.418   0.251   1.00 12.15 ? 53  THR A CA    1 
ATOM   399  C C     . THR A 1 51 ? 4.528   9.160   0.469   1.00 12.34 ? 53  THR A C     1 
ATOM   400  O O     . THR A 1 51 ? 3.997   8.155   0.054   1.00 9.95  ? 53  THR A O     1 
ATOM   401  C CB    . THR A 1 51 ? 6.190   10.367  -0.943  1.00 14.34 ? 53  THR A CB    1 
ATOM   402  O OG1   . THR A 1 51 ? 5.629   9.779   -2.113  1.00 15.04 ? 53  THR A OG1   1 
ATOM   403  C CG2   . THR A 1 51 ? 7.646   10.716  -1.156  1.00 14.88 ? 53  THR A CG2   1 
ATOM   404  N N     . LEU A 1 52 ? 3.865   10.118  1.080   1.00 9.41  ? 54  LEU A N     1 
ATOM   405  C CA    . LEU A 1 52 ? 2.453   10.032  1.351   1.00 11.06 ? 54  LEU A CA    1 
ATOM   406  C C     . LEU A 1 52 ? 1.694   9.909   0.020   1.00 11.05 ? 54  LEU A C     1 
ATOM   407  O O     . LEU A 1 52 ? 0.738   9.191   -0.055  1.00 10.43 ? 54  LEU A O     1 
ATOM   408  C CB    . LEU A 1 52 ? 1.961   11.222  2.170   1.00 9.87  ? 54  LEU A CB    1 
ATOM   409  C CG    . LEU A 1 52 ? 2.320   11.251  3.653   1.00 11.41 ? 54  LEU A CG    1 
ATOM   410  C CD1   . LEU A 1 52 ? 1.685   12.384  4.407   1.00 9.88  ? 54  LEU A CD1   1 
ATOM   411  C CD2   . LEU A 1 52 ? 2.001   9.934   4.325   1.00 12.89 ? 54  LEU A CD2   1 
ATOM   412  N N     . THR A 1 53 ? 2.161   10.613  -1.003  1.00 11.67 ? 55  THR A N     1 
ATOM   413  C CA    . THR A 1 53 ? 1.544   10.579  -2.312  1.00 14.67 ? 55  THR A CA    1 
ATOM   414  C C     . THR A 1 53 ? 1.581   9.169   -2.905  1.00 12.28 ? 55  THR A C     1 
ATOM   415  O O     . THR A 1 53 ? 0.595   8.687   -3.395  1.00 11.50 ? 55  THR A O     1 
ATOM   416  C CB    . THR A 1 53 ? 2.223   11.572  -3.284  1.00 17.03 ? 55  THR A CB    1 
ATOM   417  O OG1   . THR A 1 53 ? 1.937   12.903  -2.876  1.00 18.23 ? 55  THR A OG1   1 
ATOM   418  C CG2   . THR A 1 53 ? 1.731   11.386  -4.691  1.00 14.78 ? 55  THR A CG2   1 
ATOM   419  N N     . THR A 1 54 ? 2.720   8.515   -2.817  1.00 12.94 ? 56  THR A N     1 
ATOM   420  C CA    . THR A 1 54 ? 2.818   7.159   -3.303  1.00 12.96 ? 56  THR A CA    1 
ATOM   421  C C     . THR A 1 54 ? 1.851   6.262   -2.529  1.00 10.51 ? 56  THR A C     1 
ATOM   422  O O     . THR A 1 54 ? 1.132   5.502   -3.121  1.00 10.97 ? 56  THR A O     1 
ATOM   423  C CB    . THR A 1 54 ? 4.253   6.627   -3.208  1.00 13.46 ? 56  THR A CB    1 
ATOM   424  O OG1   . THR A 1 54 ? 5.076   7.315   -4.146  1.00 13.73 ? 56  THR A OG1   1 
ATOM   425  C CG2   . THR A 1 54 ? 4.295   5.150   -3.490  1.00 10.85 ? 56  THR A CG2   1 
ATOM   426  N N     . PHE A 1 55 ? 1.789   6.429   -1.218  1.00 10.34 ? 57  PHE A N     1 
ATOM   427  C CA    . PHE A 1 55 ? 0.926   5.610   -0.398  1.00 10.38 ? 57  PHE A CA    1 
ATOM   428  C C     . PHE A 1 55 ? -0.540  5.762   -0.822  1.00 12.65 ? 57  PHE A C     1 
ATOM   429  O O     . PHE A 1 55 ? -1.189  4.781   -1.067  1.00 8.82  ? 57  PHE A O     1 
ATOM   430  C CB    . PHE A 1 55 ? 1.108   6.010   1.068   1.00 7.51  ? 57  PHE A CB    1 
ATOM   431  C CG    . PHE A 1 55 ? -0.022  5.611   1.977   1.00 10.88 ? 57  PHE A CG    1 
ATOM   432  C CD1   . PHE A 1 55 ? -0.496  4.317   2.010   1.00 10.65 ? 57  PHE A CD1   1 
ATOM   433  C CD2   . PHE A 1 55 ? -0.606  6.542   2.803   1.00 13.59 ? 57  PHE A CD2   1 
ATOM   434  C CE1   . PHE A 1 55 ? -1.518  3.962   2.850   1.00 11.16 ? 57  PHE A CE1   1 
ATOM   435  C CE2   . PHE A 1 55 ? -1.638  6.196   3.652   1.00 15.61 ? 57  PHE A CE2   1 
ATOM   436  C CZ    . PHE A 1 55 ? -2.094  4.901   3.673   1.00 12.90 ? 57  PHE A CZ    1 
ATOM   437  N N     . PHE A 1 56 ? -1.023  6.989   -0.967  1.00 8.51  ? 58  PHE A N     1 
ATOM   438  C CA    . PHE A 1 56 ? -2.407  7.204   -1.351  1.00 9.11  ? 58  PHE A CA    1 
ATOM   439  C C     . PHE A 1 56 ? -2.773  6.671   -2.736  1.00 9.34  ? 58  PHE A C     1 
ATOM   440  O O     . PHE A 1 56 ? -3.837  6.178   -2.930  1.00 10.25 ? 58  PHE A O     1 
ATOM   441  C CB    . PHE A 1 56 ? -2.883  8.635   -1.097  1.00 10.30 ? 58  PHE A CB    1 
ATOM   442  C CG    . PHE A 1 56 ? -3.225  8.897   0.337   1.00 10.61 ? 58  PHE A CG    1 
ATOM   443  C CD1   . PHE A 1 56 ? -4.433  8.486   0.863   1.00 8.55  ? 58  PHE A CD1   1 
ATOM   444  C CD2   . PHE A 1 56 ? -2.319  9.506   1.174   1.00 11.01 ? 58  PHE A CD2   1 
ATOM   445  C CE1   . PHE A 1 56 ? -4.734  8.695   2.188   1.00 9.55  ? 58  PHE A CE1   1 
ATOM   446  C CE2   . PHE A 1 56 ? -2.614  9.727   2.503   1.00 9.08  ? 58  PHE A CE2   1 
ATOM   447  C CZ    . PHE A 1 56 ? -3.815  9.316   3.015   1.00 9.47  ? 58  PHE A CZ    1 
ATOM   448  N N     . LYS A 1 57 ? -1.855  6.779   -3.673  1.00 8.75  ? 59  LYS A N     1 
ATOM   449  C CA    . LYS A 1 57 ? -2.061  6.268   -5.008  1.00 13.14 ? 59  LYS A CA    1 
ATOM   450  C C     . LYS A 1 57 ? -2.222  4.746   -5.015  1.00 11.64 ? 59  LYS A C     1 
ATOM   451  O O     . LYS A 1 57 ? -3.117  4.230   -5.624  1.00 13.05 ? 59  LYS A O     1 
ATOM   452  C CB    . LYS A 1 57 ? -0.930  6.705   -5.922  1.00 12.02 ? 59  LYS A CB    1 
ATOM   453  C CG    . LYS A 1 57 ? -1.009  8.170   -6.292  1.00 15.93 ? 59  LYS A CG    1 
ATOM   454  C CD    . LYS A 1 57 ? 0.079   8.577   -7.252  1.00 19.29 ? 59  LYS A CD    1 
ATOM   455  C CE    . LYS A 1 57 ? -0.132  10.001  -7.719  1.00 21.15 ? 59  LYS A CE    1 
ATOM   456  N NZ    . LYS A 1 57 ? 1.005   10.432  -8.537  1.00 24.12 ? 59  LYS A NZ    1 
ATOM   457  N N     . ILE A 1 58 ? -1.343  4.068   -4.291  1.00 12.15 ? 60  ILE A N     1 
ATOM   458  C CA    . ILE A 1 58 ? -1.402  2.625   -4.139  1.00 11.14 ? 60  ILE A CA    1 
ATOM   459  C C     . ILE A 1 58 ? -2.698  2.209   -3.440  1.00 11.81 ? 60  ILE A C     1 
ATOM   460  O O     . ILE A 1 58 ? -3.351  1.292   -3.862  1.00 11.46 ? 60  ILE A O     1 
ATOM   461  C CB    . ILE A 1 58 ? -0.151  2.049   -3.445  1.00 10.99 ? 60  ILE A CB    1 
ATOM   462  C CG1   . ILE A 1 58 ? 1.081   2.279   -4.316  1.00 10.54 ? 60  ILE A CG1   1 
ATOM   463  C CG2   . ILE A 1 58 ? -0.302  0.564   -3.213  1.00 9.31  ? 60  ILE A CG2   1 
ATOM   464  C CD1   . ILE A 1 58 ? 2.400   2.035   -3.640  1.00 9.23  ? 60  ILE A CD1   1 
ATOM   465  N N     . LEU A 1 59 ? -3.100  2.966   -2.430  1.00 10.01 ? 61  LEU A N     1 
ATOM   466  C CA    . LEU A 1 59 ? -4.319  2.684   -1.721  1.00 10.92 ? 61  LEU A CA    1 
ATOM   467  C C     . LEU A 1 59 ? -5.488  2.713   -2.691  1.00 11.70 ? 61  LEU A C     1 
ATOM   468  O O     . LEU A 1 59 ? -6.289  1.822   -2.679  1.00 14.61 ? 61  LEU A O     1 
ATOM   469  C CB    . LEU A 1 59 ? -4.578  3.767   -0.690  1.00 10.51 ? 61  LEU A CB    1 
ATOM   470  C CG    . LEU A 1 59 ? -4.485  3.619   0.807   1.00 17.75 ? 61  LEU A CG    1 
ATOM   471  C CD1   . LEU A 1 59 ? -5.213  4.752   1.496   1.00 11.84 ? 61  LEU A CD1   1 
ATOM   472  C CD2   . LEU A 1 59 ? -4.842  2.264   1.377   1.00 12.01 ? 61  LEU A CD2   1 
ATOM   473  N N     . GLN A 1 60 ? -5.525  3.713   -3.561  1.00 11.26 ? 62  GLN A N     1 
ATOM   474  C CA    . GLN A 1 60 ? -6.558  3.822   -4.571  1.00 13.99 ? 62  GLN A CA    1 
ATOM   475  C C     . GLN A 1 60 ? -6.552  2.619   -5.524  1.00 16.01 ? 62  GLN A C     1 
ATOM   476  O O     . GLN A 1 60 ? -7.587  2.062   -5.797  1.00 16.92 ? 62  GLN A O     1 
ATOM   477  C CB    . GLN A 1 60 ? -6.402  5.103   -5.385  1.00 14.50 ? 62  GLN A CB    1 
ATOM   478  C CG    . GLN A 1 60 ? -7.556  5.335   -6.339  1.00 19.07 ? 62  GLN A CG    1 
ATOM   479  C CD    . GLN A 1 60 ? -7.211  6.167   -7.559  1.00 25.04 ? 62  GLN A CD    1 
ATOM   480  O OE1   . GLN A 1 60 ? -6.064  6.491   -7.808  1.00 29.74 ? 62  GLN A OE1   1 
ATOM   481  N NE2   . GLN A 1 60 ? -8.223  6.537   -8.306  1.00 24.88 ? 62  GLN A NE2   1 
ATOM   482  N N     . SER A 1 61 ? -5.369  2.200   -5.933  1.00 11.27 ? 63  SER A N     1 
ATOM   483  C CA    . SER A 1 61 ? -5.215  1.070   -6.834  1.00 14.73 ? 63  SER A CA    1 
ATOM   484  C C     . SER A 1 61 ? -5.782  -0.206  -6.217  1.00 14.56 ? 63  SER A C     1 
ATOM   485  O O     . SER A 1 61 ? -6.285  -1.029  -6.923  1.00 15.77 ? 63  SER A O     1 
ATOM   486  C CB    . SER A 1 61 ? -3.764  0.868   -7.278  1.00 14.58 ? 63  SER A CB    1 
ATOM   487  O OG    . SER A 1 61 ? -3.010  0.199   -6.330  1.00 10.59 ? 63  SER A OG    1 
ATOM   488  N N     . LEU A 1 62 ? -5.706  -0.317  -4.898  1.00 11.69 ? 64  LEU A N     1 
ATOM   489  C CA    . LEU A 1 62 ? -6.151  -1.478  -4.169  1.00 12.78 ? 64  LEU A CA    1 
ATOM   490  C C     . LEU A 1 62 ? -7.633  -1.396  -3.783  1.00 15.74 ? 64  LEU A C     1 
ATOM   491  O O     . LEU A 1 62 ? -8.122  -2.216  -3.059  1.00 16.26 ? 64  LEU A O     1 
ATOM   492  C CB    . LEU A 1 62 ? -5.272  -1.720  -2.943  1.00 11.82 ? 64  LEU A CB    1 
ATOM   493  C CG    . LEU A 1 62 ? -3.803  -2.119  -3.107  1.00 12.21 ? 64  LEU A CG    1 
ATOM   494  C CD1   . LEU A 1 62 ? -3.059  -2.085  -1.783  1.00 9.85  ? 64  LEU A CD1   1 
ATOM   495  C CD2   . LEU A 1 62 ? -3.656  -3.477  -3.761  1.00 11.70 ? 64  LEU A CD2   1 
ATOM   496  N N     . GLU A 1 63 ? -8.315  -0.370  -4.259  1.00 14.14 ? 65  GLU A N     1 
ATOM   497  C CA    . GLU A 1 63 ? -9.702  -0.097  -3.910  1.00 16.76 ? 65  GLU A CA    1 
ATOM   498  C C     . GLU A 1 63 ? -9.913  0.124   -2.401  1.00 17.41 ? 65  GLU A C     1 
ATOM   499  O O     . GLU A 1 63 ? -10.918 -0.229  -1.844  1.00 16.89 ? 65  GLU A O     1 
ATOM   500  C CB    . GLU A 1 63 ? -10.622 -1.192  -4.464  1.00 21.81 ? 65  GLU A CB    1 
ATOM   501  C CG    . GLU A 1 63 ? -10.466 -1.379  -5.951  1.00 24.99 ? 65  GLU A CG    1 
ATOM   502  C CD    . GLU A 1 63 ? -11.267 -2.528  -6.540  1.00 37.48 ? 65  GLU A CD    1 
ATOM   503  O OE1   . GLU A 1 63 ? -11.663 -3.446  -5.818  1.00 39.19 ? 65  GLU A OE1   1 
ATOM   504  O OE2   . GLU A 1 63 ? -11.474 -2.515  -7.754  1.00 38.84 ? 65  GLU A OE2   1 
ATOM   505  N N     . LEU A 1 64 ? -8.929  0.740   -1.781  1.00 13.64 ? 66  LEU A N     1 
ATOM   506  C CA    . LEU A 1 64 ? -8.914  1.018   -0.370  1.00 13.34 ? 66  LEU A CA    1 
ATOM   507  C C     . LEU A 1 64 ? -8.867  2.507   -0.073  1.00 14.78 ? 66  LEU A C     1 
ATOM   508  O O     . LEU A 1 64 ? -8.434  3.294   -0.873  1.00 12.71 ? 66  LEU A O     1 
ATOM   509  C CB    . LEU A 1 64 ? -7.701  0.385   0.297   1.00 13.51 ? 66  LEU A CB    1 
ATOM   510  C CG    . LEU A 1 64 ? -7.514  -1.128  0.272   1.00 14.73 ? 66  LEU A CG    1 
ATOM   511  C CD1   . LEU A 1 64 ? -6.150  -1.488  0.803   1.00 11.68 ? 66  LEU A CD1   1 
ATOM   512  C CD2   . LEU A 1 64 ? -8.603  -1.806  1.054   1.00 12.99 ? 66  LEU A CD2   1 
ATOM   513  N N     . SER A 1 65 ? -9.270  2.815   1.139   1.00 12.97 ? 67  SER A N     1 
ATOM   514  C CA    . SER A 1 65 ? -9.178  4.101   1.767   1.00 15.99 ? 67  SER A CA    1 
ATOM   515  C C     . SER A 1 65 ? -8.573  3.820   3.146   1.00 14.98 ? 67  SER A C     1 
ATOM   516  O O     . SER A 1 65 ? -8.236  2.695   3.445   1.00 15.10 ? 67  SER A O     1 
ATOM   517  C CB    . SER A 1 65 ? -10.561 4.739   1.890   1.00 16.49 ? 67  SER A CB    1 
ATOM   518  O OG    . SER A 1 65 ? -10.507 5.972   2.538   1.00 19.86 ? 67  SER A OG    1 
ATOM   519  N N     . MET A 1 66 ? -8.435  4.849   3.963   1.00 12.17 ? 68  MET A N     1 
ATOM   520  C CA    . MET A 1 66 ? -7.975  4.709   5.328   1.00 13.70 ? 68  MET A CA    1 
ATOM   521  C C     . MET A 1 66 ? -8.707  5.672   6.244   1.00 15.21 ? 68  MET A C     1 
ATOM   522  O O     . MET A 1 66 ? -9.220  6.652   5.779   1.00 13.57 ? 68  MET A O     1 
ATOM   523  C CB    . MET A 1 66 ? -6.494  5.005   5.414   1.00 13.92 ? 68  MET A CB    1 
ATOM   524  C CG    . MET A 1 66 ? -6.143  6.407   4.956   1.00 17.83 ? 68  MET A CG    1 
ATOM   525  S SD    . MET A 1 66 ? -4.960  7.212   6.010   1.00 23.42 ? 68  MET A SD    1 
ATOM   526  C CE    . MET A 1 66 ? -5.829  7.347   7.525   1.00 17.31 ? 68  MET A CE    1 
ATOM   527  N N     . THR A 1 67 ? -8.721  5.381   7.533   1.00 13.42 ? 69  THR A N     1 
ATOM   528  C CA    . THR A 1 67 ? -9.177  6.317   8.555   1.00 17.85 ? 69  THR A CA    1 
ATOM   529  C C     . THR A 1 67 ? -8.231  6.349   9.748   1.00 17.86 ? 69  THR A C     1 
ATOM   530  O O     . THR A 1 67 ? -7.528  5.407   10.020  1.00 16.25 ? 69  THR A O     1 
ATOM   531  C CB    . THR A 1 67 ? -10.609 6.039   9.074   1.00 19.68 ? 69  THR A CB    1 
ATOM   532  O OG1   . THR A 1 67 ? -10.607 4.909   9.938   1.00 25.74 ? 69  THR A OG1   1 
ATOM   533  C CG2   . THR A 1 67 ? -11.553 5.787   7.955   1.00 22.35 ? 69  THR A CG2   1 
ATOM   534  N N     . LEU A 1 68 ? -8.242  7.462   10.438  1.00 11.45 ? 70  LEU A N     1 
ATOM   535  C CA    . LEU A 1 68 ? -7.639  7.579   11.734  1.00 14.78 ? 70  LEU A CA    1 
ATOM   536  C C     . LEU A 1 68 ? -8.478  6.901   12.805  1.00 17.18 ? 70  LEU A C     1 
ATOM   537  O O     . LEU A 1 68 ? -9.649  6.689   12.633  1.00 16.92 ? 70  LEU A O     1 
ATOM   538  C CB    . LEU A 1 68 ? -7.408  9.028   12.089  1.00 13.81 ? 70  LEU A CB    1 
ATOM   539  C CG    . LEU A 1 68 ? -6.657  9.865   11.076  1.00 14.67 ? 70  LEU A CG    1 
ATOM   540  C CD1   . LEU A 1 68 ? -6.951  11.331  11.271  1.00 16.50 ? 70  LEU A CD1   1 
ATOM   541  C CD2   . LEU A 1 68 ? -5.179  9.586   11.112  1.00 13.65 ? 70  LEU A CD2   1 
ATOM   542  N N     . CYS A 1 69 ? -7.829  6.556   13.892  1.00 15.44 ? 71  CYS A N     1 
ATOM   543  C CA    . CYS A 1 69 ? -8.471  6.001   15.053  1.00 19.58 ? 71  CYS A CA    1 
ATOM   544  C C     . CYS A 1 69 ? -7.596  6.197   16.275  1.00 21.92 ? 71  CYS A C     1 
ATOM   545  O O     . CYS A 1 69 ? -6.458  6.588   16.171  1.00 15.81 ? 71  CYS A O     1 
ATOM   546  C CB    . CYS A 1 69 ? -8.786  4.523   14.874  1.00 24.54 ? 71  CYS A CB    1 
ATOM   547  S SG    . CYS A 1 69 ? -7.361  3.506   14.556  1.00 24.26 ? 71  CYS A SG    1 
ATOM   548  N N     . ASP A 1 70 ? -8.152  5.880   17.431  1.00 24.55 ? 72  ASP A N     1 
ATOM   549  C CA    . ASP A 1 70 ? -7.408  5.961   18.661  1.00 25.21 ? 72  ASP A CA    1 
ATOM   550  C C     . ASP A 1 70 ? -6.318  4.912   18.705  1.00 25.01 ? 72  ASP A C     1 
ATOM   551  O O     . ASP A 1 70 ? -6.484  3.810   18.252  1.00 23.51 ? 72  ASP A O     1 
ATOM   552  C CB    . ASP A 1 70 ? -8.335  5.853   19.853  1.00 34.81 ? 72  ASP A CB    1 
ATOM   553  C CG    . ASP A 1 70 ? -9.359  6.961   19.882  1.00 35.43 ? 72  ASP A CG    1 
ATOM   554  O OD1   . ASP A 1 70 ? -9.061  8.085   19.455  1.00 38.10 ? 72  ASP A OD1   1 
ATOM   555  O OD2   . ASP A 1 70 ? -10.478 6.698   20.306  1.00 51.34 ? 72  ASP A OD2   1 
ATOM   556  N N     . ALA A 1 71 ? -5.186  5.296   19.246  1.00 21.37 ? 73  ALA A N     1 
ATOM   557  C CA    . ALA A 1 71 ? -4.051  4.416   19.407  1.00 24.92 ? 73  ALA A CA    1 
ATOM   558  C C     . ALA A 1 71 ? -4.354  3.221   20.346  1.00 31.64 ? 73  ALA A C     1 
ATOM   559  O O     . ALA A 1 71 ? -3.832  2.120   20.172  1.00 22.56 ? 73  ALA A O     1 
ATOM   560  C CB    . ALA A 1 71 ? -2.851  5.199   19.884  1.00 21.64 ? 73  ALA A CB    1 
ATOM   561  N N     . LYS A 1 72 ? -5.237  3.496   21.302  1.00 25.54 ? 74  LYS A N     1 
ATOM   562  C CA    . LYS A 1 72 ? -5.540  2.681   22.472  1.00 37.27 ? 74  LYS A CA    1 
ATOM   563  C C     . LYS A 1 72 ? -4.376  2.592   23.444  1.00 43.89 ? 74  LYS A C     1 
ATOM   564  O O     . LYS A 1 72 ? -4.183  3.466   24.282  1.00 48.83 ? 74  LYS A O     1 
ATOM   565  C CB    . LYS A 1 72 ? -6.057  1.294   22.112  1.00 35.42 ? 74  LYS A CB    1 
ATOM   566  C CG    . LYS A 1 72 ? -7.567  1.180   22.143  1.00 39.51 ? 74  LYS A CG    1 
ATOM   567  C CD    . LYS A 1 72 ? -8.051  -0.247  22.424  1.00 39.30 ? 74  LYS A CD    1 
ATOM   568  C CE    . LYS A 1 72 ? -7.143  -1.332  21.848  1.00 46.72 ? 74  LYS A CE    1 
ATOM   569  N NZ    . LYS A 1 72 ? -7.058  -1.367  20.360  1.00 39.39 ? 74  LYS A NZ    1 
ATOM   570  O "O5'" . DT  B 2 1  ? 2.940   -11.266 -13.457 1.00 18.39 ? 1   DT  B "O5'" 1 
ATOM   571  C "C5'" . DT  B 2 1  ? 3.199   -12.357 -12.578 1.00 14.52 ? 1   DT  B "C5'" 1 
ATOM   572  C "C4'" . DT  B 2 1  ? 4.451   -12.110 -11.775 1.00 15.12 ? 1   DT  B "C4'" 1 
ATOM   573  O "O4'" . DT  B 2 1  ? 5.586   -12.210 -12.640 1.00 13.52 ? 1   DT  B "O4'" 1 
ATOM   574  C "C3'" . DT  B 2 1  ? 4.541   -10.742 -11.096 1.00 12.66 ? 1   DT  B "C3'" 1 
ATOM   575  O "O3'" . DT  B 2 1  ? 4.282   -10.957 -9.705  1.00 16.95 ? 1   DT  B "O3'" 1 
ATOM   576  C "C2'" . DT  B 2 1  ? 5.948   -10.250 -11.403 1.00 13.81 ? 1   DT  B "C2'" 1 
ATOM   577  C "C1'" . DT  B 2 1  ? 6.617   -11.373 -12.190 1.00 13.54 ? 1   DT  B "C1'" 1 
ATOM   578  N N1    . DT  B 2 1  ? 7.391   -10.977 -13.368 1.00 13.66 ? 1   DT  B N1    1 
ATOM   579  C C2    . DT  B 2 1  ? 8.696   -11.391 -13.473 1.00 14.74 ? 1   DT  B C2    1 
ATOM   580  O O2    . DT  B 2 1  ? 9.270   -12.009 -12.599 1.00 15.61 ? 1   DT  B O2    1 
ATOM   581  N N3    . DT  B 2 1  ? 9.315   -11.040 -14.645 1.00 15.73 ? 1   DT  B N3    1 
ATOM   582  C C4    . DT  B 2 1  ? 8.759   -10.359 -15.708 1.00 15.60 ? 1   DT  B C4    1 
ATOM   583  O O4    . DT  B 2 1  ? 9.441   -10.102 -16.688 1.00 17.39 ? 1   DT  B O4    1 
ATOM   584  C C5    . DT  B 2 1  ? 7.380   -9.970  -15.536 1.00 15.64 ? 1   DT  B C5    1 
ATOM   585  C C7    . DT  B 2 1  ? 6.697   -9.218  -16.632 1.00 15.40 ? 1   DT  B C7    1 
ATOM   586  C C6    . DT  B 2 1  ? 6.769   -10.311 -14.398 1.00 15.10 ? 1   DT  B C6    1 
ATOM   587  P P     . DT  B 2 2  ? 4.194   -9.762  -8.657  1.00 13.45 ? 2   DT  B P     1 
ATOM   588  O OP1   . DT  B 2 2  ? 3.583   -10.275 -7.458  1.00 13.92 ? 2   DT  B OP1   1 
ATOM   589  O OP2   . DT  B 2 2  ? 3.630   -8.601  -9.304  1.00 13.95 ? 2   DT  B OP2   1 
ATOM   590  O "O5'" . DT  B 2 2  ? 5.712   -9.424  -8.378  1.00 14.60 ? 2   DT  B "O5'" 1 
ATOM   591  C "C5'" . DT  B 2 2  ? 6.596   -10.388 -7.809  1.00 16.12 ? 2   DT  B "C5'" 1 
ATOM   592  C "C4'" . DT  B 2 2  ? 8.005   -9.847  -7.756  1.00 14.66 ? 2   DT  B "C4'" 1 
ATOM   593  O "O4'" . DT  B 2 2  ? 8.584   -9.825  -9.080  1.00 16.74 ? 2   DT  B "O4'" 1 
ATOM   594  C "C3'" . DT  B 2 2  ? 8.156   -8.429  -7.200  1.00 14.82 ? 2   DT  B "C3'" 1 
ATOM   595  O "O3'" . DT  B 2 2  ? 9.322   -8.412  -6.386  1.00 17.11 ? 2   DT  B "O3'" 1 
ATOM   596  C "C2'" . DT  B 2 2  ? 8.452   -7.602  -8.434  1.00 14.73 ? 2   DT  B "C2'" 1 
ATOM   597  C "C1'" . DT  B 2 2  ? 9.255   -8.600  -9.249  1.00 16.95 ? 2   DT  B "C1'" 1 
ATOM   598  N N1    . DT  B 2 2  ? 9.378   -8.336  -10.690 1.00 16.56 ? 2   DT  B N1    1 
ATOM   599  C C2    . DT  B 2 2  ? 10.523  -8.749  -11.335 1.00 15.64 ? 2   DT  B C2    1 
ATOM   600  O O2    . DT  B 2 2  ? 11.432  -9.326  -10.773 1.00 13.61 ? 2   DT  B O2    1 
ATOM   601  N N3    . DT  B 2 2  ? 10.566  -8.447  -12.669 1.00 13.66 ? 2   DT  B N3    1 
ATOM   602  C C4    . DT  B 2 2  ? 9.601   -7.799  -13.409 1.00 16.57 ? 2   DT  B C4    1 
ATOM   603  O O4    . DT  B 2 2  ? 9.779   -7.605  -14.599 1.00 16.17 ? 2   DT  B O4    1 
ATOM   604  C C5    . DT  B 2 2  ? 8.437   -7.376  -12.667 1.00 13.63 ? 2   DT  B C5    1 
ATOM   605  C C7    . DT  B 2 2  ? 7.334   -6.669  -13.388 1.00 13.29 ? 2   DT  B C7    1 
ATOM   606  C C6    . DT  B 2 2  ? 8.381   -7.671  -11.364 1.00 16.20 ? 2   DT  B C6    1 
ATOM   607  P P     . DA  B 2 3  ? 9.334   -7.776  -4.958  1.00 13.92 ? 3   DA  B P     1 
ATOM   608  O OP1   . DA  B 2 3  ? 8.668   -8.678  -4.061  1.00 14.59 ? 3   DA  B OP1   1 
ATOM   609  O OP2   . DA  B 2 3  ? 8.871   -6.404  -5.060  1.00 14.57 ? 3   DA  B OP2   1 
ATOM   610  O "O5'" . DA  B 2 3  ? 10.878  -7.762  -4.632  1.00 12.48 ? 3   DA  B "O5'" 1 
ATOM   611  C "C5'" . DA  B 2 3  ? 11.648  -8.971  -4.698  1.00 17.18 ? 3   DA  B "C5'" 1 
ATOM   612  C "C4'" . DA  B 2 3  ? 12.993  -8.740  -5.346  1.00 16.11 ? 3   DA  B "C4'" 1 
ATOM   613  O "O4'" . DA  B 2 3  ? 12.847  -8.486  -6.760  1.00 15.93 ? 3   DA  B "O4'" 1 
ATOM   614  C "C3'" . DA  B 2 3  ? 13.822  -7.585  -4.784  1.00 17.28 ? 3   DA  B "C3'" 1 
ATOM   615  O "O3'" . DA  B 2 3  ? 15.155  -8.060  -4.642  1.00 19.79 ? 3   DA  B "O3'" 1 
ATOM   616  C "C2'" . DA  B 2 3  ? 13.695  -6.512  -5.846  1.00 18.50 ? 3   DA  B "C2'" 1 
ATOM   617  C "C1'" . DA  B 2 3  ? 13.553  -7.324  -7.117  1.00 16.16 ? 3   DA  B "C1'" 1 
ATOM   618  N N9    . DA  B 2 3  ? 12.813  -6.673  -8.191  1.00 16.66 ? 3   DA  B N9    1 
ATOM   619  C C8    . DA  B 2 3  ? 11.637  -5.981  -8.099  1.00 15.80 ? 3   DA  B C8    1 
ATOM   620  N N7    . DA  B 2 3  ? 11.207  -5.516  -9.245  1.00 18.51 ? 3   DA  B N7    1 
ATOM   621  C C5    . DA  B 2 3  ? 12.155  -5.951  -10.158 1.00 17.45 ? 3   DA  B C5    1 
ATOM   622  C C6    . DA  B 2 3  ? 12.276  -5.789  -11.550 1.00 18.61 ? 3   DA  B C6    1 
ATOM   623  N N6    . DA  B 2 3  ? 11.404  -5.118  -12.298 1.00 13.74 ? 3   DA  B N6    1 
ATOM   624  N N1    . DA  B 2 3  ? 13.352  -6.335  -12.150 1.00 17.71 ? 3   DA  B N1    1 
ATOM   625  C C2    . DA  B 2 3  ? 14.229  -7.008  -11.402 1.00 17.04 ? 3   DA  B C2    1 
ATOM   626  N N3    . DA  B 2 3  ? 14.233  -7.215  -10.091 1.00 17.30 ? 3   DA  B N3    1 
ATOM   627  C C4    . DA  B 2 3  ? 13.152  -6.661  -9.521  1.00 17.73 ? 3   DA  B C4    1 
ATOM   628  P P     . DT  B 2 4  ? 16.280  -7.192  -3.976  1.00 22.69 ? 4   DT  B P     1 
ATOM   629  O OP1   . DT  B 2 4  ? 17.234  -8.116  -3.386  1.00 27.63 ? 4   DT  B OP1   1 
ATOM   630  O OP2   . DT  B 2 4  ? 15.666  -6.175  -3.147  1.00 27.83 ? 4   DT  B OP2   1 
ATOM   631  O "O5'" . DT  B 2 4  ? 16.940  -6.458  -5.213  1.00 25.08 ? 4   DT  B "O5'" 1 
ATOM   632  C "C5'" . DT  B 2 4  ? 17.477  -7.221  -6.294  1.00 25.11 ? 4   DT  B "C5'" 1 
ATOM   633  C "C4'" . DT  B 2 4  ? 17.871  -6.324  -7.441  1.00 24.43 ? 4   DT  B "C4'" 1 
ATOM   634  O "O4'" . DT  B 2 4  ? 16.724  -5.965  -8.226  1.00 23.50 ? 4   DT  B "O4'" 1 
ATOM   635  C "C3'" . DT  B 2 4  ? 18.545  -5.008  -7.053  1.00 26.37 ? 4   DT  B "C3'" 1 
ATOM   636  O "O3'" . DT  B 2 4  ? 19.922  -5.141  -7.390  1.00 33.81 ? 4   DT  B "O3'" 1 
ATOM   637  C "C2'" . DT  B 2 4  ? 17.856  -3.969  -7.920  1.00 22.21 ? 4   DT  B "C2'" 1 
ATOM   638  C "C1'" . DT  B 2 4  ? 17.034  -4.777  -8.898  1.00 20.97 ? 4   DT  B "C1'" 1 
ATOM   639  N N1    . DT  B 2 4  ? 15.778  -4.145  -9.314  1.00 20.80 ? 4   DT  B N1    1 
ATOM   640  C C2    . DT  B 2 4  ? 15.558  -3.988  -10.661 1.00 21.91 ? 4   DT  B C2    1 
ATOM   641  O O2    . DT  B 2 4  ? 16.344  -4.361  -11.508 1.00 23.13 ? 4   DT  B O2    1 
ATOM   642  N N3    . DT  B 2 4  ? 14.372  -3.378  -10.981 1.00 18.93 ? 4   DT  B N3    1 
ATOM   643  C C4    . DT  B 2 4  ? 13.405  -2.924  -10.108 1.00 20.49 ? 4   DT  B C4    1 
ATOM   644  O O4    . DT  B 2 4  ? 12.388  -2.404  -10.543 1.00 15.14 ? 4   DT  B O4    1 
ATOM   645  C C5    . DT  B 2 4  ? 13.701  -3.125  -8.706  1.00 20.38 ? 4   DT  B C5    1 
ATOM   646  C C7    . DT  B 2 4  ? 12.711  -2.670  -7.681  1.00 16.34 ? 4   DT  B C7    1 
ATOM   647  C C6    . DT  B 2 4  ? 14.856  -3.719  -8.386  1.00 19.54 ? 4   DT  B C6    1 
ATOM   648  P P     . DC  B 2 5  ? 20.999  -4.097  -6.908  1.00 37.70 ? 5   DC  B P     1 
ATOM   649  O OP1   . DC  B 2 5  ? 22.198  -4.841  -6.549  1.00 36.93 ? 5   DC  B OP1   1 
ATOM   650  O OP2   . DC  B 2 5  ? 20.390  -3.191  -5.942  1.00 36.91 ? 5   DC  B OP2   1 
ATOM   651  O "O5'" . DC  B 2 5  ? 21.273  -3.249  -8.216  1.00 37.15 ? 5   DC  B "O5'" 1 
ATOM   652  C "C5'" . DC  B 2 5  ? 21.729  -3.891  -9.404  1.00 31.97 ? 5   DC  B "C5'" 1 
ATOM   653  C "C4'" . DC  B 2 5  ? 21.540  -2.981  -10.593 1.00 32.14 ? 5   DC  B "C4'" 1 
ATOM   654  O "O4'" . DC  B 2 5  ? 20.151  -2.885  -10.930 1.00 29.24 ? 5   DC  B "O4'" 1 
ATOM   655  C "C3'" . DC  B 2 5  ? 21.993  -1.541  -10.389 1.00 37.06 ? 5   DC  B "C3'" 1 
ATOM   656  O "O3'" . DC  B 2 5  ? 23.322  -1.368  -10.879 1.00 48.89 ? 5   DC  B "O3'" 1 
ATOM   657  C "C2'" . DC  B 2 5  ? 21.044  -0.744  -11.264 1.00 32.90 ? 5   DC  B "C2'" 1 
ATOM   658  C "C1'" . DC  B 2 5  ? 19.991  -1.741  -11.724 1.00 29.22 ? 5   DC  B "C1'" 1 
ATOM   659  N N1    . DC  B 2 5  ? 18.616  -1.264  -11.558 1.00 27.00 ? 5   DC  B N1    1 
ATOM   660  C C2    . DC  B 2 5  ? 17.923  -0.819  -12.682 1.00 27.36 ? 5   DC  B C2    1 
ATOM   661  O O2    . DC  B 2 5  ? 18.479  -0.865  -13.783 1.00 28.43 ? 5   DC  B O2    1 
ATOM   662  N N3    . DC  B 2 5  ? 16.661  -0.357  -12.540 1.00 28.70 ? 5   DC  B N3    1 
ATOM   663  C C4    . DC  B 2 5  ? 16.092  -0.335  -11.336 1.00 22.88 ? 5   DC  B C4    1 
ATOM   664  N N4    . DC  B 2 5  ? 14.845  0.119   -11.247 1.00 21.49 ? 5   DC  B N4    1 
ATOM   665  C C5    . DC  B 2 5  ? 16.779  -0.775  -10.170 1.00 22.95 ? 5   DC  B C5    1 
ATOM   666  C C6    . DC  B 2 5  ? 18.026  -1.232  -10.326 1.00 24.85 ? 5   DC  B C6    1 
ATOM   667  P P     . DC  B 2 6  ? 24.135  -0.059  -10.523 1.00 54.09 ? 6   DC  B P     1 
ATOM   668  O OP1   . DC  B 2 6  ? 25.559  -0.374  -10.667 1.00 53.13 ? 6   DC  B OP1   1 
ATOM   669  O OP2   . DC  B 2 6  ? 23.633  0.470   -9.249  1.00 45.75 ? 6   DC  B OP2   1 
ATOM   670  O "O5'" . DC  B 2 6  ? 23.684  0.966   -11.648 1.00 44.74 ? 6   DC  B "O5'" 1 
ATOM   671  C "C5'" . DC  B 2 6  ? 23.928  0.693   -13.031 1.00 42.54 ? 6   DC  B "C5'" 1 
ATOM   672  C "C4'" . DC  B 2 6  ? 23.492  1.858   -13.888 1.00 42.86 ? 6   DC  B "C4'" 1 
ATOM   673  O "O4'" . DC  B 2 6  ? 22.059  1.832   -14.018 1.00 37.85 ? 6   DC  B "O4'" 1 
ATOM   674  C "C3'" . DC  B 2 6  ? 23.857  3.240   -13.342 1.00 44.77 ? 6   DC  B "C3'" 1 
ATOM   675  O "O3'" . DC  B 2 6  ? 24.598  4.024   -14.278 1.00 54.68 ? 6   DC  B "O3'" 1 
ATOM   676  C "C2'" . DC  B 2 6  ? 22.528  3.942   -13.157 1.00 41.73 ? 6   DC  B "C2'" 1 
ATOM   677  C "C1'" . DC  B 2 6  ? 21.550  3.140   -13.983 1.00 36.67 ? 6   DC  B "C1'" 1 
ATOM   678  N N1    . DC  B 2 6  ? 20.231  3.086   -13.352 1.00 33.32 ? 6   DC  B N1    1 
ATOM   679  C C2    . DC  B 2 6  ? 19.144  3.650   -14.013 1.00 33.11 ? 6   DC  B C2    1 
ATOM   680  O O2    . DC  B 2 6  ? 19.319  4.153   -15.128 1.00 33.15 ? 6   DC  B O2    1 
ATOM   681  N N3    . DC  B 2 6  ? 17.930  3.630   -13.423 1.00 30.06 ? 6   DC  B N3    1 
ATOM   682  C C4    . DC  B 2 6  ? 17.783  3.079   -12.218 1.00 30.79 ? 6   DC  B C4    1 
ATOM   683  N N4    . DC  B 2 6  ? 16.568  3.081   -11.676 1.00 28.29 ? 6   DC  B N4    1 
ATOM   684  C C5    . DC  B 2 6  ? 18.879  2.503   -11.516 1.00 30.66 ? 6   DC  B C5    1 
ATOM   685  C C6    . DC  B 2 6  ? 20.076  2.533   -12.113 1.00 32.75 ? 6   DC  B C6    1 
ATOM   686  P P     . DT  B 2 7  ? 25.251  5.399   -13.819 1.00 57.45 ? 7   DT  B P     1 
ATOM   687  O OP1   . DT  B 2 7  ? 26.474  5.583   -14.608 1.00 59.83 ? 7   DT  B OP1   1 
ATOM   688  O OP2   . DT  B 2 7  ? 25.335  5.396   -12.350 1.00 51.62 ? 7   DT  B OP2   1 
ATOM   689  O "O5'" . DT  B 2 7  ? 24.158  6.479   -14.221 1.00 43.83 ? 7   DT  B "O5'" 1 
ATOM   690  C "C5'" . DT  B 2 7  ? 23.687  6.584   -15.566 1.00 43.05 ? 7   DT  B "C5'" 1 
ATOM   691  C "C4'" . DT  B 2 7  ? 22.623  7.649   -15.678 1.00 45.67 ? 7   DT  B "C4'" 1 
ATOM   692  O "O4'" . DT  B 2 7  ? 21.393  7.162   -15.105 1.00 47.37 ? 7   DT  B "O4'" 1 
ATOM   693  C "C3'" . DT  B 2 7  ? 22.947  8.967   -14.970 1.00 49.72 ? 7   DT  B "C3'" 1 
ATOM   694  O "O3'" . DT  B 2 7  ? 22.883  10.082  -15.864 1.00 54.65 ? 7   DT  B "O3'" 1 
ATOM   695  C "C2'" . DT  B 2 7  ? 21.892  9.090   -13.886 1.00 44.04 ? 7   DT  B "C2'" 1 
ATOM   696  C "C1'" . DT  B 2 7  ? 20.775  8.167   -14.332 1.00 44.61 ? 7   DT  B "C1'" 1 
ATOM   697  N N1    . DT  B 2 7  ? 20.088  7.510   -13.211 1.00 36.01 ? 7   DT  B N1    1 
ATOM   698  C C2    . DT  B 2 7  ? 18.729  7.665   -13.083 1.00 35.68 ? 7   DT  B C2    1 
ATOM   699  O O2    . DT  B 2 7  ? 18.058  8.313   -13.864 1.00 36.61 ? 7   DT  B O2    1 
ATOM   700  N N3    . DT  B 2 7  ? 18.179  7.013   -12.009 1.00 32.31 ? 7   DT  B N3    1 
ATOM   701  C C4    . DT  B 2 7  ? 18.841  6.257   -11.065 1.00 33.84 ? 7   DT  B C4    1 
ATOM   702  O O4    . DT  B 2 7  ? 18.216  5.741   -10.149 1.00 36.47 ? 7   DT  B O4    1 
ATOM   703  C C5    . DT  B 2 7  ? 20.266  6.145   -11.256 1.00 32.69 ? 7   DT  B C5    1 
ATOM   704  C C7    . DT  B 2 7  ? 21.067  5.346   -10.278 1.00 28.79 ? 7   DT  B C7    1 
ATOM   705  C C6    . DT  B 2 7  ? 20.810  6.768   -12.304 1.00 34.82 ? 7   DT  B C6    1 
ATOM   706  P P     . DC  B 2 8  ? 23.375  11.512  -15.376 1.00 56.65 ? 8   DC  B P     1 
ATOM   707  O OP1   . DC  B 2 8  ? 24.004  12.190  -16.515 1.00 58.24 ? 8   DC  B OP1   1 
ATOM   708  O OP2   . DC  B 2 8  ? 24.128  11.339  -14.120 1.00 47.28 ? 8   DC  B OP2   1 
ATOM   709  O "O5'" . DC  B 2 8  ? 22.017  12.260  -15.039 1.00 49.24 ? 8   DC  B "O5'" 1 
ATOM   710  C "C5'" . DC  B 2 8  ? 20.850  12.039  -15.838 1.00 47.73 ? 8   DC  B "C5'" 1 
ATOM   711  C "C4'" . DC  B 2 8  ? 19.694  12.827  -15.272 1.00 49.97 ? 8   DC  B "C4'" 1 
ATOM   712  O "O4'" . DC  B 2 8  ? 18.994  12.024  -14.295 1.00 48.92 ? 8   DC  B "O4'" 1 
ATOM   713  C "C3'" . DC  B 2 8  ? 20.106  14.112  -14.555 1.00 49.04 ? 8   DC  B "C3'" 1 
ATOM   714  O "O3'" . DC  B 2 8  ? 19.192  15.150  -14.904 1.00 56.19 ? 8   DC  B "O3'" 1 
ATOM   715  C "C2'" . DC  B 2 8  ? 20.019  13.746  -13.086 1.00 47.45 ? 8   DC  B "C2'" 1 
ATOM   716  C "C1'" . DC  B 2 8  ? 18.908  12.715  -13.063 1.00 45.53 ? 8   DC  B "C1'" 1 
ATOM   717  N N1    . DC  B 2 8  ? 19.023  11.725  -11.984 1.00 39.26 ? 8   DC  B N1    1 
ATOM   718  C C2    . DC  B 2 8  ? 17.858  11.267  -11.367 1.00 35.18 ? 8   DC  B C2    1 
ATOM   719  O O2    . DC  B 2 8  ? 16.766  11.708  -11.747 1.00 35.05 ? 8   DC  B O2    1 
ATOM   720  N N3    . DC  B 2 8  ? 17.951  10.352  -10.377 1.00 30.51 ? 8   DC  B N3    1 
ATOM   721  C C4    . DC  B 2 8  ? 19.147  9.900   -9.998  1.00 33.26 ? 8   DC  B C4    1 
ATOM   722  N N4    . DC  B 2 8  ? 19.191  9.005   -9.013  1.00 28.10 ? 8   DC  B N4    1 
ATOM   723  C C5    . DC  B 2 8  ? 20.351  10.351  -10.610 1.00 32.94 ? 8   DC  B C5    1 
ATOM   724  C C6    . DC  B 2 8  ? 20.243  11.253  -11.592 1.00 35.63 ? 8   DC  B C6    1 
ATOM   725  P P     . DA  B 2 9  ? 19.533  16.662  -14.559 1.00 59.18 ? 9   DA  B P     1 
ATOM   726  O OP1   . DA  B 2 9  ? 19.620  17.402  -15.827 1.00 61.71 ? 9   DA  B OP1   1 
ATOM   727  O OP2   . DA  B 2 9  ? 20.665  16.675  -13.613 1.00 43.11 ? 9   DA  B OP2   1 
ATOM   728  O "O5'" . DA  B 2 9  ? 18.211  17.147  -13.825 1.00 56.10 ? 9   DA  B "O5'" 1 
ATOM   729  C "C5'" . DA  B 2 9  ? 16.933  16.688  -14.279 1.00 53.67 ? 9   DA  B "C5'" 1 
ATOM   730  C "C4'" . DA  B 2 9  ? 15.917  16.823  -13.171 1.00 55.41 ? 9   DA  B "C4'" 1 
ATOM   731  O "O4'" . DA  B 2 9  ? 16.080  15.735  -12.235 1.00 47.90 ? 9   DA  B "O4'" 1 
ATOM   732  C "C3'" . DA  B 2 9  ? 16.041  18.111  -12.358 1.00 53.96 ? 9   DA  B "C3'" 1 
ATOM   733  O "O3'" . DA  B 2 9  ? 14.748  18.663  -12.116 1.00 55.38 ? 9   DA  B "O3'" 1 
ATOM   734  C "C2'" . DA  B 2 9  ? 16.696  17.661  -11.067 1.00 47.79 ? 9   DA  B "C2'" 1 
ATOM   735  C "C1'" . DA  B 2 9  ? 16.205  16.237  -10.921 1.00 44.49 ? 9   DA  B "C1'" 1 
ATOM   736  N N9    . DA  B 2 9  ? 17.125  15.366  -10.202 1.00 40.70 ? 9   DA  B N9    1 
ATOM   737  C C8    . DA  B 2 9  ? 18.494  15.331  -10.279 1.00 44.25 ? 9   DA  B C8    1 
ATOM   738  N N7    . DA  B 2 9  ? 19.045  14.429  -9.507  1.00 37.87 ? 9   DA  B N7    1 
ATOM   739  C C5    . DA  B 2 9  ? 17.966  13.833  -8.871  1.00 37.35 ? 9   DA  B C5    1 
ATOM   740  C C6    . DA  B 2 9  ? 17.880  12.805  -7.923  1.00 31.66 ? 9   DA  B C6    1 
ATOM   741  N N6    . DA  B 2 9  ? 18.939  12.165  -7.427  1.00 28.80 ? 9   DA  B N6    1 
ATOM   742  N N1    . DA  B 2 9  ? 16.651  12.446  -7.499  1.00 34.09 ? 9   DA  B N1    1 
ATOM   743  C C2    . DA  B 2 9  ? 15.589  13.087  -7.997  1.00 33.20 ? 9   DA  B C2    1 
ATOM   744  N N3    . DA  B 2 9  ? 15.541  14.066  -8.891  1.00 38.69 ? 9   DA  B N3    1 
ATOM   745  C C4    . DA  B 2 9  ? 16.778  14.400  -9.291  1.00 39.67 ? 9   DA  B C4    1 
ATOM   746  P P     . DC  B 2 10 ? 14.609  20.000  -11.282 1.00 62.33 ? 10  DC  B P     1 
ATOM   747  O OP1   . DC  B 2 10 ? 13.573  20.825  -11.930 1.00 55.40 ? 10  DC  B OP1   1 
ATOM   748  O OP2   . DC  B 2 10 ? 15.959  20.542  -11.049 1.00 52.68 ? 10  DC  B OP2   1 
ATOM   749  O "O5'" . DC  B 2 10 ? 14.048  19.485  -9.886  1.00 56.82 ? 10  DC  B "O5'" 1 
ATOM   750  C "C5'" . DC  B 2 10 ? 12.977  18.528  -9.844  1.00 49.75 ? 10  DC  B "C5'" 1 
ATOM   751  C "C4'" . DC  B 2 10 ? 12.849  17.941  -8.459  1.00 46.92 ? 10  DC  B "C4'" 1 
ATOM   752  O "O4'" . DC  B 2 10 ? 13.987  17.106  -8.170  1.00 47.34 ? 10  DC  B "O4'" 1 
ATOM   753  C "C3'" . DC  B 2 10 ? 12.772  18.962  -7.320  1.00 41.55 ? 10  DC  B "C3'" 1 
ATOM   754  O "O3'" . DC  B 2 10 ? 11.459  18.885  -6.769  1.00 51.32 ? 10  DC  B "O3'" 1 
ATOM   755  C "C2'" . DC  B 2 10 ? 13.825  18.494  -6.325  1.00 41.24 ? 10  DC  B "C2'" 1 
ATOM   756  C "C1'" . DC  B 2 10 ? 14.143  17.082  -6.776  1.00 40.53 ? 10  DC  B "C1'" 1 
ATOM   757  N N1    . DC  B 2 10 ? 15.501  16.604  -6.481  1.00 37.63 ? 10  DC  B N1    1 
ATOM   758  C C2    . DC  B 2 10 ? 15.653  15.490  -5.654  1.00 35.21 ? 10  DC  B C2    1 
ATOM   759  O O2    . DC  B 2 10 ? 14.643  14.950  -5.188  1.00 36.60 ? 10  DC  B O2    1 
ATOM   760  N N3    . DC  B 2 10 ? 16.895  15.037  -5.374  1.00 31.36 ? 10  DC  B N3    1 
ATOM   761  C C4    . DC  B 2 10 ? 17.959  15.649  -5.897  1.00 38.05 ? 10  DC  B C4    1 
ATOM   762  N N4    . DC  B 2 10 ? 19.166  15.169  -5.596  1.00 36.52 ? 10  DC  B N4    1 
ATOM   763  C C5    . DC  B 2 10 ? 17.832  16.784  -6.750  1.00 38.96 ? 10  DC  B C5    1 
ATOM   764  C C6    . DC  B 2 10 ? 16.595  17.221  -7.016  1.00 36.21 ? 10  DC  B C6    1 
ATOM   765  P P     . DT  B 2 11 ? 10.882  20.046  -5.844  1.00 55.68 ? 11  DT  B P     1 
ATOM   766  O OP1   . DT  B 2 11 ? 9.469   20.230  -6.188  1.00 43.85 ? 11  DT  B OP1   1 
ATOM   767  O OP2   . DT  B 2 11 ? 11.817  21.172  -5.852  1.00 46.16 ? 11  DT  B OP2   1 
ATOM   768  O "O5'" . DT  B 2 11 ? 10.961  19.409  -4.392  1.00 48.92 ? 11  DT  B "O5'" 1 
ATOM   769  C "C5'" . DT  B 2 11 ? 10.362  18.143  -4.135  1.00 38.47 ? 11  DT  B "C5'" 1 
ATOM   770  C "C4'" . DT  B 2 11 ? 11.060  17.460  -2.986  1.00 33.76 ? 11  DT  B "C4'" 1 
ATOM   771  O "O4'" . DT  B 2 11 ? 12.450  17.268  -3.277  1.00 34.77 ? 11  DT  B "O4'" 1 
ATOM   772  C "C3'" . DT  B 2 11 ? 11.042  18.228  -1.669  1.00 37.96 ? 11  DT  B "C3'" 1 
ATOM   773  O "O3'" . DT  B 2 11 ? 9.881   17.825  -0.938  1.00 30.40 ? 11  DT  B "O3'" 1 
ATOM   774  C "C2'" . DT  B 2 11 ? 12.379  17.873  -1.030  1.00 33.87 ? 11  DT  B "C2'" 1 
ATOM   775  C "C1'" . DT  B 2 11 ? 13.054  16.963  -2.052  1.00 32.52 ? 11  DT  B "C1'" 1 
ATOM   776  N N1    . DT  B 2 11 ? 14.513  17.072  -2.224  1.00 30.60 ? 11  DT  B N1    1 
ATOM   777  C C2    . DT  B 2 11 ? 15.304  16.109  -1.640  1.00 31.49 ? 11  DT  B C2    1 
ATOM   778  O O2    . DT  B 2 11 ? 14.860  15.209  -0.956  1.00 38.33 ? 11  DT  B O2    1 
ATOM   779  N N3    . DT  B 2 11 ? 16.646  16.257  -1.865  1.00 29.82 ? 11  DT  B N3    1 
ATOM   780  C C4    . DT  B 2 11 ? 17.261  17.226  -2.626  1.00 34.47 ? 11  DT  B C4    1 
ATOM   781  O O4    . DT  B 2 11 ? 18.480  17.228  -2.740  1.00 36.17 ? 11  DT  B O4    1 
ATOM   782  C C5    . DT  B 2 11 ? 16.371  18.200  -3.219  1.00 34.14 ? 11  DT  B C5    1 
ATOM   783  C C7    . DT  B 2 11 ? 16.950  19.295  -4.058  1.00 39.79 ? 11  DT  B C7    1 
ATOM   784  C C6    . DT  B 2 11 ? 15.059  18.068  -3.000  1.00 31.29 ? 11  DT  B C6    1 
ATOM   785  P P     . DA  B 2 12 ? 9.674   18.290  0.546   1.00 28.90 ? 12  DA  B P     1 
ATOM   786  O OP1   . DA  B 2 12 ? 8.246   18.229  0.853   1.00 38.24 ? 12  DA  B OP1   1 
ATOM   787  O OP2   . DA  B 2 12 ? 10.413  19.537  0.746   1.00 30.86 ? 12  DA  B OP2   1 
ATOM   788  O "O5'" . DA  B 2 12 ? 10.356  17.133  1.385   1.00 30.17 ? 12  DA  B "O5'" 1 
ATOM   789  C "C5'" . DA  B 2 12 ? 10.150  15.758  1.040   1.00 26.10 ? 12  DA  B "C5'" 1 
ATOM   790  C "C4'" . DA  B 2 12 ? 10.682  14.868  2.135   1.00 22.72 ? 12  DA  B "C4'" 1 
ATOM   791  O "O4'" . DA  B 2 12 ? 12.117  14.812  2.048   1.00 23.64 ? 12  DA  B "O4'" 1 
ATOM   792  C "C3'" . DA  B 2 12 ? 10.385  15.354  3.545   1.00 21.92 ? 12  DA  B "C3'" 1 
ATOM   793  O "O3'" . DA  B 2 12 ? 10.348  14.243  4.426   1.00 18.56 ? 12  DA  B "O3'" 1 
ATOM   794  C "C2'" . DA  B 2 12 ? 11.577  16.237  3.857   1.00 20.75 ? 12  DA  B "C2'" 1 
ATOM   795  C "C1'" . DA  B 2 12 ? 12.709  15.574  3.085   1.00 26.77 ? 12  DA  B "C1'" 1 
ATOM   796  N N9    . DA  B 2 12 ? 13.631  16.511  2.459   1.00 27.88 ? 12  DA  B N9    1 
ATOM   797  C C8    . DA  B 2 12 ? 13.349  17.704  1.846   1.00 30.48 ? 12  DA  B C8    1 
ATOM   798  N N7    . DA  B 2 12 ? 14.398  18.301  1.340   1.00 28.59 ? 12  DA  B N7    1 
ATOM   799  C C5    . DA  B 2 12 ? 15.442  17.434  1.628   1.00 27.45 ? 12  DA  B C5    1 
ATOM   800  C C6    . DA  B 2 12 ? 16.814  17.489  1.355   1.00 27.14 ? 12  DA  B C6    1 
ATOM   801  N N6    . DA  B 2 12 ? 17.399  18.495  0.703   1.00 26.60 ? 12  DA  B N6    1 
ATOM   802  N N1    . DA  B 2 12 ? 17.579  16.464  1.785   1.00 30.54 ? 12  DA  B N1    1 
ATOM   803  C C2    . DA  B 2 12 ? 16.990  15.451  2.429   1.00 30.30 ? 12  DA  B C2    1 
ATOM   804  N N3    . DA  B 2 12 ? 15.711  15.285  2.744   1.00 21.60 ? 12  DA  B N3    1 
ATOM   805  C C4    . DA  B 2 12 ? 14.981  16.324  2.308   1.00 27.79 ? 12  DA  B C4    1 
ATOM   806  P P     . DA  B 2 13 ? 9.899   14.435  5.899   1.00 16.38 ? 13  DA  B P     1 
ATOM   807  O OP1   . DA  B 2 13 ? 9.243   13.204  6.325   1.00 17.78 ? 13  DA  B OP1   1 
ATOM   808  O OP2   . DA  B 2 13 ? 9.189   15.700  5.991   1.00 19.26 ? 13  DA  B OP2   1 
ATOM   809  O "O5'" . DA  B 2 13 ? 11.268  14.575  6.685   1.00 19.00 ? 13  DA  B "O5'" 1 
ATOM   810  C "C5'" . DA  B 2 13 ? 12.173  13.469  6.802   1.00 24.25 ? 13  DA  B "C5'" 1 
ATOM   811  C "C4'" . DA  B 2 13 ? 13.457  13.924  7.454   1.00 25.06 ? 13  DA  B "C4'" 1 
ATOM   812  O "O4'" . DA  B 2 13 ? 14.214  14.726  6.525   1.00 22.90 ? 13  DA  B "O4'" 1 
ATOM   813  C "C3'" . DA  B 2 13 ? 13.260  14.782  8.709   1.00 25.18 ? 13  DA  B "C3'" 1 
ATOM   814  O "O3'" . DA  B 2 13 ? 13.954  14.187  9.800   1.00 36.41 ? 13  DA  B "O3'" 1 
ATOM   815  C "C2'" . DA  B 2 13 ? 13.838  16.133  8.332   1.00 26.54 ? 13  DA  B "C2'" 1 
ATOM   816  C "C1'" . DA  B 2 13 ? 14.821  15.776  7.237   1.00 28.51 ? 13  DA  B "C1'" 1 
ATOM   817  N N9    . DA  B 2 13 ? 15.089  16.863  6.302   1.00 23.56 ? 13  DA  B N9    1 
ATOM   818  C C8    . DA  B 2 13 ? 14.198  17.771  5.792   1.00 23.14 ? 13  DA  B C8    1 
ATOM   819  N N7    . DA  B 2 13 ? 14.742  18.649  4.988   1.00 25.99 ? 13  DA  B N7    1 
ATOM   820  C C5    . DA  B 2 13 ? 16.083  18.299  4.970   1.00 24.79 ? 13  DA  B C5    1 
ATOM   821  C C6    . DA  B 2 13 ? 17.195  18.845  4.310   1.00 25.13 ? 13  DA  B C6    1 
ATOM   822  N N6    . DA  B 2 13 ? 17.128  19.897  3.496   1.00 22.86 ? 13  DA  B N6    1 
ATOM   823  N N1    . DA  B 2 13 ? 18.394  18.263  4.512   1.00 27.27 ? 13  DA  B N1    1 
ATOM   824  C C2    . DA  B 2 13 ? 18.463  17.208  5.330   1.00 28.93 ? 13  DA  B C2    1 
ATOM   825  N N3    . DA  B 2 13 ? 17.491  16.603  6.007   1.00 29.11 ? 13  DA  B N3    1 
ATOM   826  C C4    . DA  B 2 13 ? 16.313  17.205  5.782   1.00 25.66 ? 13  DA  B C4    1 
ATOM   827  P P     . DA  B 2 14 ? 13.758  14.722  11.279  1.00 39.74 ? 14  DA  B P     1 
ATOM   828  O OP1   . DA  B 2 14 ? 13.267  13.603  12.096  1.00 34.58 ? 14  DA  B OP1   1 
ATOM   829  O OP2   . DA  B 2 14 ? 12.991  15.977  11.238  1.00 31.06 ? 14  DA  B OP2   1 
ATOM   830  O "O5'" . DA  B 2 14 ? 15.241  15.101  11.710  1.00 39.53 ? 14  DA  B "O5'" 1 
ATOM   831  C "C5'" . DA  B 2 14 ? 16.286  14.113  11.724  1.00 35.37 ? 14  DA  B "C5'" 1 
ATOM   832  C "C4'" . DA  B 2 14 ? 17.633  14.754  11.486  1.00 34.51 ? 14  DA  B "C4'" 1 
ATOM   833  O "O4'" . DA  B 2 14 ? 17.685  15.275  10.144  1.00 32.82 ? 14  DA  B "O4'" 1 
ATOM   834  C "C3'" . DA  B 2 14 ? 17.960  15.942  12.382  1.00 36.52 ? 14  DA  B "C3'" 1 
ATOM   835  O "O3'" . DA  B 2 14 ? 18.657  15.552  13.564  1.00 41.83 ? 14  DA  B "O3'" 1 
ATOM   836  C "C2'" . DA  B 2 14 ? 18.922  16.746  11.535  1.00 35.69 ? 14  DA  B "C2'" 1 
ATOM   837  C "C1'" . DA  B 2 14 ? 18.519  16.422  10.104  1.00 34.66 ? 14  DA  B "C1'" 1 
ATOM   838  N N9    . DA  B 2 14 ? 17.796  17.488  9.415   1.00 30.71 ? 14  DA  B N9    1 
ATOM   839  C C8    . DA  B 2 14 ? 16.449  17.747  9.405   1.00 28.35 ? 14  DA  B C8    1 
ATOM   840  N N7    . DA  B 2 14 ? 16.116  18.781  8.672   1.00 26.61 ? 14  DA  B N7    1 
ATOM   841  C C5    . DA  B 2 14 ? 17.325  19.236  8.169   1.00 26.77 ? 14  DA  B C5    1 
ATOM   842  C C6    . DA  B 2 14 ? 17.655  20.307  7.323   1.00 27.99 ? 14  DA  B C6    1 
ATOM   843  N N6    . DA  B 2 14 ? 16.758  21.146  6.808   1.00 25.38 ? 14  DA  B N6    1 
ATOM   844  N N1    . DA  B 2 14 ? 18.956  20.484  7.015   1.00 31.70 ? 14  DA  B N1    1 
ATOM   845  C C2    . DA  B 2 14 ? 19.856  19.642  7.530   1.00 27.43 ? 14  DA  B C2    1 
ATOM   846  N N3    . DA  B 2 14 ? 19.671  18.604  8.339   1.00 31.27 ? 14  DA  B N3    1 
ATOM   847  C C4    . DA  B 2 14 ? 18.368  18.451  8.621   1.00 28.99 ? 14  DA  B C4    1 
ATOM   848  P P     . DG  B 2 15 ? 18.658  16.503  14.840  1.00 51.74 ? 15  DG  B P     1 
ATOM   849  O OP1   . DG  B 2 15 ? 18.929  15.673  16.014  1.00 46.10 ? 15  DG  B OP1   1 
ATOM   850  O OP2   . DG  B 2 15 ? 17.435  17.334  14.807  1.00 42.79 ? 15  DG  B OP2   1 
ATOM   851  O "O5'" . DG  B 2 15 ? 19.854  17.511  14.563  1.00 46.50 ? 15  DG  B "O5'" 1 
ATOM   852  C "C5'" . DG  B 2 15 ? 21.140  17.062  14.111  1.00 41.56 ? 15  DG  B "C5'" 1 
ATOM   853  C "C4'" . DG  B 2 15 ? 21.980  18.240  13.678  1.00 39.42 ? 15  DG  B "C4'" 1 
ATOM   854  O "O4'" . DG  B 2 15 ? 21.668  18.574  12.315  1.00 34.39 ? 15  DG  B "O4'" 1 
ATOM   855  C "C3'" . DG  B 2 15 ? 21.748  19.528  14.455  1.00 41.19 ? 15  DG  B "C3'" 1 
ATOM   856  O "O3'" . DG  B 2 15 ? 22.608  19.671  15.583  1.00 46.27 ? 15  DG  B "O3'" 1 
ATOM   857  C "C2'" . DG  B 2 15 ? 22.149  20.590  13.458  1.00 39.64 ? 15  DG  B "C2'" 1 
ATOM   858  C "C1'" . DG  B 2 15 ? 21.775  19.975  12.122  1.00 39.54 ? 15  DG  B "C1'" 1 
ATOM   859  N N9    . DG  B 2 15 ? 20.509  20.455  11.587  1.00 34.52 ? 15  DG  B N9    1 
ATOM   860  C C8    . DG  B 2 15 ? 19.257  19.946  11.828  1.00 33.05 ? 15  DG  B C8    1 
ATOM   861  N N7    . DG  B 2 15 ? 18.315  20.588  11.197  1.00 31.51 ? 15  DG  B N7    1 
ATOM   862  C C5    . DG  B 2 15 ? 18.981  21.595  10.517  1.00 28.54 ? 15  DG  B C5    1 
ATOM   863  C C6    . DG  B 2 15 ? 18.483  22.617  9.676   1.00 30.47 ? 15  DG  B C6    1 
ATOM   864  O O6    . DG  B 2 15 ? 17.319  22.844  9.349   1.00 29.29 ? 15  DG  B O6    1 
ATOM   865  N N1    . DG  B 2 15 ? 19.506  23.426  9.196   1.00 32.14 ? 15  DG  B N1    1 
ATOM   866  C C2    . DG  B 2 15 ? 20.835  23.271  9.488   1.00 34.97 ? 15  DG  B C2    1 
ATOM   867  N N2    . DG  B 2 15 ? 21.668  24.153  8.925   1.00 34.55 ? 15  DG  B N2    1 
ATOM   868  N N3    . DG  B 2 15 ? 21.311  22.329  10.278  1.00 31.50 ? 15  DG  B N3    1 
ATOM   869  C C4    . DG  B 2 15 ? 20.335  21.532  10.755  1.00 33.71 ? 15  DG  B C4    1 
ATOM   870  P P     . DG  B 2 16 ? 22.214  20.682  16.733  1.00 55.36 ? 16  DG  B P     1 
ATOM   871  O OP1   . DG  B 2 16 ? 23.340  20.764  17.664  1.00 56.84 ? 16  DG  B OP1   1 
ATOM   872  O OP2   . DG  B 2 16 ? 20.890  20.287  17.238  1.00 53.90 ? 16  DG  B OP2   1 
ATOM   873  O "O5'" . DG  B 2 16 ? 21.988  22.059  15.964  1.00 45.93 ? 16  DG  B "O5'" 1 
ATOM   874  C "C5'" . DG  B 2 16 ? 23.085  22.912  15.645  1.00 44.84 ? 16  DG  B "C5'" 1 
ATOM   875  C "C4'" . DG  B 2 16 ? 22.665  24.088  14.791  1.00 44.52 ? 16  DG  B "C4'" 1 
ATOM   876  O "O4'" . DG  B 2 16 ? 21.873  23.687  13.660  1.00 42.40 ? 16  DG  B "O4'" 1 
ATOM   877  C "C3'" . DG  B 2 16 ? 21.822  25.172  15.446  1.00 43.26 ? 16  DG  B "C3'" 1 
ATOM   878  O "O3'" . DG  B 2 16 ? 22.580  26.130  16.172  1.00 47.98 ? 16  DG  B "O3'" 1 
ATOM   879  C "C2'" . DG  B 2 16 ? 21.329  25.929  14.235  1.00 41.70 ? 16  DG  B "C2'" 1 
ATOM   880  C "C1'" . DG  B 2 16 ? 21.232  24.855  13.156  1.00 42.51 ? 16  DG  B "C1'" 1 
ATOM   881  N N9    . DG  B 2 16 ? 19.848  24.529  12.842  1.00 35.23 ? 16  DG  B N9    1 
ATOM   882  C C8    . DG  B 2 16 ? 19.083  23.512  13.355  1.00 34.36 ? 16  DG  B C8    1 
ATOM   883  N N7    . DG  B 2 16 ? 17.860  23.513  12.902  1.00 30.27 ? 16  DG  B N7    1 
ATOM   884  C C5    . DG  B 2 16 ? 17.809  24.610  12.054  1.00 29.78 ? 16  DG  B C5    1 
ATOM   885  C C6    . DG  B 2 16 ? 16.743  25.119  11.273  1.00 26.31 ? 16  DG  B C6    1 
ATOM   886  O O6    . DG  B 2 16 ? 15.596  24.688  11.164  1.00 25.17 ? 16  DG  B O6    1 
ATOM   887  N N1    . DG  B 2 16 ? 17.124  26.255  10.569  1.00 25.78 ? 16  DG  B N1    1 
ATOM   888  C C2    . DG  B 2 16 ? 18.369  26.827  10.611  1.00 27.14 ? 16  DG  B C2    1 
ATOM   889  N N2    . DG  B 2 16 ? 18.544  27.920  9.861   1.00 24.29 ? 16  DG  B N2    1 
ATOM   890  N N3    . DG  B 2 16 ? 19.373  26.356  11.324  1.00 27.42 ? 16  DG  B N3    1 
ATOM   891  C C4    . DG  B 2 16 ? 19.023  25.258  12.022  1.00 30.08 ? 16  DG  B C4    1 
ATOM   892  P P     . DA  B 2 17 ? 21.898  26.976  17.310  1.00 50.90 ? 17  DA  B P     1 
ATOM   893  O OP1   . DA  B 2 17 ? 22.907  27.879  17.856  1.00 59.52 ? 17  DA  B OP1   1 
ATOM   894  O OP2   . DA  B 2 17 ? 21.200  26.062  18.205  1.00 50.59 ? 17  DA  B OP2   1 
ATOM   895  O "O5'" . DA  B 2 17 ? 20.785  27.827  16.558  1.00 44.51 ? 17  DA  B "O5'" 1 
ATOM   896  C "C5'" . DA  B 2 17 ? 21.126  29.021  15.864  1.00 35.36 ? 17  DA  B "C5'" 1 
ATOM   897  C "C4'" . DA  B 2 17 ? 20.034  29.479  14.922  1.00 38.48 ? 17  DA  B "C4'" 1 
ATOM   898  O "O4'" . DA  B 2 17 ? 19.280  28.411  14.320  1.00 37.19 ? 17  DA  B "O4'" 1 
ATOM   899  C "C3'" . DA  B 2 17 ? 18.956  30.395  15.479  1.00 29.54 ? 17  DA  B "C3'" 1 
ATOM   900  O "O3'" . DA  B 2 17 ? 19.398  31.730  15.717  1.00 36.05 ? 17  DA  B "O3'" 1 
ATOM   901  C "C2'" . DA  B 2 17 ? 17.937  30.371  14.355  1.00 26.95 ? 17  DA  B "C2'" 1 
ATOM   902  C "C1'" . DA  B 2 17 ? 18.184  29.029  13.655  1.00 28.46 ? 17  DA  B "C1'" 1 
ATOM   903  N N9    . DA  B 2 17 ? 17.040  28.123  13.708  1.00 26.97 ? 17  DA  B N9    1 
ATOM   904  C C8    . DA  B 2 17 ? 16.862  27.016  14.494  1.00 26.69 ? 17  DA  B C8    1 
ATOM   905  N N7    . DA  B 2 17 ? 15.713  26.417  14.314  1.00 22.07 ? 17  DA  B N7    1 
ATOM   906  C C5    . DA  B 2 17 ? 15.079  27.197  13.359  1.00 23.30 ? 17  DA  B C5    1 
ATOM   907  C C6    . DA  B 2 17 ? 13.823  27.097  12.737  1.00 22.00 ? 17  DA  B C6    1 
ATOM   908  N N6    . DA  B 2 17 ? 12.944  26.129  12.995  1.00 19.52 ? 17  DA  B N6    1 
ATOM   909  N N1    . DA  B 2 17 ? 13.494  28.043  11.835  1.00 20.74 ? 17  DA  B N1    1 
ATOM   910  C C2    . DA  B 2 17 ? 14.378  29.007  11.569  1.00 22.29 ? 17  DA  B C2    1 
ATOM   911  N N3    . DA  B 2 17 ? 15.583  29.210  12.089  1.00 22.26 ? 17  DA  B N3    1 
ATOM   912  C C4    . DA  B 2 17 ? 15.881  28.255  12.982  1.00 22.05 ? 17  DA  B C4    1 
ATOM   913  P P     . DT  B 2 18 ? 18.502  32.743  16.574  1.00 33.82 ? 18  DT  B P     1 
ATOM   914  O OP1   . DT  B 2 18 ? 19.375  33.806  17.056  1.00 40.09 ? 18  DT  B OP1   1 
ATOM   915  O OP2   . DT  B 2 18 ? 17.725  31.982  17.544  1.00 24.57 ? 18  DT  B OP2   1 
ATOM   916  O "O5'" . DT  B 2 18 ? 17.546  33.373  15.481  1.00 28.32 ? 18  DT  B "O5'" 1 
ATOM   917  C "C5'" . DT  B 2 18 ? 18.034  33.921  14.258  1.00 24.59 ? 18  DT  B "C5'" 1 
ATOM   918  C "C4'" . DT  B 2 18 ? 16.875  34.475  13.467  1.00 29.99 ? 18  DT  B "C4'" 1 
ATOM   919  O "O4'" . DT  B 2 18 ? 16.050  33.382  13.017  1.00 30.42 ? 18  DT  B "O4'" 1 
ATOM   920  C "C3'" . DT  B 2 18 ? 15.971  35.419  14.267  1.00 27.85 ? 18  DT  B "C3'" 1 
ATOM   921  O "O3'" . DT  B 2 18 ? 15.976  36.737  13.725  1.00 28.77 ? 18  DT  B "O3'" 1 
ATOM   922  C "C2'" . DT  B 2 18 ? 14.585  34.802  14.203  1.00 29.27 ? 18  DT  B "C2'" 1 
ATOM   923  C "C1'" . DT  B 2 18 ? 14.680  33.639  13.232  1.00 25.66 ? 18  DT  B "C1'" 1 
ATOM   924  N N1    . DT  B 2 18 ? 14.063  32.400  13.720  1.00 22.37 ? 18  DT  B N1    1 
ATOM   925  C C2    . DT  B 2 18 ? 12.917  31.963  13.099  1.00 21.24 ? 18  DT  B C2    1 
ATOM   926  O O2    . DT  B 2 18 ? 12.394  32.556  12.176  1.00 20.75 ? 18  DT  B O2    1 
ATOM   927  N N3    . DT  B 2 18 ? 12.405  30.795  13.599  1.00 17.10 ? 18  DT  B N3    1 
ATOM   928  C C4    . DT  B 2 18 ? 12.911  30.039  14.635  1.00 18.92 ? 18  DT  B C4    1 
ATOM   929  O O4    . DT  B 2 18 ? 12.339  29.013  14.973  1.00 18.73 ? 18  DT  B O4    1 
ATOM   930  C C5    . DT  B 2 18 ? 14.110  30.562  15.250  1.00 22.19 ? 18  DT  B C5    1 
ATOM   931  C C7    . DT  B 2 18 ? 14.731  29.809  16.382  1.00 22.15 ? 18  DT  B C7    1 
ATOM   932  C C6    . DT  B 2 18 ? 14.621  31.699  14.764  1.00 19.90 ? 18  DT  B C6    1 
ATOM   933  P P     . DA  B 2 19 ? 15.313  37.934  14.529  1.00 30.67 ? 19  DA  B P     1 
ATOM   934  O OP1   . DA  B 2 19 ? 15.983  39.158  14.148  1.00 36.21 ? 19  DA  B OP1   1 
ATOM   935  O OP2   . DA  B 2 19 ? 15.235  37.570  15.935  1.00 26.42 ? 19  DA  B OP2   1 
ATOM   936  O "O5'" . DA  B 2 19 ? 13.847  37.990  13.933  1.00 26.60 ? 19  DA  B "O5'" 1 
ATOM   937  C "C5'" . DA  B 2 19 ? 13.635  38.160  12.531  1.00 26.26 ? 19  DA  B "C5'" 1 
ATOM   938  C "C4'" . DA  B 2 19 ? 12.162  38.212  12.202  1.00 25.18 ? 19  DA  B "C4'" 1 
ATOM   939  O "O4'" . DA  B 2 19 ? 11.522  36.958  12.501  1.00 24.36 ? 19  DA  B "O4'" 1 
ATOM   940  C "C3'" . DA  B 2 19 ? 11.360  39.279  12.936  1.00 23.12 ? 19  DA  B "C3'" 1 
ATOM   941  O "O3'" . DA  B 2 19 ? 10.415  39.805  12.012  1.00 26.11 ? 19  DA  B "O3'" 1 
ATOM   942  C "C2'" . DA  B 2 19 ? 10.722  38.511  14.079  1.00 21.77 ? 19  DA  B "C2'" 1 
ATOM   943  C "C1'" . DA  B 2 19 ? 10.568  37.100  13.532  1.00 21.19 ? 19  DA  B "C1'" 1 
ATOM   944  N N9    . DA  B 2 19 ? 10.788  36.017  14.485  1.00 20.42 ? 19  DA  B N9    1 
ATOM   945  C C8    . DA  B 2 19 ? 11.657  35.979  15.543  1.00 20.86 ? 19  DA  B C8    1 
ATOM   946  N N7    . DA  B 2 19 ? 11.649  34.844  16.192  1.00 21.92 ? 19  DA  B N7    1 
ATOM   947  C C5    . DA  B 2 19 ? 10.721  34.075  15.508  1.00 18.92 ? 19  DA  B C5    1 
ATOM   948  C C6    . DA  B 2 19 ? 10.250  32.764  15.699  1.00 16.87 ? 19  DA  B C6    1 
ATOM   949  N N6    . DA  B 2 19 ? 10.664  31.960  16.677  1.00 14.03 ? 19  DA  B N6    1 
ATOM   950  N N1    . DA  B 2 19 ? 9.317   32.305  14.841  1.00 17.34 ? 19  DA  B N1    1 
ATOM   951  C C2    . DA  B 2 19 ? 8.897   33.108  13.863  1.00 18.43 ? 19  DA  B C2    1 
ATOM   952  N N3    . DA  B 2 19 ? 9.261   34.353  13.580  1.00 18.33 ? 19  DA  B N3    1 
ATOM   953  C C4    . DA  B 2 19 ? 10.183  34.785  14.454  1.00 17.47 ? 19  DA  B C4    1 
ATOM   954  P P     . DA  B 2 20 ? 9.965   41.299  12.092  1.00 24.59 ? 20  DA  B P     1 
ATOM   955  O OP1   . DA  B 2 20 ? 9.482   41.691  10.785  1.00 25.11 ? 20  DA  B OP1   1 
ATOM   956  O OP2   . DA  B 2 20 ? 11.016  42.060  12.725  1.00 27.00 ? 20  DA  B OP2   1 
ATOM   957  O "O5'" . DA  B 2 20 ? 8.724   41.222  13.071  1.00 21.16 ? 20  DA  B "O5'" 1 
ATOM   958  C "C5'" . DA  B 2 20 ? 7.500   40.616  12.642  1.00 20.50 ? 20  DA  B "C5'" 1 
ATOM   959  C "C4'" . DA  B 2 20 ? 6.659   40.232  13.833  1.00 16.42 ? 20  DA  B "C4'" 1 
ATOM   960  O "O4'" . DA  B 2 20 ? 7.213   39.061  14.463  1.00 18.30 ? 20  DA  B "O4'" 1 
ATOM   961  C "C3'" . DA  B 2 20 ? 6.588   41.308  14.924  1.00 19.17 ? 20  DA  B "C3'" 1 
ATOM   962  O "O3'" . DA  B 2 20 ? 5.243   41.633  15.241  1.00 18.83 ? 20  DA  B "O3'" 1 
ATOM   963  C "C2'" . DA  B 2 20 ? 7.258   40.661  16.123  1.00 16.39 ? 20  DA  B "C2'" 1 
ATOM   964  C "C1'" . DA  B 2 20 ? 7.001   39.203  15.840  1.00 16.51 ? 20  DA  B "C1'" 1 
ATOM   965  N N9    . DA  B 2 20 ? 7.850   38.255  16.552  1.00 17.66 ? 20  DA  B N9    1 
ATOM   966  C C8    . DA  B 2 20 ? 8.896   38.540  17.391  1.00 19.23 ? 20  DA  B C8    1 
ATOM   967  N N7    . DA  B 2 20 ? 9.436   37.481  17.939  1.00 18.20 ? 20  DA  B N7    1 
ATOM   968  C C5    . DA  B 2 20 ? 8.661   36.432  17.469  1.00 16.29 ? 20  DA  B C5    1 
ATOM   969  C C6    . DA  B 2 20 ? 8.716   35.046  17.686  1.00 15.53 ? 20  DA  B C6    1 
ATOM   970  N N6    . DA  B 2 20 ? 9.601   34.458  18.488  1.00 14.47 ? 20  DA  B N6    1 
ATOM   971  N N1    . DA  B 2 20 ? 7.804   34.277  17.057  1.00 13.48 ? 20  DA  B N1    1 
ATOM   972  C C2    . DA  B 2 20 ? 6.908   34.868  16.263  1.00 16.10 ? 20  DA  B C2    1 
ATOM   973  N N3    . DA  B 2 20 ? 6.758   36.156  15.974  1.00 16.34 ? 20  DA  B N3    1 
ATOM   974  C C4    . DA  B 2 20 ? 7.679   36.895  16.615  1.00 17.37 ? 20  DA  B C4    1 
HETATM 975  O O     . HOH C 3 .  ? -7.624  -6.495  15.074  1.00 31.39 ? 101 HOH A O     1 
HETATM 976  O O     . HOH C 3 .  ? -8.414  -8.837  0.839   1.00 37.97 ? 102 HOH A O     1 
HETATM 977  O O     . HOH C 3 .  ? -2.715  -9.666  13.557  1.00 32.58 ? 103 HOH A O     1 
HETATM 978  O O     . HOH C 3 .  ? 12.131  -3.404  -3.841  1.00 21.58 ? 104 HOH A O     1 
HETATM 979  O O     . HOH C 3 .  ? -6.912  -3.813  -10.709 1.00 38.54 ? 105 HOH A O     1 
HETATM 980  O O     . HOH C 3 .  ? 12.406  3.578   2.684   1.00 23.29 ? 106 HOH A O     1 
HETATM 981  O O     . HOH C 3 .  ? 0.525   -7.743  -14.810 1.00 22.95 ? 107 HOH A O     1 
HETATM 982  O O     . HOH C 3 .  ? -6.360  -8.404  3.951   1.00 32.70 ? 108 HOH A O     1 
HETATM 983  O O     . HOH C 3 .  ? -5.558  6.000   22.131  1.00 33.96 ? 109 HOH A O     1 
HETATM 984  O O     . HOH C 3 .  ? 6.840   -7.337  -2.373  1.00 15.45 ? 110 HOH A O     1 
HETATM 985  O O     . HOH C 3 .  ? -5.974  -2.027  8.593   1.00 17.00 ? 111 HOH A O     1 
HETATM 986  O O     . HOH C 3 .  ? -11.505 -5.312  -3.881  1.00 39.45 ? 112 HOH A O     1 
HETATM 987  O O     . HOH C 3 .  ? -3.810  -1.958  -14.854 1.00 31.63 ? 113 HOH A O     1 
HETATM 988  O O     . HOH C 3 .  ? 3.483   10.023  -7.517  1.00 27.90 ? 114 HOH A O     1 
HETATM 989  O O     . HOH C 3 .  ? 2.211   -9.143  3.780   1.00 20.62 ? 115 HOH A O     1 
HETATM 990  O O     . HOH C 3 .  ? 0.272   9.070   -11.206 1.00 30.27 ? 116 HOH A O     1 
HETATM 991  O O     . HOH C 3 .  ? -0.582  -3.578  12.673  1.00 12.94 ? 117 HOH A O     1 
HETATM 992  O O     . HOH C 3 .  ? 8.637   0.512   9.694   1.00 15.25 ? 118 HOH A O     1 
HETATM 993  O O     . HOH C 3 .  ? 10.762  3.765   -7.905  1.00 26.03 ? 119 HOH A O     1 
HETATM 994  O O     . HOH C 3 .  ? -7.266  -2.804  18.025  1.00 36.33 ? 120 HOH A O     1 
HETATM 995  O O     . HOH C 3 .  ? 7.492   -4.037  4.531   1.00 22.85 ? 121 HOH A O     1 
HETATM 996  O O     . HOH C 3 .  ? 0.540   -5.650  8.835   1.00 17.86 ? 122 HOH A O     1 
HETATM 997  O O     . HOH C 3 .  ? 5.413   -5.998  2.517   1.00 22.31 ? 123 HOH A O     1 
HETATM 998  O O     . HOH C 3 .  ? 6.823   -2.410  12.881  1.00 23.07 ? 124 HOH A O     1 
HETATM 999  O O     . HOH C 3 .  ? -8.652  5.583   -2.442  1.00 13.14 ? 125 HOH A O     1 
HETATM 1000 O O     . HOH C 3 .  ? -6.860  8.807   21.024  1.00 34.92 ? 126 HOH A O     1 
HETATM 1001 O O     . HOH C 3 .  ? 8.618   -2.690  -14.357 1.00 17.58 ? 127 HOH A O     1 
HETATM 1002 O O     . HOH C 3 .  ? -10.335 2.089   19.073  1.00 35.67 ? 128 HOH A O     1 
HETATM 1003 O O     . HOH C 3 .  ? -6.518  -8.492  -12.665 1.00 40.10 ? 129 HOH A O     1 
HETATM 1004 O O     . HOH C 3 .  ? 5.820   -10.899 2.019   1.00 33.52 ? 130 HOH A O     1 
HETATM 1005 O O     . HOH C 3 .  ? -11.382 -4.067  -10.155 1.00 47.68 ? 131 HOH A O     1 
HETATM 1006 O O     . HOH C 3 .  ? -9.721  -4.366  -2.044  1.00 22.52 ? 132 HOH A O     1 
HETATM 1007 O O     . HOH C 3 .  ? 2.475   -11.320 2.072   1.00 31.31 ? 133 HOH A O     1 
HETATM 1008 O O     . HOH C 3 .  ? 10.554  -7.417  2.564   1.00 38.61 ? 134 HOH A O     1 
HETATM 1009 O O     . HOH C 3 .  ? 11.997  -5.815  3.670   1.00 40.08 ? 135 HOH A O     1 
HETATM 1010 O O     . HOH C 3 .  ? 0.202   4.332   -16.557 1.00 38.48 ? 136 HOH A O     1 
HETATM 1011 O O     . HOH C 3 .  ? 3.558   -1.294  -14.890 1.00 26.93 ? 137 HOH A O     1 
HETATM 1012 O O     . HOH C 3 .  ? 7.125   -7.996  1.931   1.00 38.32 ? 138 HOH A O     1 
HETATM 1013 O O     . HOH C 3 .  ? -12.079 5.126   13.040  1.00 35.53 ? 139 HOH A O     1 
HETATM 1014 O O     . HOH C 3 .  ? 2.339   5.105   14.942  1.00 12.60 ? 140 HOH A O     1 
HETATM 1015 O O     . HOH C 3 .  ? 11.580  10.459  0.874   1.00 33.14 ? 141 HOH A O     1 
HETATM 1016 O O     . HOH C 3 .  ? 0.628   -3.111  -1.932  1.00 15.06 ? 142 HOH A O     1 
HETATM 1017 O O     . HOH C 3 .  ? -4.337  -6.783  5.017   1.00 20.13 ? 143 HOH A O     1 
HETATM 1018 O O     . HOH C 3 .  ? 5.968   11.521  -4.462  1.00 32.60 ? 144 HOH A O     1 
HETATM 1019 O O     . HOH C 3 .  ? 9.971   -2.969  5.986   1.00 33.47 ? 145 HOH A O     1 
HETATM 1020 O O     . HOH C 3 .  ? -10.691 6.174   -6.738  1.00 37.33 ? 146 HOH A O     1 
HETATM 1021 O O     . HOH C 3 .  ? 12.488  0.582   -6.061  1.00 32.68 ? 147 HOH A O     1 
HETATM 1022 O O     . HOH C 3 .  ? 6.703   -12.065 -1.804  1.00 27.38 ? 148 HOH A O     1 
HETATM 1023 O O     . HOH C 3 .  ? -8.743  1.917   -8.518  1.00 34.58 ? 149 HOH A O     1 
HETATM 1024 O O     . HOH C 3 .  ? 3.087   -6.787  9.753   1.00 24.26 ? 150 HOH A O     1 
HETATM 1025 O O     . HOH C 3 .  ? 11.755  0.799   5.127   1.00 17.75 ? 151 HOH A O     1 
HETATM 1026 O O     . HOH C 3 .  ? -6.548  -3.917  15.689  1.00 19.15 ? 152 HOH A O     1 
HETATM 1027 O O     . HOH C 3 .  ? -10.355 -8.979  -6.985  1.00 37.64 ? 153 HOH A O     1 
HETATM 1028 O O     . HOH C 3 .  ? -1.178  -13.509 -5.407  1.00 36.97 ? 154 HOH A O     1 
HETATM 1029 O O     . HOH C 3 .  ? 3.516   1.549   -14.936 1.00 34.18 ? 155 HOH A O     1 
HETATM 1030 O O     . HOH C 3 .  ? -9.378  -7.439  -10.879 1.00 42.15 ? 156 HOH A O     1 
HETATM 1031 O O     . HOH C 3 .  ? 14.121  -2.309  4.025   1.00 40.58 ? 157 HOH A O     1 
HETATM 1032 O O     . HOH C 3 .  ? 6.236   0.337   -14.429 1.00 21.68 ? 158 HOH A O     1 
HETATM 1033 O O     . HOH C 3 .  ? -0.789  -11.467 -6.691  1.00 26.96 ? 159 HOH A O     1 
HETATM 1034 O O     . HOH C 3 .  ? 5.498   -4.974  13.940  1.00 35.35 ? 160 HOH A O     1 
HETATM 1035 O O     . HOH C 3 .  ? 9.506   -0.070  -12.854 1.00 20.13 ? 161 HOH A O     1 
HETATM 1036 O O     . HOH C 3 .  ? 1.659   9.316   -14.695 1.00 44.20 ? 162 HOH A O     1 
HETATM 1037 O O     . HOH C 3 .  ? -5.283  7.302   -10.639 1.00 29.38 ? 163 HOH A O     1 
HETATM 1038 O O     . HOH C 3 .  ? 8.056   -7.364  7.907   1.00 35.67 ? 164 HOH A O     1 
HETATM 1039 O O     . HOH C 3 .  ? -7.705  -10.612 -10.118 1.00 37.47 ? 165 HOH A O     1 
HETATM 1040 O O     . HOH C 3 .  ? 11.997  -0.676  8.956   1.00 40.52 ? 166 HOH A O     1 
HETATM 1041 O O     . HOH C 3 .  ? -11.361 -1.460  11.159  1.00 45.58 ? 167 HOH A O     1 
HETATM 1042 O O     . HOH C 3 .  ? -5.558  5.927   -15.280 1.00 40.73 ? 168 HOH A O     1 
HETATM 1043 O O     . HOH C 3 .  ? 5.013   -13.835 -0.980  1.00 42.09 ? 169 HOH A O     1 
HETATM 1044 O O     . HOH C 3 .  ? -11.362 5.299   17.377  1.00 27.95 ? 170 HOH A O     1 
HETATM 1045 O O     . HOH C 3 .  ? 5.225   -9.163  3.775   1.00 39.93 ? 171 HOH A O     1 
HETATM 1046 O O     . HOH C 3 .  ? -0.503  -7.778  7.492   1.00 24.15 ? 172 HOH A O     1 
HETATM 1047 O O     . HOH C 3 .  ? 9.436   -3.134  11.675  1.00 32.14 ? 173 HOH A O     1 
HETATM 1048 O O     . HOH C 3 .  ? -6.729  -9.351  6.323   1.00 47.28 ? 174 HOH A O     1 
HETATM 1049 O O     . HOH C 3 .  ? 0.381   -5.181  -16.401 1.00 34.06 ? 175 HOH A O     1 
HETATM 1050 O O     . HOH C 3 .  ? 2.966   -9.678  8.455   1.00 40.09 ? 176 HOH A O     1 
HETATM 1051 O O     . HOH C 3 .  ? -6.761  3.311   -9.540  1.00 44.92 ? 177 HOH A O     1 
HETATM 1052 O O     . HOH C 3 .  ? -5.356  -4.654  7.574   1.00 34.18 ? 178 HOH A O     1 
HETATM 1053 O O     . HOH C 3 .  ? 1.132   -9.773  6.246   1.00 32.82 ? 179 HOH A O     1 
HETATM 1054 O O     . HOH C 3 .  ? 3.502   -6.447  13.126  1.00 35.05 ? 180 HOH A O     1 
HETATM 1055 O O     . HOH C 3 .  ? -2.076  -3.996  -16.870 1.00 41.66 ? 181 HOH A O     1 
HETATM 1056 O O     . HOH C 3 .  ? 9.078   0.102   12.428  1.00 26.43 ? 182 HOH A O     1 
HETATM 1057 O O     . HOH C 3 .  ? -4.576  0.220   -16.554 1.00 39.60 ? 183 HOH A O     1 
HETATM 1058 O O     . HOH C 3 .  ? -3.562  -5.946  9.863   1.00 39.09 ? 184 HOH A O     1 
HETATM 1059 O O     . HOH C 3 .  ? -8.141  3.319   -13.911 1.00 39.92 ? 185 HOH A O     1 
HETATM 1060 O O     . HOH C 3 .  ? -1.542  -5.217  10.754  1.00 34.99 ? 186 HOH A O     1 
HETATM 1061 O O     . HOH C 3 .  ? 6.067   -2.962  -15.097 1.00 23.11 ? 187 HOH A O     1 
HETATM 1062 O O     . HOH C 3 .  ? -0.283  10.742  -13.391 1.00 41.43 ? 188 HOH A O     1 
HETATM 1063 O O     . HOH C 3 .  ? -3.621  -7.447  7.559   1.00 37.55 ? 189 HOH A O     1 
HETATM 1064 O O     . HOH C 3 .  ? 10.671  -5.896  7.226   1.00 41.92 ? 190 HOH A O     1 
HETATM 1065 O O     . HOH C 3 .  ? -3.843  -3.775  22.836  1.00 35.14 ? 191 HOH A O     1 
HETATM 1066 O O     . HOH C 3 .  ? 2.379   -16.621 -0.640  1.00 37.76 ? 192 HOH A O     1 
HETATM 1067 O O     . HOH D 3 .  ? 20.589  14.447  13.489  1.00 47.33 ? 101 HOH B O     1 
HETATM 1068 O O     . HOH D 3 .  ? 18.426  4.890   -8.066  1.00 44.88 ? 102 HOH B O     1 
HETATM 1069 O O     . HOH D 3 .  ? 14.430  12.132  10.796  1.00 42.88 ? 103 HOH B O     1 
HETATM 1070 O O     . HOH D 3 .  ? 16.766  -4.108  -2.776  1.00 39.45 ? 104 HOH B O     1 
HETATM 1071 O O     . HOH D 3 .  ? 17.189  14.390  -0.460  1.00 36.86 ? 105 HOH B O     1 
HETATM 1072 O O     . HOH D 3 .  ? 16.186  41.106  15.560  1.00 31.45 ? 106 HOH B O     1 
HETATM 1073 O O     . HOH D 3 .  ? 7.026   16.876  6.631   1.00 20.15 ? 107 HOH B O     1 
HETATM 1074 O O     . HOH D 3 .  ? 16.745  31.247  11.023  1.00 26.75 ? 108 HOH B O     1 
HETATM 1075 O O     . HOH D 3 .  ? 12.165  14.358  -5.586  1.00 36.81 ? 109 HOH B O     1 
HETATM 1076 O O     . HOH D 3 .  ? 9.432   -9.191  -1.616  1.00 24.24 ? 110 HOH B O     1 
HETATM 1077 O O     . HOH D 3 .  ? 4.355   -7.083  -11.344 1.00 13.71 ? 111 HOH B O     1 
HETATM 1078 O O     . HOH D 3 .  ? 19.004  36.268  18.066  1.00 38.29 ? 112 HOH B O     1 
HETATM 1079 O O     . HOH D 3 .  ? 3.546   -11.213 -16.076 1.00 18.54 ? 113 HOH B O     1 
HETATM 1080 O O     . HOH D 3 .  ? 13.353  -5.413  -1.997  1.00 22.50 ? 114 HOH B O     1 
HETATM 1081 O O     . HOH D 3 .  ? 12.649  27.061  16.803  1.00 18.15 ? 115 HOH B O     1 
HETATM 1082 O O     . HOH D 3 .  ? 16.181  36.122  18.008  1.00 38.01 ? 116 HOH B O     1 
HETATM 1083 O O     . HOH D 3 .  ? 17.961  30.092  19.487  1.00 40.10 ? 117 HOH B O     1 
HETATM 1084 O O     . HOH D 3 .  ? 4.025   42.817  13.100  1.00 16.25 ? 118 HOH B O     1 
HETATM 1085 O O     . HOH D 3 .  ? 8.668   -6.136  -16.619 1.00 20.35 ? 119 HOH B O     1 
HETATM 1086 O O     . HOH D 3 .  ? 24.201  29.394  15.979  1.00 51.12 ? 120 HOH B O     1 
HETATM 1087 O O     . HOH D 3 .  ? 16.089  -9.112  -9.251  1.00 25.93 ? 121 HOH B O     1 
HETATM 1088 O O     . HOH D 3 .  ? 14.104  20.712  8.425   1.00 29.43 ? 122 HOH B O     1 
HETATM 1089 O O     . HOH D 3 .  ? 5.529   36.462  13.475  1.00 21.79 ? 123 HOH B O     1 
HETATM 1090 O O     . HOH D 3 .  ? 3.580   -8.552  -13.762 1.00 15.41 ? 124 HOH B O     1 
HETATM 1091 O O     . HOH D 3 .  ? 17.543  13.814  6.407   1.00 29.48 ? 125 HOH B O     1 
HETATM 1092 O O     . HOH D 3 .  ? 7.221   -11.086 -4.366  1.00 28.74 ? 126 HOH B O     1 
HETATM 1093 O O     . HOH D 3 .  ? 19.976  -7.427  -3.258  1.00 38.34 ? 127 HOH B O     1 
HETATM 1094 O O     . HOH D 3 .  ? 4.301   -10.697 -4.747  1.00 20.52 ? 128 HOH B O     1 
HETATM 1095 O O     . HOH D 3 .  ? 18.631  -5.781  -12.504 1.00 31.45 ? 129 HOH B O     1 
HETATM 1096 O O     . HOH D 3 .  ? 18.630  25.340  17.147  1.00 45.21 ? 130 HOH B O     1 
HETATM 1097 O O     . HOH D 3 .  ? 10.532  18.238  6.167   1.00 23.19 ? 131 HOH B O     1 
HETATM 1098 O O     . HOH D 3 .  ? 18.851  -0.842  -6.580  1.00 39.22 ? 132 HOH B O     1 
HETATM 1099 O O     . HOH D 3 .  ? 8.341   44.335  10.672  1.00 29.17 ? 133 HOH B O     1 
HETATM 1100 O O     . HOH D 3 .  ? 12.036  42.789  15.323  1.00 28.73 ? 134 HOH B O     1 
HETATM 1101 O O     . HOH D 3 .  ? 4.050   -13.090 -7.023  1.00 32.64 ? 135 HOH B O     1 
HETATM 1102 O O     . HOH D 3 .  ? 15.367  33.321  18.566  1.00 38.22 ? 136 HOH B O     1 
HETATM 1103 O O     . HOH D 3 .  ? 19.653  -3.874  -3.223  1.00 40.02 ? 137 HOH B O     1 
HETATM 1104 O O     . HOH D 3 .  ? 21.661  11.422  -6.762  1.00 37.80 ? 138 HOH B O     1 
HETATM 1105 O O     . HOH D 3 .  ? 14.401  0.798   -8.456  1.00 21.17 ? 139 HOH B O     1 
HETATM 1106 O O     . HOH D 3 .  ? 11.668  34.867  10.483  1.00 31.69 ? 140 HOH B O     1 
HETATM 1107 O O     . HOH D 3 .  ? 22.051  27.470  11.063  1.00 38.42 ? 141 HOH B O     1 
HETATM 1108 O O     . HOH D 3 .  ? 14.888  23.901  15.556  1.00 33.97 ? 142 HOH B O     1 
HETATM 1109 O O     . HOH D 3 .  ? 12.163  23.119  -8.011  1.00 51.03 ? 143 HOH B O     1 
HETATM 1110 O O     . HOH D 3 .  ? 13.736  42.871  11.911  1.00 41.46 ? 144 HOH B O     1 
HETATM 1111 O O     . HOH D 3 .  ? 10.939  20.048  3.618   1.00 28.74 ? 145 HOH B O     1 
HETATM 1112 O O     . HOH D 3 .  ? 13.604  21.259  4.080   1.00 30.43 ? 146 HOH B O     1 
HETATM 1113 O O     . HOH D 3 .  ? 7.735   35.768  11.409  1.00 35.74 ? 147 HOH B O     1 
HETATM 1114 O O     . HOH D 3 .  ? 24.261  22.321  10.947  1.00 49.09 ? 148 HOH B O     1 
HETATM 1115 O O     . HOH D 3 .  ? 10.556  35.621  21.168  1.00 20.88 ? 149 HOH B O     1 
HETATM 1116 O O     . HOH D 3 .  ? 16.516  39.874  17.601  1.00 33.64 ? 150 HOH B O     1 
HETATM 1117 O O     . HOH D 3 .  ? 16.540  2.687   -8.580  1.00 30.30 ? 151 HOH B O     1 
HETATM 1118 O O     . HOH D 3 .  ? 14.500  11.457  14.015  1.00 37.32 ? 152 HOH B O     1 
HETATM 1119 O O     . HOH D 3 .  ? 21.320  29.418  9.476   1.00 38.98 ? 153 HOH B O     1 
HETATM 1120 O O     . HOH D 3 .  ? 21.988  -0.572  -5.072  1.00 46.23 ? 154 HOH B O     1 
HETATM 1121 O O     . HOH D 3 .  ? 13.305  12.427  -0.632  0.50 36.70 ? 155 HOH B O     1 
HETATM 1122 O O     . HOH D 3 .  ? 11.501  23.080  -10.542 1.00 56.26 ? 156 HOH B O     1 
HETATM 1123 O O     . HOH D 3 .  ? 21.436  18.246  -4.152  1.00 43.14 ? 157 HOH B O     1 
HETATM 1124 O O     . HOH D 3 .  ? 15.371  -3.219  -4.922  1.00 31.60 ? 158 HOH B O     1 
HETATM 1125 O O     . HOH D 3 .  ? 15.443  -11.113 -7.043  1.00 36.44 ? 159 HOH B O     1 
HETATM 1126 O O     . HOH D 3 .  ? 17.428  27.547  18.122  1.00 37.65 ? 160 HOH B O     1 
HETATM 1127 O O     . HOH D 3 .  ? 19.575  -4.369  -14.488 1.00 40.32 ? 161 HOH B O     1 
HETATM 1128 O O     . HOH D 3 .  ? 6.199   -13.984 -8.604  1.00 28.03 ? 162 HOH B O     1 
HETATM 1129 O O     . HOH D 3 .  ? 17.978  22.695  17.256  1.00 47.15 ? 163 HOH B O     1 
HETATM 1130 O O     . HOH D 3 .  ? 9.389   -7.131  -19.323 1.00 32.41 ? 164 HOH B O     1 
HETATM 1131 O O     . HOH D 3 .  ? 14.752  -4.026  0.263   1.00 34.39 ? 165 HOH B O     1 
HETATM 1132 O O     . HOH D 3 .  ? 15.017  26.238  18.420  1.00 31.98 ? 166 HOH B O     1 
HETATM 1133 O O     . HOH D 3 .  ? 10.661  13.661  -2.143  1.00 36.51 ? 167 HOH B O     1 
HETATM 1134 O O     . HOH D 3 .  ? 15.797  -0.869  -6.175  1.00 38.31 ? 168 HOH B O     1 
HETATM 1135 O O     . HOH D 3 .  ? 5.832   -5.228  -16.618 1.00 24.82 ? 169 HOH B O     1 
# 
loop_
_pdbx_poly_seq_scheme.asym_id 
_pdbx_poly_seq_scheme.entity_id 
_pdbx_poly_seq_scheme.seq_id 
_pdbx_poly_seq_scheme.mon_id 
_pdbx_poly_seq_scheme.ndb_seq_num 
_pdbx_poly_seq_scheme.pdb_seq_num 
_pdbx_poly_seq_scheme.auth_seq_num 
_pdbx_poly_seq_scheme.pdb_mon_id 
_pdbx_poly_seq_scheme.auth_mon_id 
_pdbx_poly_seq_scheme.pdb_strand_id 
_pdbx_poly_seq_scheme.pdb_ins_code 
_pdbx_poly_seq_scheme.hetero 
A 1 1  SER 1  3  3  SER SER A . n 
A 1 2  PHE 2  4  4  PHE PHE A . n 
A 1 3  GLN 3  5  5  GLN GLN A . n 
A 1 4  LYS 4  6  6  LYS LYS A . n 
A 1 5  ILE 5  7  7  ILE ILE A . n 
A 1 6  TYR 6  8  8  TYR TYR A . n 
A 1 7  SER 7  9  9  SER SER A . n 
A 1 8  PRO 8  10 10 PRO PRO A . n 
A 1 9  THR 9  11 11 THR THR A . n 
A 1 10 GLN 10 12 12 GLN GLN A . n 
A 1 11 LEU 11 13 13 LEU LEU A . n 
A 1 12 ALA 12 14 14 ALA ALA A . n 
A 1 13 ASN 13 15 15 ASN ASN A . n 
A 1 14 ALA 14 16 16 ALA ALA A . n 
A 1 15 MET 15 17 17 MET MET A . n 
A 1 16 LYS 16 18 18 LYS LYS A . n 
A 1 17 LEU 17 19 19 LEU LEU A . n 
A 1 18 VAL 18 20 20 VAL VAL A . n 
A 1 19 ARG 19 21 21 ARG ARG A . n 
A 1 20 GLN 20 22 22 GLN GLN A . n 
A 1 21 GLN 21 23 23 GLN GLN A . n 
A 1 22 ASN 22 24 24 ASN ASN A . n 
A 1 23 GLY 23 25 25 GLY GLY A . n 
A 1 24 TRP 24 26 26 TRP TRP A . n 
A 1 25 THR 25 27 27 THR THR A . n 
A 1 26 GLN 26 28 28 GLN GLN A . n 
A 1 27 ALA 27 29 29 ALA ALA A . n 
A 1 28 GLU 28 30 30 GLU GLU A . n 
A 1 29 LEU 29 31 31 LEU LEU A . n 
A 1 30 ALA 30 32 32 ALA ALA A . n 
A 1 31 LYS 31 33 33 LYS LYS A . n 
A 1 32 LYS 32 34 34 LYS LYS A . n 
A 1 33 ILE 33 35 35 ILE ILE A . n 
A 1 34 GLY 34 36 36 GLY GLY A . n 
A 1 35 ILE 35 37 37 ILE ILE A . n 
A 1 36 LYS 36 38 38 LYS LYS A . n 
A 1 37 GLN 37 39 39 GLN GLN A . n 
A 1 38 ALA 38 40 40 ALA ALA A . n 
A 1 39 THR 39 41 41 THR THR A . n 
A 1 40 ILE 40 42 42 ILE ILE A . n 
A 1 41 SER 41 43 43 SER SER A . n 
A 1 42 ASN 42 44 44 ASN ASN A . n 
A 1 43 PHE 43 45 45 PHE PHE A . n 
A 1 44 GLU 44 46 46 GLU GLU A . n 
A 1 45 ASN 45 47 47 ASN ASN A . n 
A 1 46 ASN 46 48 48 ASN ASN A . n 
A 1 47 PRO 47 49 49 PRO PRO A . n 
A 1 48 ASP 48 50 50 ASP ASP A . n 
A 1 49 ASN 49 51 51 ASN ASN A . n 
A 1 50 THR 50 52 52 THR THR A . n 
A 1 51 THR 51 53 53 THR THR A . n 
A 1 52 LEU 52 54 54 LEU LEU A . n 
A 1 53 THR 53 55 55 THR THR A . n 
A 1 54 THR 54 56 56 THR THR A . n 
A 1 55 PHE 55 57 57 PHE PHE A . n 
A 1 56 PHE 56 58 58 PHE PHE A . n 
A 1 57 LYS 57 59 59 LYS LYS A . n 
A 1 58 ILE 58 60 60 ILE ILE A . n 
A 1 59 LEU 59 61 61 LEU LEU A . n 
A 1 60 GLN 60 62 62 GLN GLN A . n 
A 1 61 SER 61 63 63 SER SER A . n 
A 1 62 LEU 62 64 64 LEU LEU A . n 
A 1 63 GLU 63 65 65 GLU GLU A . n 
A 1 64 LEU 64 66 66 LEU LEU A . n 
A 1 65 SER 65 67 67 SER SER A . n 
A 1 66 MET 66 68 68 MET MET A . n 
A 1 67 THR 67 69 69 THR THR A . n 
A 1 68 LEU 68 70 70 LEU LEU A . n 
A 1 69 CYS 69 71 71 CYS CYS A . n 
A 1 70 ASP 70 72 72 ASP ASP A . n 
A 1 71 ALA 71 73 73 ALA ALA A . n 
A 1 72 LYS 72 74 74 LYS LYS A . n 
B 2 1  DT  1  1  1  DT  DT  B . n 
B 2 2  DT  2  2  2  DT  DT  B . n 
B 2 3  DA  3  3  3  DA  DA  B . n 
B 2 4  DT  4  4  4  DT  DT  B . n 
B 2 5  DC  5  5  5  DC  DC  B . n 
B 2 6  DC  6  6  6  DC  DC  B . n 
B 2 7  DT  7  7  7  DT  DT  B . n 
B 2 8  DC  8  8  8  DC  DC  B . n 
B 2 9  DA  9  9  9  DA  DA  B . n 
B 2 10 DC  10 10 10 DC  DC  B . n 
B 2 11 DT  11 11 11 DT  DT  B . n 
B 2 12 DA  12 12 12 DA  DA  B . n 
B 2 13 DA  13 13 13 DA  DA  B . n 
B 2 14 DA  14 14 14 DA  DA  B . n 
B 2 15 DG  15 15 15 DG  DG  B . n 
B 2 16 DG  16 16 16 DG  DG  B . n 
B 2 17 DA  17 17 17 DA  DA  B . n 
B 2 18 DT  18 18 18 DT  DT  B . n 
B 2 19 DA  19 19 19 DA  DA  B . n 
B 2 20 DA  20 20 20 DA  DA  B . n 
# 
loop_
_pdbx_nonpoly_scheme.asym_id 
_pdbx_nonpoly_scheme.entity_id 
_pdbx_nonpoly_scheme.mon_id 
_pdbx_nonpoly_scheme.ndb_seq_num 
_pdbx_nonpoly_scheme.pdb_seq_num 
_pdbx_nonpoly_scheme.auth_seq_num 
_pdbx_nonpoly_scheme.pdb_mon_id 
_pdbx_nonpoly_scheme.auth_mon_id 
_pdbx_nonpoly_scheme.pdb_strand_id 
_pdbx_nonpoly_scheme.pdb_ins_code 
C 3 HOH 1  101 99  HOH HOH A . 
C 3 HOH 2  102 110 HOH HOH A . 
C 3 HOH 3  103 98  HOH HOH A . 
C 3 HOH 4  104 24  HOH HOH A . 
C 3 HOH 5  105 85  HOH HOH A . 
C 3 HOH 6  106 27  HOH HOH A . 
C 3 HOH 7  107 26  HOH HOH A . 
C 3 HOH 8  108 139 HOH HOH A . 
C 3 HOH 9  109 134 HOH HOH A . 
C 3 HOH 10 110 2   HOH HOH A . 
C 3 HOH 11 111 11  HOH HOH A . 
C 3 HOH 12 112 113 HOH HOH A . 
C 3 HOH 13 113 86  HOH HOH A . 
C 3 HOH 14 114 52  HOH HOH A . 
C 3 HOH 15 115 31  HOH HOH A . 
C 3 HOH 16 116 18  HOH HOH A . 
C 3 HOH 17 117 32  HOH HOH A . 
C 3 HOH 18 118 5   HOH HOH A . 
C 3 HOH 19 119 16  HOH HOH A . 
C 3 HOH 20 120 142 HOH HOH A . 
C 3 HOH 21 121 25  HOH HOH A . 
C 3 HOH 22 122 9   HOH HOH A . 
C 3 HOH 23 123 23  HOH HOH A . 
C 3 HOH 24 124 83  HOH HOH A . 
C 3 HOH 25 125 4   HOH HOH A . 
C 3 HOH 26 126 38  HOH HOH A . 
C 3 HOH 27 127 19  HOH HOH A . 
C 3 HOH 28 128 141 HOH HOH A . 
C 3 HOH 29 129 81  HOH HOH A . 
C 3 HOH 30 130 74  HOH HOH A . 
C 3 HOH 31 131 156 HOH HOH A . 
C 3 HOH 32 132 14  HOH HOH A . 
C 3 HOH 33 133 55  HOH HOH A . 
C 3 HOH 34 134 151 HOH HOH A . 
C 3 HOH 35 135 147 HOH HOH A . 
C 3 HOH 36 136 51  HOH HOH A . 
C 3 HOH 37 137 54  HOH HOH A . 
C 3 HOH 38 138 87  HOH HOH A . 
C 3 HOH 39 139 75  HOH HOH A . 
C 3 HOH 40 140 1   HOH HOH A . 
C 3 HOH 41 141 88  HOH HOH A . 
C 3 HOH 42 142 10  HOH HOH A . 
C 3 HOH 43 143 40  HOH HOH A . 
C 3 HOH 44 144 62  HOH HOH A . 
C 3 HOH 45 145 114 HOH HOH A . 
C 3 HOH 46 146 119 HOH HOH A . 
C 3 HOH 47 147 133 HOH HOH A . 
C 3 HOH 48 148 129 HOH HOH A . 
C 3 HOH 49 149 78  HOH HOH A . 
C 3 HOH 50 150 29  HOH HOH A . 
C 3 HOH 51 151 8   HOH HOH A . 
C 3 HOH 52 152 93  HOH HOH A . 
C 3 HOH 53 153 79  HOH HOH A . 
C 3 HOH 54 154 73  HOH HOH A . 
C 3 HOH 55 155 90  HOH HOH A . 
C 3 HOH 56 156 115 HOH HOH A . 
C 3 HOH 57 157 72  HOH HOH A . 
C 3 HOH 58 158 28  HOH HOH A . 
C 3 HOH 59 159 36  HOH HOH A . 
C 3 HOH 60 160 84  HOH HOH A . 
C 3 HOH 61 161 20  HOH HOH A . 
C 3 HOH 62 162 149 HOH HOH A . 
C 3 HOH 63 163 68  HOH HOH A . 
C 3 HOH 64 164 135 HOH HOH A . 
C 3 HOH 65 165 107 HOH HOH A . 
C 3 HOH 66 166 121 HOH HOH A . 
C 3 HOH 67 167 123 HOH HOH A . 
C 3 HOH 68 168 136 HOH HOH A . 
C 3 HOH 69 169 157 HOH HOH A . 
C 3 HOH 70 170 39  HOH HOH A . 
C 3 HOH 71 171 153 HOH HOH A . 
C 3 HOH 72 172 30  HOH HOH A . 
C 3 HOH 73 173 82  HOH HOH A . 
C 3 HOH 74 174 160 HOH HOH A . 
C 3 HOH 75 175 138 HOH HOH A . 
C 3 HOH 76 176 109 HOH HOH A . 
C 3 HOH 77 177 118 HOH HOH A . 
C 3 HOH 78 178 89  HOH HOH A . 
C 3 HOH 79 179 125 HOH HOH A . 
C 3 HOH 80 180 105 HOH HOH A . 
C 3 HOH 81 181 128 HOH HOH A . 
C 3 HOH 82 182 15  HOH HOH A . 
C 3 HOH 83 183 148 HOH HOH A . 
C 3 HOH 84 184 69  HOH HOH A . 
C 3 HOH 85 185 108 HOH HOH A . 
C 3 HOH 86 186 49  HOH HOH A . 
C 3 HOH 87 187 37  HOH HOH A . 
C 3 HOH 88 188 120 HOH HOH A . 
C 3 HOH 89 189 104 HOH HOH A . 
C 3 HOH 90 190 117 HOH HOH A . 
C 3 HOH 91 191 58  HOH HOH A . 
C 3 HOH 92 192 155 HOH HOH A . 
D 3 HOH 1  101 112 HOH HOH B . 
D 3 HOH 2  102 144 HOH HOH B . 
D 3 HOH 3  103 132 HOH HOH B . 
D 3 HOH 4  104 111 HOH HOH B . 
D 3 HOH 5  105 95  HOH HOH B . 
D 3 HOH 6  106 64  HOH HOH B . 
D 3 HOH 7  107 50  HOH HOH B . 
D 3 HOH 8  108 17  HOH HOH B . 
D 3 HOH 9  109 100 HOH HOH B . 
D 3 HOH 10 110 42  HOH HOH B . 
D 3 HOH 11 111 3   HOH HOH B . 
D 3 HOH 12 112 71  HOH HOH B . 
D 3 HOH 13 113 59  HOH HOH B . 
D 3 HOH 14 114 33  HOH HOH B . 
D 3 HOH 15 115 12  HOH HOH B . 
D 3 HOH 16 116 106 HOH HOH B . 
D 3 HOH 17 117 146 HOH HOH B . 
D 3 HOH 18 118 60  HOH HOH B . 
D 3 HOH 19 119 13  HOH HOH B . 
D 3 HOH 20 120 154 HOH HOH B . 
D 3 HOH 21 121 7   HOH HOH B . 
D 3 HOH 22 122 53  HOH HOH B . 
D 3 HOH 23 123 43  HOH HOH B . 
D 3 HOH 24 124 6   HOH HOH B . 
D 3 HOH 25 125 97  HOH HOH B . 
D 3 HOH 26 126 65  HOH HOH B . 
D 3 HOH 27 127 80  HOH HOH B . 
D 3 HOH 28 128 34  HOH HOH B . 
D 3 HOH 29 129 47  HOH HOH B . 
D 3 HOH 30 130 122 HOH HOH B . 
D 3 HOH 31 131 44  HOH HOH B . 
D 3 HOH 32 132 137 HOH HOH B . 
D 3 HOH 33 133 61  HOH HOH B . 
D 3 HOH 34 134 131 HOH HOH B . 
D 3 HOH 35 135 56  HOH HOH B . 
D 3 HOH 36 136 103 HOH HOH B . 
D 3 HOH 37 137 152 HOH HOH B . 
D 3 HOH 38 138 35  HOH HOH B . 
D 3 HOH 39 139 45  HOH HOH B . 
D 3 HOH 40 140 48  HOH HOH B . 
D 3 HOH 41 141 140 HOH HOH B . 
D 3 HOH 42 142 94  HOH HOH B . 
D 3 HOH 43 143 67  HOH HOH B . 
D 3 HOH 44 144 63  HOH HOH B . 
D 3 HOH 45 145 127 HOH HOH B . 
D 3 HOH 46 146 130 HOH HOH B . 
D 3 HOH 47 147 150 HOH HOH B . 
D 3 HOH 48 148 126 HOH HOH B . 
D 3 HOH 49 149 21  HOH HOH B . 
D 3 HOH 50 150 70  HOH HOH B . 
D 3 HOH 51 151 46  HOH HOH B . 
D 3 HOH 52 152 124 HOH HOH B . 
D 3 HOH 53 153 143 HOH HOH B . 
D 3 HOH 54 154 159 HOH HOH B . 
D 3 HOH 55 155 96  HOH HOH B . 
D 3 HOH 56 156 158 HOH HOH B . 
D 3 HOH 57 157 116 HOH HOH B . 
D 3 HOH 58 158 41  HOH HOH B . 
D 3 HOH 59 159 92  HOH HOH B . 
D 3 HOH 60 160 91  HOH HOH B . 
D 3 HOH 61 161 145 HOH HOH B . 
D 3 HOH 62 162 66  HOH HOH B . 
D 3 HOH 63 163 161 HOH HOH B . 
D 3 HOH 64 164 76  HOH HOH B . 
D 3 HOH 65 165 102 HOH HOH B . 
D 3 HOH 66 166 77  HOH HOH B . 
D 3 HOH 67 167 101 HOH HOH B . 
D 3 HOH 68 168 22  HOH HOH B . 
D 3 HOH 69 169 57  HOH HOH B . 
# 
_pdbx_struct_assembly.id                   1 
_pdbx_struct_assembly.details              author_and_software_defined_assembly 
_pdbx_struct_assembly.method_details       PISA 
_pdbx_struct_assembly.oligomeric_details   tetrameric 
_pdbx_struct_assembly.oligomeric_count     4 
# 
_pdbx_struct_assembly_gen.assembly_id       1 
_pdbx_struct_assembly_gen.oper_expression   1,2 
_pdbx_struct_assembly_gen.asym_id_list      A,B,C,D 
# 
loop_
_pdbx_struct_assembly_prop.biol_id 
_pdbx_struct_assembly_prop.type 
_pdbx_struct_assembly_prop.value 
_pdbx_struct_assembly_prop.details 
1 'ABSA (A^2)' 7040  ? 
1 MORE         -53   ? 
1 'SSA (A^2)'  12440 ? 
# 
loop_
_pdbx_struct_oper_list.id 
_pdbx_struct_oper_list.type 
_pdbx_struct_oper_list.name 
_pdbx_struct_oper_list.symmetry_operation 
_pdbx_struct_oper_list.matrix[1][1] 
_pdbx_struct_oper_list.matrix[1][2] 
_pdbx_struct_oper_list.matrix[1][3] 
_pdbx_struct_oper_list.vector[1] 
_pdbx_struct_oper_list.matrix[2][1] 
_pdbx_struct_oper_list.matrix[2][2] 
_pdbx_struct_oper_list.matrix[2][3] 
_pdbx_struct_oper_list.vector[2] 
_pdbx_struct_oper_list.matrix[3][1] 
_pdbx_struct_oper_list.matrix[3][2] 
_pdbx_struct_oper_list.matrix[3][3] 
_pdbx_struct_oper_list.vector[3] 
1 'identity operation'         1_555  x,y,z              1.0000000000 0.0000000000 0.0000000000  0.0000000000  0.0000000000 1.0000000000  0.0000000000  0.0000000000  0.0000000000  0.0000000000  1.0000000000  0.0000000000  
2 'crystal symmetry operation' 13_455 y-1/4,x+1/4,-z+1/4 0.4545071179 0.5888807243 -0.6683133788 -0.4831201140 0.5888807243 -0.7615821172 -0.2705774773 13.8862019524 -0.6683133788 -0.2705774773 -0.6929250006 11.1842965535 
# 
_pdbx_struct_special_symmetry.id              1 
_pdbx_struct_special_symmetry.PDB_model_num   1 
_pdbx_struct_special_symmetry.auth_asym_id    B 
_pdbx_struct_special_symmetry.auth_comp_id    HOH 
_pdbx_struct_special_symmetry.auth_seq_id     155 
_pdbx_struct_special_symmetry.PDB_ins_code    ? 
_pdbx_struct_special_symmetry.label_asym_id   D 
_pdbx_struct_special_symmetry.label_comp_id   HOH 
_pdbx_struct_special_symmetry.label_seq_id    . 
# 
loop_
_pdbx_audit_revision_history.ordinal 
_pdbx_audit_revision_history.data_content_type 
_pdbx_audit_revision_history.major_revision 
_pdbx_audit_revision_history.minor_revision 
_pdbx_audit_revision_history.revision_date 
1 'Structure model' 1 0 2016-07-06 
2 'Structure model' 1 1 2017-11-22 
3 'Structure model' 1 2 2023-09-27 
# 
_pdbx_audit_revision_details.ordinal             1 
_pdbx_audit_revision_details.revision_ordinal    1 
_pdbx_audit_revision_details.data_content_type   'Structure model' 
_pdbx_audit_revision_details.provider            repository 
_pdbx_audit_revision_details.type                'Initial release' 
_pdbx_audit_revision_details.description         ? 
_pdbx_audit_revision_details.details             ? 
# 
loop_
_pdbx_audit_revision_group.ordinal 
_pdbx_audit_revision_group.revision_ordinal 
_pdbx_audit_revision_group.data_content_type 
_pdbx_audit_revision_group.group 
1 2 'Structure model' 'Derived calculations'   
2 2 'Structure model' 'Refinement description' 
3 3 'Structure model' 'Data collection'        
4 3 'Structure model' 'Database references'    
5 3 'Structure model' 'Refinement description' 
# 
loop_
_pdbx_audit_revision_category.ordinal 
_pdbx_audit_revision_category.revision_ordinal 
_pdbx_audit_revision_category.data_content_type 
_pdbx_audit_revision_category.category 
1 2 'Structure model' pdbx_struct_oper_list         
2 2 'Structure model' software                      
3 3 'Structure model' chem_comp_atom                
4 3 'Structure model' chem_comp_bond                
5 3 'Structure model' database_2                    
6 3 'Structure model' pdbx_initial_refinement_model 
# 
loop_
_pdbx_audit_revision_item.ordinal 
_pdbx_audit_revision_item.revision_ordinal 
_pdbx_audit_revision_item.data_content_type 
_pdbx_audit_revision_item.item 
1 2 'Structure model' '_pdbx_struct_oper_list.symmetry_operation' 
2 3 'Structure model' '_database_2.pdbx_DOI'                      
3 3 'Structure model' '_database_2.pdbx_database_accession'       
# 
loop_
_software.citation_id 
_software.classification 
_software.compiler_name 
_software.compiler_version 
_software.contact_author 
_software.contact_author_email 
_software.date 
_software.description 
_software.dependencies 
_software.hardware 
_software.language 
_software.location 
_software.mods 
_software.name 
_software.os 
_software.os_version 
_software.type 
_software.version 
_software.pdbx_ordinal 
? 'data reduction'  ? ? ? ? ? ? ? ? ? ? ? HKL-3000    ? ? ? .                             1 
? refinement        ? ? ? ? ? ? ? ? ? ? ? PHENIX      ? ? ? '(phenix.refine: 1.8.1_1168)' 2 
? 'data extraction' ? ? ? ? ? ? ? ? ? ? ? PDB_EXTRACT ? ? ? 3.14                          3 
? 'data scaling'    ? ? ? ? ? ? ? ? ? ? ? HKL-3000    ? ? ? .                             4 
? phasing           ? ? ? ? ? ? ? ? ? ? ? PHASER      ? ? ? .                             5 
? 'data reduction'  ? ? ? ? ? ? ? ? ? ? ? DENZO       ? ? ? .                             6 
? 'data scaling'    ? ? ? ? ? ? ? ? ? ? ? SCALEPACK   ? ? ? .                             7 
# 
_pdbx_validate_symm_contact.id                1 
_pdbx_validate_symm_contact.PDB_model_num     1 
_pdbx_validate_symm_contact.auth_atom_id_1    N1 
_pdbx_validate_symm_contact.auth_asym_id_1    B 
_pdbx_validate_symm_contact.auth_comp_id_1    DA 
_pdbx_validate_symm_contact.auth_seq_id_1     9 
_pdbx_validate_symm_contact.PDB_ins_code_1    ? 
_pdbx_validate_symm_contact.label_alt_id_1    ? 
_pdbx_validate_symm_contact.site_symmetry_1   1_555 
_pdbx_validate_symm_contact.auth_atom_id_2    N1 
_pdbx_validate_symm_contact.auth_asym_id_2    B 
_pdbx_validate_symm_contact.auth_comp_id_2    DA 
_pdbx_validate_symm_contact.auth_seq_id_2     12 
_pdbx_validate_symm_contact.PDB_ins_code_2    ? 
_pdbx_validate_symm_contact.label_alt_id_2    ? 
_pdbx_validate_symm_contact.site_symmetry_2   13_455 
_pdbx_validate_symm_contact.dist              1.86 
# 
loop_
_chem_comp_atom.comp_id 
_chem_comp_atom.atom_id 
_chem_comp_atom.type_symbol 
_chem_comp_atom.pdbx_aromatic_flag 
_chem_comp_atom.pdbx_stereo_config 
_chem_comp_atom.pdbx_ordinal 
ALA N      N N N 1   
ALA CA     C N S 2   
ALA C      C N N 3   
ALA O      O N N 4   
ALA CB     C N N 5   
ALA OXT    O N N 6   
ALA H      H N N 7   
ALA H2     H N N 8   
ALA HA     H N N 9   
ALA HB1    H N N 10  
ALA HB2    H N N 11  
ALA HB3    H N N 12  
ALA HXT    H N N 13  
ARG N      N N N 14  
ARG CA     C N S 15  
ARG C      C N N 16  
ARG O      O N N 17  
ARG CB     C N N 18  
ARG CG     C N N 19  
ARG CD     C N N 20  
ARG NE     N N N 21  
ARG CZ     C N N 22  
ARG NH1    N N N 23  
ARG NH2    N N N 24  
ARG OXT    O N N 25  
ARG H      H N N 26  
ARG H2     H N N 27  
ARG HA     H N N 28  
ARG HB2    H N N 29  
ARG HB3    H N N 30  
ARG HG2    H N N 31  
ARG HG3    H N N 32  
ARG HD2    H N N 33  
ARG HD3    H N N 34  
ARG HE     H N N 35  
ARG HH11   H N N 36  
ARG HH12   H N N 37  
ARG HH21   H N N 38  
ARG HH22   H N N 39  
ARG HXT    H N N 40  
ASN N      N N N 41  
ASN CA     C N S 42  
ASN C      C N N 43  
ASN O      O N N 44  
ASN CB     C N N 45  
ASN CG     C N N 46  
ASN OD1    O N N 47  
ASN ND2    N N N 48  
ASN OXT    O N N 49  
ASN H      H N N 50  
ASN H2     H N N 51  
ASN HA     H N N 52  
ASN HB2    H N N 53  
ASN HB3    H N N 54  
ASN HD21   H N N 55  
ASN HD22   H N N 56  
ASN HXT    H N N 57  
ASP N      N N N 58  
ASP CA     C N S 59  
ASP C      C N N 60  
ASP O      O N N 61  
ASP CB     C N N 62  
ASP CG     C N N 63  
ASP OD1    O N N 64  
ASP OD2    O N N 65  
ASP OXT    O N N 66  
ASP H      H N N 67  
ASP H2     H N N 68  
ASP HA     H N N 69  
ASP HB2    H N N 70  
ASP HB3    H N N 71  
ASP HD2    H N N 72  
ASP HXT    H N N 73  
CYS N      N N N 74  
CYS CA     C N R 75  
CYS C      C N N 76  
CYS O      O N N 77  
CYS CB     C N N 78  
CYS SG     S N N 79  
CYS OXT    O N N 80  
CYS H      H N N 81  
CYS H2     H N N 82  
CYS HA     H N N 83  
CYS HB2    H N N 84  
CYS HB3    H N N 85  
CYS HG     H N N 86  
CYS HXT    H N N 87  
DA  OP3    O N N 88  
DA  P      P N N 89  
DA  OP1    O N N 90  
DA  OP2    O N N 91  
DA  "O5'"  O N N 92  
DA  "C5'"  C N N 93  
DA  "C4'"  C N R 94  
DA  "O4'"  O N N 95  
DA  "C3'"  C N S 96  
DA  "O3'"  O N N 97  
DA  "C2'"  C N N 98  
DA  "C1'"  C N R 99  
DA  N9     N Y N 100 
DA  C8     C Y N 101 
DA  N7     N Y N 102 
DA  C5     C Y N 103 
DA  C6     C Y N 104 
DA  N6     N N N 105 
DA  N1     N Y N 106 
DA  C2     C Y N 107 
DA  N3     N Y N 108 
DA  C4     C Y N 109 
DA  HOP3   H N N 110 
DA  HOP2   H N N 111 
DA  "H5'"  H N N 112 
DA  "H5''" H N N 113 
DA  "H4'"  H N N 114 
DA  "H3'"  H N N 115 
DA  "HO3'" H N N 116 
DA  "H2'"  H N N 117 
DA  "H2''" H N N 118 
DA  "H1'"  H N N 119 
DA  H8     H N N 120 
DA  H61    H N N 121 
DA  H62    H N N 122 
DA  H2     H N N 123 
DC  OP3    O N N 124 
DC  P      P N N 125 
DC  OP1    O N N 126 
DC  OP2    O N N 127 
DC  "O5'"  O N N 128 
DC  "C5'"  C N N 129 
DC  "C4'"  C N R 130 
DC  "O4'"  O N N 131 
DC  "C3'"  C N S 132 
DC  "O3'"  O N N 133 
DC  "C2'"  C N N 134 
DC  "C1'"  C N R 135 
DC  N1     N N N 136 
DC  C2     C N N 137 
DC  O2     O N N 138 
DC  N3     N N N 139 
DC  C4     C N N 140 
DC  N4     N N N 141 
DC  C5     C N N 142 
DC  C6     C N N 143 
DC  HOP3   H N N 144 
DC  HOP2   H N N 145 
DC  "H5'"  H N N 146 
DC  "H5''" H N N 147 
DC  "H4'"  H N N 148 
DC  "H3'"  H N N 149 
DC  "HO3'" H N N 150 
DC  "H2'"  H N N 151 
DC  "H2''" H N N 152 
DC  "H1'"  H N N 153 
DC  H41    H N N 154 
DC  H42    H N N 155 
DC  H5     H N N 156 
DC  H6     H N N 157 
DG  OP3    O N N 158 
DG  P      P N N 159 
DG  OP1    O N N 160 
DG  OP2    O N N 161 
DG  "O5'"  O N N 162 
DG  "C5'"  C N N 163 
DG  "C4'"  C N R 164 
DG  "O4'"  O N N 165 
DG  "C3'"  C N S 166 
DG  "O3'"  O N N 167 
DG  "C2'"  C N N 168 
DG  "C1'"  C N R 169 
DG  N9     N Y N 170 
DG  C8     C Y N 171 
DG  N7     N Y N 172 
DG  C5     C Y N 173 
DG  C6     C N N 174 
DG  O6     O N N 175 
DG  N1     N N N 176 
DG  C2     C N N 177 
DG  N2     N N N 178 
DG  N3     N N N 179 
DG  C4     C Y N 180 
DG  HOP3   H N N 181 
DG  HOP2   H N N 182 
DG  "H5'"  H N N 183 
DG  "H5''" H N N 184 
DG  "H4'"  H N N 185 
DG  "H3'"  H N N 186 
DG  "HO3'" H N N 187 
DG  "H2'"  H N N 188 
DG  "H2''" H N N 189 
DG  "H1'"  H N N 190 
DG  H8     H N N 191 
DG  H1     H N N 192 
DG  H21    H N N 193 
DG  H22    H N N 194 
DT  OP3    O N N 195 
DT  P      P N N 196 
DT  OP1    O N N 197 
DT  OP2    O N N 198 
DT  "O5'"  O N N 199 
DT  "C5'"  C N N 200 
DT  "C4'"  C N R 201 
DT  "O4'"  O N N 202 
DT  "C3'"  C N S 203 
DT  "O3'"  O N N 204 
DT  "C2'"  C N N 205 
DT  "C1'"  C N R 206 
DT  N1     N N N 207 
DT  C2     C N N 208 
DT  O2     O N N 209 
DT  N3     N N N 210 
DT  C4     C N N 211 
DT  O4     O N N 212 
DT  C5     C N N 213 
DT  C7     C N N 214 
DT  C6     C N N 215 
DT  HOP3   H N N 216 
DT  HOP2   H N N 217 
DT  "H5'"  H N N 218 
DT  "H5''" H N N 219 
DT  "H4'"  H N N 220 
DT  "H3'"  H N N 221 
DT  "HO3'" H N N 222 
DT  "H2'"  H N N 223 
DT  "H2''" H N N 224 
DT  "H1'"  H N N 225 
DT  H3     H N N 226 
DT  H71    H N N 227 
DT  H72    H N N 228 
DT  H73    H N N 229 
DT  H6     H N N 230 
GLN N      N N N 231 
GLN CA     C N S 232 
GLN C      C N N 233 
GLN O      O N N 234 
GLN CB     C N N 235 
GLN CG     C N N 236 
GLN CD     C N N 237 
GLN OE1    O N N 238 
GLN NE2    N N N 239 
GLN OXT    O N N 240 
GLN H      H N N 241 
GLN H2     H N N 242 
GLN HA     H N N 243 
GLN HB2    H N N 244 
GLN HB3    H N N 245 
GLN HG2    H N N 246 
GLN HG3    H N N 247 
GLN HE21   H N N 248 
GLN HE22   H N N 249 
GLN HXT    H N N 250 
GLU N      N N N 251 
GLU CA     C N S 252 
GLU C      C N N 253 
GLU O      O N N 254 
GLU CB     C N N 255 
GLU CG     C N N 256 
GLU CD     C N N 257 
GLU OE1    O N N 258 
GLU OE2    O N N 259 
GLU OXT    O N N 260 
GLU H      H N N 261 
GLU H2     H N N 262 
GLU HA     H N N 263 
GLU HB2    H N N 264 
GLU HB3    H N N 265 
GLU HG2    H N N 266 
GLU HG3    H N N 267 
GLU HE2    H N N 268 
GLU HXT    H N N 269 
GLY N      N N N 270 
GLY CA     C N N 271 
GLY C      C N N 272 
GLY O      O N N 273 
GLY OXT    O N N 274 
GLY H      H N N 275 
GLY H2     H N N 276 
GLY HA2    H N N 277 
GLY HA3    H N N 278 
GLY HXT    H N N 279 
HOH O      O N N 280 
HOH H1     H N N 281 
HOH H2     H N N 282 
ILE N      N N N 283 
ILE CA     C N S 284 
ILE C      C N N 285 
ILE O      O N N 286 
ILE CB     C N S 287 
ILE CG1    C N N 288 
ILE CG2    C N N 289 
ILE CD1    C N N 290 
ILE OXT    O N N 291 
ILE H      H N N 292 
ILE H2     H N N 293 
ILE HA     H N N 294 
ILE HB     H N N 295 
ILE HG12   H N N 296 
ILE HG13   H N N 297 
ILE HG21   H N N 298 
ILE HG22   H N N 299 
ILE HG23   H N N 300 
ILE HD11   H N N 301 
ILE HD12   H N N 302 
ILE HD13   H N N 303 
ILE HXT    H N N 304 
LEU N      N N N 305 
LEU CA     C N S 306 
LEU C      C N N 307 
LEU O      O N N 308 
LEU CB     C N N 309 
LEU CG     C N N 310 
LEU CD1    C N N 311 
LEU CD2    C N N 312 
LEU OXT    O N N 313 
LEU H      H N N 314 
LEU H2     H N N 315 
LEU HA     H N N 316 
LEU HB2    H N N 317 
LEU HB3    H N N 318 
LEU HG     H N N 319 
LEU HD11   H N N 320 
LEU HD12   H N N 321 
LEU HD13   H N N 322 
LEU HD21   H N N 323 
LEU HD22   H N N 324 
LEU HD23   H N N 325 
LEU HXT    H N N 326 
LYS N      N N N 327 
LYS CA     C N S 328 
LYS C      C N N 329 
LYS O      O N N 330 
LYS CB     C N N 331 
LYS CG     C N N 332 
LYS CD     C N N 333 
LYS CE     C N N 334 
LYS NZ     N N N 335 
LYS OXT    O N N 336 
LYS H      H N N 337 
LYS H2     H N N 338 
LYS HA     H N N 339 
LYS HB2    H N N 340 
LYS HB3    H N N 341 
LYS HG2    H N N 342 
LYS HG3    H N N 343 
LYS HD2    H N N 344 
LYS HD3    H N N 345 
LYS HE2    H N N 346 
LYS HE3    H N N 347 
LYS HZ1    H N N 348 
LYS HZ2    H N N 349 
LYS HZ3    H N N 350 
LYS HXT    H N N 351 
MET N      N N N 352 
MET CA     C N S 353 
MET C      C N N 354 
MET O      O N N 355 
MET CB     C N N 356 
MET CG     C N N 357 
MET SD     S N N 358 
MET CE     C N N 359 
MET OXT    O N N 360 
MET H      H N N 361 
MET H2     H N N 362 
MET HA     H N N 363 
MET HB2    H N N 364 
MET HB3    H N N 365 
MET HG2    H N N 366 
MET HG3    H N N 367 
MET HE1    H N N 368 
MET HE2    H N N 369 
MET HE3    H N N 370 
MET HXT    H N N 371 
PHE N      N N N 372 
PHE CA     C N S 373 
PHE C      C N N 374 
PHE O      O N N 375 
PHE CB     C N N 376 
PHE CG     C Y N 377 
PHE CD1    C Y N 378 
PHE CD2    C Y N 379 
PHE CE1    C Y N 380 
PHE CE2    C Y N 381 
PHE CZ     C Y N 382 
PHE OXT    O N N 383 
PHE H      H N N 384 
PHE H2     H N N 385 
PHE HA     H N N 386 
PHE HB2    H N N 387 
PHE HB3    H N N 388 
PHE HD1    H N N 389 
PHE HD2    H N N 390 
PHE HE1    H N N 391 
PHE HE2    H N N 392 
PHE HZ     H N N 393 
PHE HXT    H N N 394 
PRO N      N N N 395 
PRO CA     C N S 396 
PRO C      C N N 397 
PRO O      O N N 398 
PRO CB     C N N 399 
PRO CG     C N N 400 
PRO CD     C N N 401 
PRO OXT    O N N 402 
PRO H      H N N 403 
PRO HA     H N N 404 
PRO HB2    H N N 405 
PRO HB3    H N N 406 
PRO HG2    H N N 407 
PRO HG3    H N N 408 
PRO HD2    H N N 409 
PRO HD3    H N N 410 
PRO HXT    H N N 411 
SER N      N N N 412 
SER CA     C N S 413 
SER C      C N N 414 
SER O      O N N 415 
SER CB     C N N 416 
SER OG     O N N 417 
SER OXT    O N N 418 
SER H      H N N 419 
SER H2     H N N 420 
SER HA     H N N 421 
SER HB2    H N N 422 
SER HB3    H N N 423 
SER HG     H N N 424 
SER HXT    H N N 425 
THR N      N N N 426 
THR CA     C N S 427 
THR C      C N N 428 
THR O      O N N 429 
THR CB     C N R 430 
THR OG1    O N N 431 
THR CG2    C N N 432 
THR OXT    O N N 433 
THR H      H N N 434 
THR H2     H N N 435 
THR HA     H N N 436 
THR HB     H N N 437 
THR HG1    H N N 438 
THR HG21   H N N 439 
THR HG22   H N N 440 
THR HG23   H N N 441 
THR HXT    H N N 442 
TRP N      N N N 443 
TRP CA     C N S 444 
TRP C      C N N 445 
TRP O      O N N 446 
TRP CB     C N N 447 
TRP CG     C Y N 448 
TRP CD1    C Y N 449 
TRP CD2    C Y N 450 
TRP NE1    N Y N 451 
TRP CE2    C Y N 452 
TRP CE3    C Y N 453 
TRP CZ2    C Y N 454 
TRP CZ3    C Y N 455 
TRP CH2    C Y N 456 
TRP OXT    O N N 457 
TRP H      H N N 458 
TRP H2     H N N 459 
TRP HA     H N N 460 
TRP HB2    H N N 461 
TRP HB3    H N N 462 
TRP HD1    H N N 463 
TRP HE1    H N N 464 
TRP HE3    H N N 465 
TRP HZ2    H N N 466 
TRP HZ3    H N N 467 
TRP HH2    H N N 468 
TRP HXT    H N N 469 
TYR N      N N N 470 
TYR CA     C N S 471 
TYR C      C N N 472 
TYR O      O N N 473 
TYR CB     C N N 474 
TYR CG     C Y N 475 
TYR CD1    C Y N 476 
TYR CD2    C Y N 477 
TYR CE1    C Y N 478 
TYR CE2    C Y N 479 
TYR CZ     C Y N 480 
TYR OH     O N N 481 
TYR OXT    O N N 482 
TYR H      H N N 483 
TYR H2     H N N 484 
TYR HA     H N N 485 
TYR HB2    H N N 486 
TYR HB3    H N N 487 
TYR HD1    H N N 488 
TYR HD2    H N N 489 
TYR HE1    H N N 490 
TYR HE2    H N N 491 
TYR HH     H N N 492 
TYR HXT    H N N 493 
VAL N      N N N 494 
VAL CA     C N S 495 
VAL C      C N N 496 
VAL O      O N N 497 
VAL CB     C N N 498 
VAL CG1    C N N 499 
VAL CG2    C N N 500 
VAL OXT    O N N 501 
VAL H      H N N 502 
VAL H2     H N N 503 
VAL HA     H N N 504 
VAL HB     H N N 505 
VAL HG11   H N N 506 
VAL HG12   H N N 507 
VAL HG13   H N N 508 
VAL HG21   H N N 509 
VAL HG22   H N N 510 
VAL HG23   H N N 511 
VAL HXT    H N N 512 
# 
loop_
_chem_comp_bond.comp_id 
_chem_comp_bond.atom_id_1 
_chem_comp_bond.atom_id_2 
_chem_comp_bond.value_order 
_chem_comp_bond.pdbx_aromatic_flag 
_chem_comp_bond.pdbx_stereo_config 
_chem_comp_bond.pdbx_ordinal 
ALA N     CA     sing N N 1   
ALA N     H      sing N N 2   
ALA N     H2     sing N N 3   
ALA CA    C      sing N N 4   
ALA CA    CB     sing N N 5   
ALA CA    HA     sing N N 6   
ALA C     O      doub N N 7   
ALA C     OXT    sing N N 8   
ALA CB    HB1    sing N N 9   
ALA CB    HB2    sing N N 10  
ALA CB    HB3    sing N N 11  
ALA OXT   HXT    sing N N 12  
ARG N     CA     sing N N 13  
ARG N     H      sing N N 14  
ARG N     H2     sing N N 15  
ARG CA    C      sing N N 16  
ARG CA    CB     sing N N 17  
ARG CA    HA     sing N N 18  
ARG C     O      doub N N 19  
ARG C     OXT    sing N N 20  
ARG CB    CG     sing N N 21  
ARG CB    HB2    sing N N 22  
ARG CB    HB3    sing N N 23  
ARG CG    CD     sing N N 24  
ARG CG    HG2    sing N N 25  
ARG CG    HG3    sing N N 26  
ARG CD    NE     sing N N 27  
ARG CD    HD2    sing N N 28  
ARG CD    HD3    sing N N 29  
ARG NE    CZ     sing N N 30  
ARG NE    HE     sing N N 31  
ARG CZ    NH1    sing N N 32  
ARG CZ    NH2    doub N N 33  
ARG NH1   HH11   sing N N 34  
ARG NH1   HH12   sing N N 35  
ARG NH2   HH21   sing N N 36  
ARG NH2   HH22   sing N N 37  
ARG OXT   HXT    sing N N 38  
ASN N     CA     sing N N 39  
ASN N     H      sing N N 40  
ASN N     H2     sing N N 41  
ASN CA    C      sing N N 42  
ASN CA    CB     sing N N 43  
ASN CA    HA     sing N N 44  
ASN C     O      doub N N 45  
ASN C     OXT    sing N N 46  
ASN CB    CG     sing N N 47  
ASN CB    HB2    sing N N 48  
ASN CB    HB3    sing N N 49  
ASN CG    OD1    doub N N 50  
ASN CG    ND2    sing N N 51  
ASN ND2   HD21   sing N N 52  
ASN ND2   HD22   sing N N 53  
ASN OXT   HXT    sing N N 54  
ASP N     CA     sing N N 55  
ASP N     H      sing N N 56  
ASP N     H2     sing N N 57  
ASP CA    C      sing N N 58  
ASP CA    CB     sing N N 59  
ASP CA    HA     sing N N 60  
ASP C     O      doub N N 61  
ASP C     OXT    sing N N 62  
ASP CB    CG     sing N N 63  
ASP CB    HB2    sing N N 64  
ASP CB    HB3    sing N N 65  
ASP CG    OD1    doub N N 66  
ASP CG    OD2    sing N N 67  
ASP OD2   HD2    sing N N 68  
ASP OXT   HXT    sing N N 69  
CYS N     CA     sing N N 70  
CYS N     H      sing N N 71  
CYS N     H2     sing N N 72  
CYS CA    C      sing N N 73  
CYS CA    CB     sing N N 74  
CYS CA    HA     sing N N 75  
CYS C     O      doub N N 76  
CYS C     OXT    sing N N 77  
CYS CB    SG     sing N N 78  
CYS CB    HB2    sing N N 79  
CYS CB    HB3    sing N N 80  
CYS SG    HG     sing N N 81  
CYS OXT   HXT    sing N N 82  
DA  OP3   P      sing N N 83  
DA  OP3   HOP3   sing N N 84  
DA  P     OP1    doub N N 85  
DA  P     OP2    sing N N 86  
DA  P     "O5'"  sing N N 87  
DA  OP2   HOP2   sing N N 88  
DA  "O5'" "C5'"  sing N N 89  
DA  "C5'" "C4'"  sing N N 90  
DA  "C5'" "H5'"  sing N N 91  
DA  "C5'" "H5''" sing N N 92  
DA  "C4'" "O4'"  sing N N 93  
DA  "C4'" "C3'"  sing N N 94  
DA  "C4'" "H4'"  sing N N 95  
DA  "O4'" "C1'"  sing N N 96  
DA  "C3'" "O3'"  sing N N 97  
DA  "C3'" "C2'"  sing N N 98  
DA  "C3'" "H3'"  sing N N 99  
DA  "O3'" "HO3'" sing N N 100 
DA  "C2'" "C1'"  sing N N 101 
DA  "C2'" "H2'"  sing N N 102 
DA  "C2'" "H2''" sing N N 103 
DA  "C1'" N9     sing N N 104 
DA  "C1'" "H1'"  sing N N 105 
DA  N9    C8     sing Y N 106 
DA  N9    C4     sing Y N 107 
DA  C8    N7     doub Y N 108 
DA  C8    H8     sing N N 109 
DA  N7    C5     sing Y N 110 
DA  C5    C6     sing Y N 111 
DA  C5    C4     doub Y N 112 
DA  C6    N6     sing N N 113 
DA  C6    N1     doub Y N 114 
DA  N6    H61    sing N N 115 
DA  N6    H62    sing N N 116 
DA  N1    C2     sing Y N 117 
DA  C2    N3     doub Y N 118 
DA  C2    H2     sing N N 119 
DA  N3    C4     sing Y N 120 
DC  OP3   P      sing N N 121 
DC  OP3   HOP3   sing N N 122 
DC  P     OP1    doub N N 123 
DC  P     OP2    sing N N 124 
DC  P     "O5'"  sing N N 125 
DC  OP2   HOP2   sing N N 126 
DC  "O5'" "C5'"  sing N N 127 
DC  "C5'" "C4'"  sing N N 128 
DC  "C5'" "H5'"  sing N N 129 
DC  "C5'" "H5''" sing N N 130 
DC  "C4'" "O4'"  sing N N 131 
DC  "C4'" "C3'"  sing N N 132 
DC  "C4'" "H4'"  sing N N 133 
DC  "O4'" "C1'"  sing N N 134 
DC  "C3'" "O3'"  sing N N 135 
DC  "C3'" "C2'"  sing N N 136 
DC  "C3'" "H3'"  sing N N 137 
DC  "O3'" "HO3'" sing N N 138 
DC  "C2'" "C1'"  sing N N 139 
DC  "C2'" "H2'"  sing N N 140 
DC  "C2'" "H2''" sing N N 141 
DC  "C1'" N1     sing N N 142 
DC  "C1'" "H1'"  sing N N 143 
DC  N1    C2     sing N N 144 
DC  N1    C6     sing N N 145 
DC  C2    O2     doub N N 146 
DC  C2    N3     sing N N 147 
DC  N3    C4     doub N N 148 
DC  C4    N4     sing N N 149 
DC  C4    C5     sing N N 150 
DC  N4    H41    sing N N 151 
DC  N4    H42    sing N N 152 
DC  C5    C6     doub N N 153 
DC  C5    H5     sing N N 154 
DC  C6    H6     sing N N 155 
DG  OP3   P      sing N N 156 
DG  OP3   HOP3   sing N N 157 
DG  P     OP1    doub N N 158 
DG  P     OP2    sing N N 159 
DG  P     "O5'"  sing N N 160 
DG  OP2   HOP2   sing N N 161 
DG  "O5'" "C5'"  sing N N 162 
DG  "C5'" "C4'"  sing N N 163 
DG  "C5'" "H5'"  sing N N 164 
DG  "C5'" "H5''" sing N N 165 
DG  "C4'" "O4'"  sing N N 166 
DG  "C4'" "C3'"  sing N N 167 
DG  "C4'" "H4'"  sing N N 168 
DG  "O4'" "C1'"  sing N N 169 
DG  "C3'" "O3'"  sing N N 170 
DG  "C3'" "C2'"  sing N N 171 
DG  "C3'" "H3'"  sing N N 172 
DG  "O3'" "HO3'" sing N N 173 
DG  "C2'" "C1'"  sing N N 174 
DG  "C2'" "H2'"  sing N N 175 
DG  "C2'" "H2''" sing N N 176 
DG  "C1'" N9     sing N N 177 
DG  "C1'" "H1'"  sing N N 178 
DG  N9    C8     sing Y N 179 
DG  N9    C4     sing Y N 180 
DG  C8    N7     doub Y N 181 
DG  C8    H8     sing N N 182 
DG  N7    C5     sing Y N 183 
DG  C5    C6     sing N N 184 
DG  C5    C4     doub Y N 185 
DG  C6    O6     doub N N 186 
DG  C6    N1     sing N N 187 
DG  N1    C2     sing N N 188 
DG  N1    H1     sing N N 189 
DG  C2    N2     sing N N 190 
DG  C2    N3     doub N N 191 
DG  N2    H21    sing N N 192 
DG  N2    H22    sing N N 193 
DG  N3    C4     sing N N 194 
DT  OP3   P      sing N N 195 
DT  OP3   HOP3   sing N N 196 
DT  P     OP1    doub N N 197 
DT  P     OP2    sing N N 198 
DT  P     "O5'"  sing N N 199 
DT  OP2   HOP2   sing N N 200 
DT  "O5'" "C5'"  sing N N 201 
DT  "C5'" "C4'"  sing N N 202 
DT  "C5'" "H5'"  sing N N 203 
DT  "C5'" "H5''" sing N N 204 
DT  "C4'" "O4'"  sing N N 205 
DT  "C4'" "C3'"  sing N N 206 
DT  "C4'" "H4'"  sing N N 207 
DT  "O4'" "C1'"  sing N N 208 
DT  "C3'" "O3'"  sing N N 209 
DT  "C3'" "C2'"  sing N N 210 
DT  "C3'" "H3'"  sing N N 211 
DT  "O3'" "HO3'" sing N N 212 
DT  "C2'" "C1'"  sing N N 213 
DT  "C2'" "H2'"  sing N N 214 
DT  "C2'" "H2''" sing N N 215 
DT  "C1'" N1     sing N N 216 
DT  "C1'" "H1'"  sing N N 217 
DT  N1    C2     sing N N 218 
DT  N1    C6     sing N N 219 
DT  C2    O2     doub N N 220 
DT  C2    N3     sing N N 221 
DT  N3    C4     sing N N 222 
DT  N3    H3     sing N N 223 
DT  C4    O4     doub N N 224 
DT  C4    C5     sing N N 225 
DT  C5    C7     sing N N 226 
DT  C5    C6     doub N N 227 
DT  C7    H71    sing N N 228 
DT  C7    H72    sing N N 229 
DT  C7    H73    sing N N 230 
DT  C6    H6     sing N N 231 
GLN N     CA     sing N N 232 
GLN N     H      sing N N 233 
GLN N     H2     sing N N 234 
GLN CA    C      sing N N 235 
GLN CA    CB     sing N N 236 
GLN CA    HA     sing N N 237 
GLN C     O      doub N N 238 
GLN C     OXT    sing N N 239 
GLN CB    CG     sing N N 240 
GLN CB    HB2    sing N N 241 
GLN CB    HB3    sing N N 242 
GLN CG    CD     sing N N 243 
GLN CG    HG2    sing N N 244 
GLN CG    HG3    sing N N 245 
GLN CD    OE1    doub N N 246 
GLN CD    NE2    sing N N 247 
GLN NE2   HE21   sing N N 248 
GLN NE2   HE22   sing N N 249 
GLN OXT   HXT    sing N N 250 
GLU N     CA     sing N N 251 
GLU N     H      sing N N 252 
GLU N     H2     sing N N 253 
GLU CA    C      sing N N 254 
GLU CA    CB     sing N N 255 
GLU CA    HA     sing N N 256 
GLU C     O      doub N N 257 
GLU C     OXT    sing N N 258 
GLU CB    CG     sing N N 259 
GLU CB    HB2    sing N N 260 
GLU CB    HB3    sing N N 261 
GLU CG    CD     sing N N 262 
GLU CG    HG2    sing N N 263 
GLU CG    HG3    sing N N 264 
GLU CD    OE1    doub N N 265 
GLU CD    OE2    sing N N 266 
GLU OE2   HE2    sing N N 267 
GLU OXT   HXT    sing N N 268 
GLY N     CA     sing N N 269 
GLY N     H      sing N N 270 
GLY N     H2     sing N N 271 
GLY CA    C      sing N N 272 
GLY CA    HA2    sing N N 273 
GLY CA    HA3    sing N N 274 
GLY C     O      doub N N 275 
GLY C     OXT    sing N N 276 
GLY OXT   HXT    sing N N 277 
HOH O     H1     sing N N 278 
HOH O     H2     sing N N 279 
ILE N     CA     sing N N 280 
ILE N     H      sing N N 281 
ILE N     H2     sing N N 282 
ILE CA    C      sing N N 283 
ILE CA    CB     sing N N 284 
ILE CA    HA     sing N N 285 
ILE C     O      doub N N 286 
ILE C     OXT    sing N N 287 
ILE CB    CG1    sing N N 288 
ILE CB    CG2    sing N N 289 
ILE CB    HB     sing N N 290 
ILE CG1   CD1    sing N N 291 
ILE CG1   HG12   sing N N 292 
ILE CG1   HG13   sing N N 293 
ILE CG2   HG21   sing N N 294 
ILE CG2   HG22   sing N N 295 
ILE CG2   HG23   sing N N 296 
ILE CD1   HD11   sing N N 297 
ILE CD1   HD12   sing N N 298 
ILE CD1   HD13   sing N N 299 
ILE OXT   HXT    sing N N 300 
LEU N     CA     sing N N 301 
LEU N     H      sing N N 302 
LEU N     H2     sing N N 303 
LEU CA    C      sing N N 304 
LEU CA    CB     sing N N 305 
LEU CA    HA     sing N N 306 
LEU C     O      doub N N 307 
LEU C     OXT    sing N N 308 
LEU CB    CG     sing N N 309 
LEU CB    HB2    sing N N 310 
LEU CB    HB3    sing N N 311 
LEU CG    CD1    sing N N 312 
LEU CG    CD2    sing N N 313 
LEU CG    HG     sing N N 314 
LEU CD1   HD11   sing N N 315 
LEU CD1   HD12   sing N N 316 
LEU CD1   HD13   sing N N 317 
LEU CD2   HD21   sing N N 318 
LEU CD2   HD22   sing N N 319 
LEU CD2   HD23   sing N N 320 
LEU OXT   HXT    sing N N 321 
LYS N     CA     sing N N 322 
LYS N     H      sing N N 323 
LYS N     H2     sing N N 324 
LYS CA    C      sing N N 325 
LYS CA    CB     sing N N 326 
LYS CA    HA     sing N N 327 
LYS C     O      doub N N 328 
LYS C     OXT    sing N N 329 
LYS CB    CG     sing N N 330 
LYS CB    HB2    sing N N 331 
LYS CB    HB3    sing N N 332 
LYS CG    CD     sing N N 333 
LYS CG    HG2    sing N N 334 
LYS CG    HG3    sing N N 335 
LYS CD    CE     sing N N 336 
LYS CD    HD2    sing N N 337 
LYS CD    HD3    sing N N 338 
LYS CE    NZ     sing N N 339 
LYS CE    HE2    sing N N 340 
LYS CE    HE3    sing N N 341 
LYS NZ    HZ1    sing N N 342 
LYS NZ    HZ2    sing N N 343 
LYS NZ    HZ3    sing N N 344 
LYS OXT   HXT    sing N N 345 
MET N     CA     sing N N 346 
MET N     H      sing N N 347 
MET N     H2     sing N N 348 
MET CA    C      sing N N 349 
MET CA    CB     sing N N 350 
MET CA    HA     sing N N 351 
MET C     O      doub N N 352 
MET C     OXT    sing N N 353 
MET CB    CG     sing N N 354 
MET CB    HB2    sing N N 355 
MET CB    HB3    sing N N 356 
MET CG    SD     sing N N 357 
MET CG    HG2    sing N N 358 
MET CG    HG3    sing N N 359 
MET SD    CE     sing N N 360 
MET CE    HE1    sing N N 361 
MET CE    HE2    sing N N 362 
MET CE    HE3    sing N N 363 
MET OXT   HXT    sing N N 364 
PHE N     CA     sing N N 365 
PHE N     H      sing N N 366 
PHE N     H2     sing N N 367 
PHE CA    C      sing N N 368 
PHE CA    CB     sing N N 369 
PHE CA    HA     sing N N 370 
PHE C     O      doub N N 371 
PHE C     OXT    sing N N 372 
PHE CB    CG     sing N N 373 
PHE CB    HB2    sing N N 374 
PHE CB    HB3    sing N N 375 
PHE CG    CD1    doub Y N 376 
PHE CG    CD2    sing Y N 377 
PHE CD1   CE1    sing Y N 378 
PHE CD1   HD1    sing N N 379 
PHE CD2   CE2    doub Y N 380 
PHE CD2   HD2    sing N N 381 
PHE CE1   CZ     doub Y N 382 
PHE CE1   HE1    sing N N 383 
PHE CE2   CZ     sing Y N 384 
PHE CE2   HE2    sing N N 385 
PHE CZ    HZ     sing N N 386 
PHE OXT   HXT    sing N N 387 
PRO N     CA     sing N N 388 
PRO N     CD     sing N N 389 
PRO N     H      sing N N 390 
PRO CA    C      sing N N 391 
PRO CA    CB     sing N N 392 
PRO CA    HA     sing N N 393 
PRO C     O      doub N N 394 
PRO C     OXT    sing N N 395 
PRO CB    CG     sing N N 396 
PRO CB    HB2    sing N N 397 
PRO CB    HB3    sing N N 398 
PRO CG    CD     sing N N 399 
PRO CG    HG2    sing N N 400 
PRO CG    HG3    sing N N 401 
PRO CD    HD2    sing N N 402 
PRO CD    HD3    sing N N 403 
PRO OXT   HXT    sing N N 404 
SER N     CA     sing N N 405 
SER N     H      sing N N 406 
SER N     H2     sing N N 407 
SER CA    C      sing N N 408 
SER CA    CB     sing N N 409 
SER CA    HA     sing N N 410 
SER C     O      doub N N 411 
SER C     OXT    sing N N 412 
SER CB    OG     sing N N 413 
SER CB    HB2    sing N N 414 
SER CB    HB3    sing N N 415 
SER OG    HG     sing N N 416 
SER OXT   HXT    sing N N 417 
THR N     CA     sing N N 418 
THR N     H      sing N N 419 
THR N     H2     sing N N 420 
THR CA    C      sing N N 421 
THR CA    CB     sing N N 422 
THR CA    HA     sing N N 423 
THR C     O      doub N N 424 
THR C     OXT    sing N N 425 
THR CB    OG1    sing N N 426 
THR CB    CG2    sing N N 427 
THR CB    HB     sing N N 428 
THR OG1   HG1    sing N N 429 
THR CG2   HG21   sing N N 430 
THR CG2   HG22   sing N N 431 
THR CG2   HG23   sing N N 432 
THR OXT   HXT    sing N N 433 
TRP N     CA     sing N N 434 
TRP N     H      sing N N 435 
TRP N     H2     sing N N 436 
TRP CA    C      sing N N 437 
TRP CA    CB     sing N N 438 
TRP CA    HA     sing N N 439 
TRP C     O      doub N N 440 
TRP C     OXT    sing N N 441 
TRP CB    CG     sing N N 442 
TRP CB    HB2    sing N N 443 
TRP CB    HB3    sing N N 444 
TRP CG    CD1    doub Y N 445 
TRP CG    CD2    sing Y N 446 
TRP CD1   NE1    sing Y N 447 
TRP CD1   HD1    sing N N 448 
TRP CD2   CE2    doub Y N 449 
TRP CD2   CE3    sing Y N 450 
TRP NE1   CE2    sing Y N 451 
TRP NE1   HE1    sing N N 452 
TRP CE2   CZ2    sing Y N 453 
TRP CE3   CZ3    doub Y N 454 
TRP CE3   HE3    sing N N 455 
TRP CZ2   CH2    doub Y N 456 
TRP CZ2   HZ2    sing N N 457 
TRP CZ3   CH2    sing Y N 458 
TRP CZ3   HZ3    sing N N 459 
TRP CH2   HH2    sing N N 460 
TRP OXT   HXT    sing N N 461 
TYR N     CA     sing N N 462 
TYR N     H      sing N N 463 
TYR N     H2     sing N N 464 
TYR CA    C      sing N N 465 
TYR CA    CB     sing N N 466 
TYR CA    HA     sing N N 467 
TYR C     O      doub N N 468 
TYR C     OXT    sing N N 469 
TYR CB    CG     sing N N 470 
TYR CB    HB2    sing N N 471 
TYR CB    HB3    sing N N 472 
TYR CG    CD1    doub Y N 473 
TYR CG    CD2    sing Y N 474 
TYR CD1   CE1    sing Y N 475 
TYR CD1   HD1    sing N N 476 
TYR CD2   CE2    doub Y N 477 
TYR CD2   HD2    sing N N 478 
TYR CE1   CZ     doub Y N 479 
TYR CE1   HE1    sing N N 480 
TYR CE2   CZ     sing Y N 481 
TYR CE2   HE2    sing N N 482 
TYR CZ    OH     sing N N 483 
TYR OH    HH     sing N N 484 
TYR OXT   HXT    sing N N 485 
VAL N     CA     sing N N 486 
VAL N     H      sing N N 487 
VAL N     H2     sing N N 488 
VAL CA    C      sing N N 489 
VAL CA    CB     sing N N 490 
VAL CA    HA     sing N N 491 
VAL C     O      doub N N 492 
VAL C     OXT    sing N N 493 
VAL CB    CG1    sing N N 494 
VAL CB    CG2    sing N N 495 
VAL CB    HB     sing N N 496 
VAL CG1   HG11   sing N N 497 
VAL CG1   HG12   sing N N 498 
VAL CG1   HG13   sing N N 499 
VAL CG2   HG21   sing N N 500 
VAL CG2   HG22   sing N N 501 
VAL CG2   HG23   sing N N 502 
VAL OXT   HXT    sing N N 503 
# 
loop_
_ndb_struct_conf_na.entry_id 
_ndb_struct_conf_na.feature 
4Z5H 'double helix'        
4Z5H 'b-form double helix' 
# 
loop_
_ndb_struct_na_base_pair.model_number 
_ndb_struct_na_base_pair.i_label_asym_id 
_ndb_struct_na_base_pair.i_label_comp_id 
_ndb_struct_na_base_pair.i_label_seq_id 
_ndb_struct_na_base_pair.i_symmetry 
_ndb_struct_na_base_pair.j_label_asym_id 
_ndb_struct_na_base_pair.j_label_comp_id 
_ndb_struct_na_base_pair.j_label_seq_id 
_ndb_struct_na_base_pair.j_symmetry 
_ndb_struct_na_base_pair.shear 
_ndb_struct_na_base_pair.stretch 
_ndb_struct_na_base_pair.stagger 
_ndb_struct_na_base_pair.buckle 
_ndb_struct_na_base_pair.propeller 
_ndb_struct_na_base_pair.opening 
_ndb_struct_na_base_pair.pair_number 
_ndb_struct_na_base_pair.pair_name 
_ndb_struct_na_base_pair.i_auth_asym_id 
_ndb_struct_na_base_pair.i_auth_seq_id 
_ndb_struct_na_base_pair.i_PDB_ins_code 
_ndb_struct_na_base_pair.j_auth_asym_id 
_ndb_struct_na_base_pair.j_auth_seq_id 
_ndb_struct_na_base_pair.j_PDB_ins_code 
_ndb_struct_na_base_pair.hbond_type_28 
_ndb_struct_na_base_pair.hbond_type_12 
1 B DT 1  1_555 B DA 20 13_455 -0.132 -0.011 0.291  -31.780 -6.515  0.515  1  B_DT1:DA20_B  B 1  ? B 20 ? 20 1 
1 B DT 2  1_555 B DA 19 13_455 -0.131 -0.136 -0.040 -10.324 -5.834  2.007  2  B_DT2:DA19_B  B 2  ? B 19 ? 20 1 
1 B DA 3  1_555 B DT 18 13_455 0.108  -0.051 -0.066 6.667   -6.834  4.080  3  B_DA3:DT18_B  B 3  ? B 18 ? 20 1 
1 B DT 4  1_555 B DA 17 13_455 0.100  -0.147 -0.178 18.787  -10.482 6.045  4  B_DT4:DA17_B  B 4  ? B 17 ? 20 1 
1 B DC 5  1_555 B DG 16 13_455 0.262  -0.207 -0.359 15.942  -14.585 3.520  5  B_DC5:DG16_B  B 5  ? B 16 ? 19 1 
1 B DC 6  1_555 B DG 15 13_455 0.172  -0.403 -0.168 9.099   -12.012 0.004  6  B_DC6:DG15_B  B 6  ? B 15 ? 19 1 
1 B DT 7  1_555 B DA 14 13_455 0.177  -0.171 0.104  -1.307  -17.517 8.269  7  B_DT7:DA14_B  B 7  ? B 14 ? 20 1 
1 B DA 9  1_555 B DA 12 13_455 0.021  0.884  -0.001 -6.792  -13.296 8.338  8  B_DA9:DA12_B  B 9  ? B 12 ? 1  1 
1 B DC 10 1_555 B DT 11 13_455 0.245  -0.678 0.044  -0.971  -7.057  -4.865 9  B_DC10:DT11_B B 10 ? B 11 ? ?  ? 
1 B DT 11 1_555 B DC 10 13_455 -0.245 -0.678 0.044  0.971   -7.057  -4.865 10 B_DT11:DC10_B B 11 ? B 10 ? ?  ? 
1 B DA 12 1_555 B DA 9  13_455 -0.021 0.884  -0.001 6.792   -13.296 8.338  11 B_DA12:DA9_B  B 12 ? B 9  ? 1  1 
1 B DA 14 1_555 B DT 7  13_455 -0.177 -0.171 0.104  1.307   -17.517 8.269  12 B_DA14:DT7_B  B 14 ? B 7  ? 20 1 
1 B DG 15 1_555 B DC 6  13_455 -0.172 -0.403 -0.168 -9.099  -12.012 0.004  13 B_DG15:DC6_B  B 15 ? B 6  ? 19 1 
1 B DG 16 1_555 B DC 5  13_455 -0.262 -0.207 -0.359 -15.942 -14.585 3.520  14 B_DG16:DC5_B  B 16 ? B 5  ? 19 1 
1 B DA 17 1_555 B DT 4  13_455 -0.100 -0.147 -0.178 -18.787 -10.482 6.045  15 B_DA17:DT4_B  B 17 ? B 4  ? 20 1 
1 B DT 18 1_555 B DA 3  13_455 -0.108 -0.051 -0.066 -6.667  -6.834  4.080  16 B_DT18:DA3_B  B 18 ? B 3  ? 20 1 
1 B DA 19 1_555 B DT 2  13_455 0.131  -0.136 -0.040 10.324  -5.834  2.007  17 B_DA19:DT2_B  B 19 ? B 2  ? 20 1 
1 B DA 20 1_555 B DT 1  13_455 0.132  -0.011 0.291  31.780  -6.515  0.515  18 B_DA20:DT1_B  B 20 ? B 1  ? 20 1 
# 
loop_
_ndb_struct_na_base_pair_step.model_number 
_ndb_struct_na_base_pair_step.i_label_asym_id_1 
_ndb_struct_na_base_pair_step.i_label_comp_id_1 
_ndb_struct_na_base_pair_step.i_label_seq_id_1 
_ndb_struct_na_base_pair_step.i_symmetry_1 
_ndb_struct_na_base_pair_step.j_label_asym_id_1 
_ndb_struct_na_base_pair_step.j_label_comp_id_1 
_ndb_struct_na_base_pair_step.j_label_seq_id_1 
_ndb_struct_na_base_pair_step.j_symmetry_1 
_ndb_struct_na_base_pair_step.i_label_asym_id_2 
_ndb_struct_na_base_pair_step.i_label_comp_id_2 
_ndb_struct_na_base_pair_step.i_label_seq_id_2 
_ndb_struct_na_base_pair_step.i_symmetry_2 
_ndb_struct_na_base_pair_step.j_label_asym_id_2 
_ndb_struct_na_base_pair_step.j_label_comp_id_2 
_ndb_struct_na_base_pair_step.j_label_seq_id_2 
_ndb_struct_na_base_pair_step.j_symmetry_2 
_ndb_struct_na_base_pair_step.shift 
_ndb_struct_na_base_pair_step.slide 
_ndb_struct_na_base_pair_step.rise 
_ndb_struct_na_base_pair_step.tilt 
_ndb_struct_na_base_pair_step.roll 
_ndb_struct_na_base_pair_step.twist 
_ndb_struct_na_base_pair_step.x_displacement 
_ndb_struct_na_base_pair_step.y_displacement 
_ndb_struct_na_base_pair_step.helical_rise 
_ndb_struct_na_base_pair_step.inclination 
_ndb_struct_na_base_pair_step.tip 
_ndb_struct_na_base_pair_step.helical_twist 
_ndb_struct_na_base_pair_step.step_number 
_ndb_struct_na_base_pair_step.step_name 
_ndb_struct_na_base_pair_step.i_auth_asym_id_1 
_ndb_struct_na_base_pair_step.i_auth_seq_id_1 
_ndb_struct_na_base_pair_step.i_PDB_ins_code_1 
_ndb_struct_na_base_pair_step.j_auth_asym_id_1 
_ndb_struct_na_base_pair_step.j_auth_seq_id_1 
_ndb_struct_na_base_pair_step.j_PDB_ins_code_1 
_ndb_struct_na_base_pair_step.i_auth_asym_id_2 
_ndb_struct_na_base_pair_step.i_auth_seq_id_2 
_ndb_struct_na_base_pair_step.i_PDB_ins_code_2 
_ndb_struct_na_base_pair_step.j_auth_asym_id_2 
_ndb_struct_na_base_pair_step.j_auth_seq_id_2 
_ndb_struct_na_base_pair_step.j_PDB_ins_code_2 
1 B DT 1  1_555 B DA 20 13_455 B DT 2  1_555 B DA 19 13_455 -0.184 0.970  2.855 0.033  11.098 19.449 -1.438 0.487  2.963 29.905 
-0.088 22.366 1  BB_DT1DT2:DA19DA20_BB   B 1  ? B 20 ? B 2  ? B 19 ? 
1 B DT 2  1_555 B DA 19 13_455 B DA 3  1_555 B DT 18 13_455 -0.054 1.280  3.104 -4.212 -0.383 39.173 1.943  -0.393 3.081 -0.569 
6.261  39.391 2  BB_DT2DA3:DT18DA19_BB   B 2  ? B 19 ? B 3  ? B 18 ? 
1 B DA 3  1_555 B DT 18 13_455 B DT 4  1_555 B DA 17 13_455 0.870  -0.926 2.985 -1.913 2.879  31.525 -2.167 -1.906 2.835 5.279  
3.508  31.709 3  BB_DA3DT4:DA17DT18_BB   B 3  ? B 18 ? B 4  ? B 17 ? 
1 B DT 4  1_555 B DA 17 13_455 B DC 5  1_555 B DG 16 13_455 -1.045 -1.512 3.412 -4.460 6.124  26.903 -4.617 1.083  3.128 12.842 
9.353  27.930 4  BB_DT4DC5:DG16DA17_BB   B 4  ? B 17 ? B 5  ? B 16 ? 
1 B DC 5  1_555 B DG 16 13_455 B DC 6  1_555 B DG 15 13_455 -1.118 -1.308 3.444 -3.175 14.160 28.417 -4.926 1.468  2.621 26.752 
5.998  31.840 5  BB_DC5DC6:DG15DG16_BB   B 5  ? B 16 ? B 6  ? B 15 ? 
1 B DC 6  1_555 B DG 15 13_455 B DT 7  1_555 B DA 14 13_455 0.533  -0.538 3.507 1.630  10.517 35.514 -2.337 -0.608 3.243 16.783 
-2.602 37.025 6  BB_DC6DT7:DA14DG15_BB   B 6  ? B 15 ? B 7  ? B 14 ? 
1 B DT 7  1_555 B DA 14 13_455 B DA 9  1_555 B DA 12 13_455 -0.252 0.312  6.631 5.274  8.182  68.114 -0.339 0.620  6.595 7.267  
-4.684 68.723 7  BB_DT7DA9:DA12DA14_BB   B 7  ? B 14 ? B 9  ? B 12 ? 
1 B DA 9  1_555 B DA 12 13_455 B DC 10 1_555 B DT 11 13_455 0.236  0.001  3.211 -0.698 -2.471 36.814 0.330  -0.465 3.199 -3.907 
1.103  36.901 8  BB_DA9DC10:DT11DA12_BB  B 9  ? B 12 ? B 10 ? B 11 ? 
1 B DC 10 1_555 B DT 11 13_455 B DT 11 1_555 B DC 10 13_455 0.000  -0.633 3.411 0.000  1.013  28.846 -1.504 0.000  3.388 2.033  
0.000  28.863 9  BB_DC10DT11:DC10DT11_BB B 10 ? B 11 ? B 11 ? B 10 ? 
1 B DT 11 1_555 B DC 10 13_455 B DA 12 1_555 B DA 9  13_455 -0.236 0.001  3.211 0.698  -2.471 36.814 0.330  0.465  3.199 -3.907 
-1.103 36.901 10 BB_DT11DA12:DA9DC10_BB  B 11 ? B 10 ? B 12 ? B 9  ? 
1 B DA 12 1_555 B DA 9  13_455 B DA 14 1_555 B DT 7  13_455 0.252  0.312  6.631 -5.274 8.182  68.114 -0.339 -0.620 6.595 7.267  
4.684  68.723 11 BB_DA12DA14:DT7DA9_BB   B 12 ? B 9  ? B 14 ? B 7  ? 
1 B DA 14 1_555 B DT 7  13_455 B DG 15 1_555 B DC 6  13_455 -0.533 -0.538 3.507 -1.630 10.517 35.514 -2.337 0.608  3.243 16.783 
2.602  37.025 12 BB_DA14DG15:DC6DT7_BB   B 14 ? B 7  ? B 15 ? B 6  ? 
1 B DG 15 1_555 B DC 6  13_455 B DG 16 1_555 B DC 5  13_455 1.118  -1.308 3.444 3.175  14.160 28.417 -4.926 -1.468 2.621 26.752 
-5.998 31.840 13 BB_DG15DG16:DC5DC6_BB   B 15 ? B 6  ? B 16 ? B 5  ? 
1 B DG 16 1_555 B DC 5  13_455 B DA 17 1_555 B DT 4  13_455 1.045  -1.512 3.412 4.460  6.124  26.903 -4.617 -1.083 3.128 12.842 
-9.353 27.930 14 BB_DG16DA17:DT4DC5_BB   B 16 ? B 5  ? B 17 ? B 4  ? 
1 B DA 17 1_555 B DT 4  13_455 B DT 18 1_555 B DA 3  13_455 -0.870 -0.926 2.985 1.913  2.879  31.525 -2.167 1.906  2.835 5.279  
-3.507 31.709 15 BB_DA17DT18:DA3DT4_BB   B 17 ? B 4  ? B 18 ? B 3  ? 
1 B DT 18 1_555 B DA 3  13_455 B DA 19 1_555 B DT 2  13_455 0.054  1.280  3.104 4.212  -0.383 39.173 1.943  0.393  3.081 -0.570 
-6.261 39.392 16 BB_DT18DA19:DT2DA3_BB   B 18 ? B 3  ? B 19 ? B 2  ? 
1 B DA 19 1_555 B DT 2  13_455 B DA 20 1_555 B DT 1  13_455 0.184  0.970  2.855 -0.033 11.098 19.449 -1.438 -0.487 2.963 29.905 
0.088  22.366 17 BB_DA19DA20:DT1DT2_BB   B 19 ? B 2  ? B 20 ? B 1  ? 
# 
_pdbx_entity_nonpoly.entity_id   3 
_pdbx_entity_nonpoly.name        water 
_pdbx_entity_nonpoly.comp_id     HOH 
# 
_pdbx_initial_refinement_model.id               1 
_pdbx_initial_refinement_model.entity_id_list   ? 
_pdbx_initial_refinement_model.type             'experimental model' 
_pdbx_initial_refinement_model.source_name      PDB 
_pdbx_initial_refinement_model.accession_code   4Z52 
_pdbx_initial_refinement_model.details          'PDB entry 4Z52' 
# 
